data_7VB3
#
_entry.id   7VB3
#
_cell.length_a   94.120
_cell.length_b   52.180
_cell.length_c   168.510
_cell.angle_alpha   90.000
_cell.angle_beta   95.010
_cell.angle_gamma   90.000
#
_symmetry.space_group_name_H-M   'P 1 21 1'
#
loop_
_entity.id
_entity.type
_entity.pdbx_description
1 polymer 'Aliphatic (R)-hydroxynitrile lyase'
2 non-polymer NICOTINAMIDE-ADENINE-DINUCLEOTIDE
3 non-polymer 'ZINC ION'
4 non-polymer GLYCEROL
5 non-polymer 'MAGNESIUM ION'
6 non-polymer 1,2-ETHANEDIOL
7 non-polymer 2-[BIS-(2-HYDROXY-ETHYL)-AMINO]-2-HYDROXYMETHYL-PROPANE-1,3-DIOL
8 water water
#
_entity_poly.entity_id   1
_entity_poly.type   'polypeptide(L)'
_entity_poly.pdbx_seq_one_letter_code
;MGSSHHHHHHSSGLVPRGSHMMASLPVSFAKPDKNGVITCKAIMLKEAKLPGMSYADTVQIIDIQVDPPQNVELRVKMLC
ASVCRTDILTIEGFMAPTQFPKINGHEGVGIIESMGPDTKNFKVGDVIVAPTLGECQTCSSCRSGRTNFCQNYGANESAL
EPDGTSRFSYIDSDGKKKLLYYKLGCSTWTQYMVVDSNYATKLNEIAPELPPPHGSILSCAFATGYGAVWLDAAVQEGDS
VAIFGVGSVGISAVIAAKELKAKQIIVVDRNEYKLKMAMELGATH(SNC)INSEKLPEGVTPSQAVRKLTPKEVGVDASI
ESSGYDVFMNEAMKAAIHGKAKTVITGEGIYENDRIFFDFKDFLFGGNVVGNVTGRVRIHSDFPGLLRKAQEPVIRAGMD
KILGYDAATMKCKYEVDIREGTPALLKALEEVENVDCVKLVIKLNDY
;
_entity_poly.pdbx_strand_id   A,B,C,D
#
# COMPACT_ATOMS: atom_id res chain seq x y z
N GLY A 36 33.88 2.40 43.73
CA GLY A 36 33.10 2.52 42.45
C GLY A 36 31.67 2.97 42.72
N VAL A 37 31.29 3.17 43.98
CA VAL A 37 29.92 3.64 44.33
C VAL A 37 29.81 5.14 44.18
N ILE A 38 28.80 5.62 43.43
CA ILE A 38 28.51 7.06 43.29
C ILE A 38 27.49 7.45 44.36
N THR A 39 27.68 8.58 45.00
CA THR A 39 26.64 9.23 45.81
C THR A 39 26.09 10.41 45.01
N CYS A 40 24.77 10.49 44.91
CA CYS A 40 24.12 11.54 44.12
C CYS A 40 22.72 11.77 44.62
N LYS A 41 22.08 12.80 44.08
CA LYS A 41 20.69 13.06 44.46
CA LYS A 41 20.68 13.14 44.41
C LYS A 41 19.72 12.25 43.62
N ALA A 42 18.63 11.89 44.23
CA ALA A 42 17.57 11.14 43.56
C ALA A 42 16.26 11.52 44.20
N ILE A 43 15.16 11.29 43.46
CA ILE A 43 13.82 11.52 44.02
C ILE A 43 13.25 10.22 44.49
N MET A 44 13.13 10.11 45.80
CA MET A 44 12.66 8.89 46.50
CA MET A 44 12.65 8.88 46.45
C MET A 44 11.16 9.02 46.77
N LEU A 45 10.42 7.96 46.54
CA LEU A 45 8.99 7.77 46.92
C LEU A 45 8.96 6.79 48.09
N LYS A 46 8.50 7.26 49.26
CA LYS A 46 8.57 6.47 50.52
C LYS A 46 7.54 5.34 50.50
N GLU A 47 6.38 5.64 49.97
CA GLU A 47 5.21 4.76 49.93
C GLU A 47 4.27 5.37 48.88
N ALA A 48 3.23 4.65 48.53
CA ALA A 48 2.24 5.16 47.57
C ALA A 48 1.55 6.36 48.17
N LYS A 49 1.25 7.32 47.33
CA LYS A 49 0.41 8.50 47.63
C LYS A 49 -1.05 8.14 47.28
N LEU A 50 -1.78 7.70 48.26
CA LEU A 50 -3.18 7.29 48.08
C LEU A 50 -4.04 8.52 48.16
N PRO A 51 -5.31 8.42 47.73
CA PRO A 51 -6.18 9.58 47.74
C PRO A 51 -6.29 10.17 49.16
N GLY A 52 -6.12 11.47 49.26
CA GLY A 52 -6.12 12.15 50.58
C GLY A 52 -4.73 12.51 51.07
N MET A 53 -3.68 11.87 50.53
CA MET A 53 -2.29 12.15 50.91
C MET A 53 -1.71 13.20 49.99
N SER A 54 -0.59 13.83 50.41
CA SER A 54 0.06 14.92 49.68
C SER A 54 1.35 14.40 49.06
N TYR A 55 1.88 15.14 48.12
CA TYR A 55 3.27 14.87 47.65
C TYR A 55 4.26 14.97 48.80
N ALA A 56 4.08 15.95 49.72
CA ALA A 56 4.99 16.09 50.87
C ALA A 56 5.02 14.82 51.71
N ASP A 57 3.92 14.09 51.75
CA ASP A 57 3.84 12.87 52.57
C ASP A 57 4.79 11.80 52.03
N THR A 58 5.06 11.75 50.71
CA THR A 58 5.74 10.57 50.17
C THR A 58 6.96 10.90 49.31
N VAL A 59 7.16 12.13 48.86
CA VAL A 59 8.24 12.43 47.87
C VAL A 59 9.36 13.27 48.51
N GLN A 60 10.60 12.86 48.35
CA GLN A 60 11.72 13.62 48.94
C GLN A 60 12.92 13.45 48.04
N ILE A 61 13.72 14.52 47.90
CA ILE A 61 15.05 14.44 47.28
C ILE A 61 16.04 14.03 48.37
N ILE A 62 16.74 12.94 48.14
CA ILE A 62 17.74 12.41 49.11
C ILE A 62 19.03 12.13 48.36
N ASP A 63 20.09 11.93 49.12
CA ASP A 63 21.34 11.33 48.64
C ASP A 63 21.22 9.82 48.68
N ILE A 64 21.51 9.24 47.53
CA ILE A 64 21.56 7.79 47.34
C ILE A 64 22.96 7.34 46.94
N GLN A 65 23.17 6.04 47.10
CA GLN A 65 24.35 5.32 46.60
C GLN A 65 23.97 4.49 45.38
N VAL A 66 24.74 4.65 44.31
CA VAL A 66 24.55 3.93 43.04
C VAL A 66 25.76 3.04 42.84
N ASP A 67 25.50 1.75 42.84
CA ASP A 67 26.56 0.73 42.73
C ASP A 67 27.07 0.72 41.30
N PRO A 68 28.29 0.22 41.06
CA PRO A 68 28.79 0.14 39.69
C PRO A 68 28.02 -0.89 38.89
N PRO A 69 28.04 -0.71 37.56
CA PRO A 69 27.32 -1.64 36.69
C PRO A 69 28.01 -3.02 36.63
N GLN A 70 27.18 -4.06 36.53
CA GLN A 70 27.59 -5.47 36.40
C GLN A 70 27.15 -5.97 35.03
N ASN A 71 27.65 -7.14 34.63
CA ASN A 71 27.21 -7.83 33.40
C ASN A 71 27.21 -6.89 32.16
N VAL A 72 26.03 -6.66 31.57
CA VAL A 72 25.83 -5.80 30.38
C VAL A 72 25.18 -4.47 30.76
N GLU A 73 25.25 -4.06 32.02
CA GLU A 73 24.59 -2.82 32.46
C GLU A 73 25.38 -1.57 32.08
N LEU A 74 24.65 -0.49 31.85
CA LEU A 74 25.18 0.87 31.70
C LEU A 74 24.89 1.63 32.99
N ARG A 75 25.87 2.37 33.51
CA ARG A 75 25.64 3.37 34.57
C ARG A 75 25.71 4.70 33.84
N VAL A 76 24.65 5.48 33.99
CA VAL A 76 24.33 6.62 33.08
C VAL A 76 24.21 7.88 33.90
N LYS A 77 24.99 8.87 33.53
CA LYS A 77 24.83 10.20 34.13
C LYS A 77 23.64 10.88 33.47
N MET A 78 22.60 11.14 34.23
CA MET A 78 21.36 11.64 33.62
C MET A 78 21.48 13.13 33.35
N LEU A 79 20.97 13.58 32.23
CA LEU A 79 20.93 15.01 31.90
C LEU A 79 19.63 15.63 32.41
N CYS A 80 18.52 15.06 32.03
CA CYS A 80 17.20 15.43 32.57
C CYS A 80 16.26 14.24 32.48
N ALA A 81 15.25 14.29 33.32
CA ALA A 81 14.03 13.46 33.18
C ALA A 81 12.94 14.42 32.75
N SER A 82 11.85 13.87 32.33
CA SER A 82 10.67 14.70 32.08
C SER A 82 9.48 13.89 32.60
N VAL A 83 8.43 14.60 32.96
CA VAL A 83 7.36 13.99 33.78
C VAL A 83 6.27 13.48 32.84
N CYS A 84 6.14 12.18 32.77
CA CYS A 84 5.06 11.48 32.07
C CYS A 84 3.91 11.39 33.08
N ARG A 85 2.67 11.37 32.64
CA ARG A 85 1.54 11.08 33.56
C ARG A 85 1.78 9.75 34.26
N THR A 86 2.37 8.75 33.61
CA THR A 86 2.66 7.48 34.30
C THR A 86 3.58 7.71 35.48
N ASP A 87 4.47 8.69 35.44
CA ASP A 87 5.30 8.99 36.64
C ASP A 87 4.42 9.43 37.81
N ILE A 88 3.37 10.18 37.56
CA ILE A 88 2.46 10.61 38.66
C ILE A 88 1.67 9.39 39.10
N LEU A 89 1.23 8.51 38.20
CA LEU A 89 0.52 7.29 38.62
C LEU A 89 1.44 6.44 39.50
N THR A 90 2.73 6.41 39.20
CA THR A 90 3.69 5.62 39.98
C THR A 90 3.71 6.21 41.41
N ILE A 91 3.79 7.51 41.50
CA ILE A 91 3.72 8.18 42.85
C ILE A 91 2.46 7.72 43.57
N GLU A 92 1.37 7.47 42.86
CA GLU A 92 0.09 7.01 43.47
C GLU A 92 0.04 5.47 43.66
N GLY A 93 1.10 4.76 43.31
CA GLY A 93 1.25 3.31 43.55
C GLY A 93 1.05 2.41 42.33
N PHE A 94 0.76 2.98 41.17
CA PHE A 94 0.54 2.20 39.92
C PHE A 94 1.70 1.23 39.69
N MET A 95 1.31 -0.03 39.53
CA MET A 95 2.19 -1.16 39.20
C MET A 95 3.23 -1.40 40.28
N ALA A 96 2.99 -0.87 41.50
CA ALA A 96 3.99 -0.99 42.56
C ALA A 96 3.32 -1.35 43.86
N PRO A 97 2.63 -2.49 43.90
CA PRO A 97 1.97 -2.86 45.16
C PRO A 97 2.89 -3.09 46.38
N THR A 98 4.11 -3.49 46.14
CA THR A 98 5.09 -3.73 47.19
C THR A 98 6.40 -2.96 46.97
N GLN A 99 6.59 -2.32 45.81
CA GLN A 99 7.92 -1.88 45.33
C GLN A 99 8.23 -0.45 45.77
N PHE A 100 8.11 -0.23 47.07
CA PHE A 100 8.50 1.02 47.75
C PHE A 100 9.35 0.65 48.93
N PRO A 101 10.28 1.53 49.33
CA PRO A 101 10.57 2.81 48.70
C PRO A 101 11.27 2.64 47.35
N LYS A 102 11.09 3.61 46.47
CA LYS A 102 11.67 3.53 45.10
C LYS A 102 12.26 4.88 44.71
N ILE A 103 13.04 4.84 43.65
CA ILE A 103 13.36 6.05 42.89
C ILE A 103 12.44 6.06 41.68
N ASN A 104 11.75 7.17 41.48
CA ASN A 104 10.77 7.30 40.40
C ASN A 104 11.41 7.49 39.03
N GLY A 105 10.58 7.29 38.02
CA GLY A 105 10.82 7.83 36.68
C GLY A 105 11.18 6.79 35.62
N HIS A 106 10.63 6.96 34.43
CA HIS A 106 10.99 6.12 33.29
C HIS A 106 11.31 6.95 32.06
N GLU A 107 11.09 8.26 32.08
CA GLU A 107 11.30 9.11 30.91
C GLU A 107 12.50 9.99 31.20
N GLY A 108 13.51 9.90 30.37
CA GLY A 108 14.77 10.60 30.63
C GLY A 108 15.86 10.26 29.64
N VAL A 109 16.98 10.98 29.74
CA VAL A 109 18.11 10.79 28.80
C VAL A 109 19.39 11.00 29.58
N GLY A 110 20.44 10.29 29.24
CA GLY A 110 21.72 10.60 29.86
C GLY A 110 22.88 10.04 29.11
N ILE A 111 24.06 10.15 29.71
CA ILE A 111 25.34 9.88 29.03
C ILE A 111 25.99 8.70 29.74
N ILE A 112 26.44 7.71 29.02
CA ILE A 112 27.11 6.56 29.67
C ILE A 112 28.37 6.96 30.44
N GLU A 113 28.40 6.64 31.73
CA GLU A 113 29.55 6.96 32.61
C GLU A 113 30.45 5.73 32.68
N SER A 114 29.87 4.54 32.73
CA SER A 114 30.62 3.27 32.82
C SER A 114 29.74 2.11 32.41
N MET A 115 30.34 0.96 32.19
CA MET A 115 29.62 -0.20 31.68
C MET A 115 30.12 -1.45 32.37
N GLY A 116 29.23 -2.42 32.53
CA GLY A 116 29.62 -3.76 32.99
C GLY A 116 30.57 -4.41 31.99
N PRO A 117 31.30 -5.44 32.43
CA PRO A 117 32.35 -6.02 31.60
C PRO A 117 31.91 -6.77 30.34
N ASP A 118 30.62 -7.11 30.25
CA ASP A 118 30.08 -7.94 29.14
C ASP A 118 29.35 -7.08 28.09
N THR A 119 29.29 -5.77 28.30
CA THR A 119 28.49 -4.87 27.44
C THR A 119 29.05 -4.90 26.02
N LYS A 120 28.18 -4.88 25.01
CA LYS A 120 28.57 -4.72 23.59
C LYS A 120 27.77 -3.56 23.01
N ASN A 121 28.34 -2.87 22.01
CA ASN A 121 27.59 -1.97 21.09
C ASN A 121 27.34 -0.64 21.80
N PHE A 122 28.04 -0.36 22.88
CA PHE A 122 27.97 0.98 23.54
C PHE A 122 29.38 1.41 23.96
N LYS A 123 29.55 2.70 24.09
CA LYS A 123 30.82 3.35 24.52
C LYS A 123 30.51 4.32 25.66
N VAL A 124 31.43 4.48 26.60
CA VAL A 124 31.42 5.61 27.57
C VAL A 124 31.30 6.91 26.79
N GLY A 125 30.40 7.80 27.18
CA GLY A 125 30.14 9.03 26.44
C GLY A 125 28.95 8.98 25.51
N ASP A 126 28.47 7.80 25.16
CA ASP A 126 27.24 7.70 24.31
C ASP A 126 26.07 8.31 25.07
N VAL A 127 25.17 8.94 24.32
CA VAL A 127 23.92 9.50 24.84
C VAL A 127 22.84 8.43 24.59
N ILE A 128 22.15 8.01 25.64
CA ILE A 128 21.17 6.91 25.52
C ILE A 128 19.84 7.32 26.14
N VAL A 129 18.82 6.58 25.71
CA VAL A 129 17.51 6.44 26.37
C VAL A 129 17.32 4.93 26.58
N ALA A 130 16.48 4.56 27.54
CA ALA A 130 16.29 3.14 27.89
C ALA A 130 14.83 2.92 28.21
N PRO A 131 13.99 2.71 27.17
CA PRO A 131 12.57 2.48 27.38
C PRO A 131 12.29 1.12 27.98
N THR A 132 11.01 0.86 28.21
CA THR A 132 10.52 -0.29 28.97
C THR A 132 10.78 -1.63 28.29
N LEU A 133 10.86 -1.66 26.96
CA LEU A 133 10.92 -2.92 26.19
C LEU A 133 12.19 -2.94 25.32
N GLY A 134 12.97 -4.01 25.44
CA GLY A 134 14.07 -4.23 24.51
C GLY A 134 13.58 -4.95 23.27
N GLU A 135 14.52 -5.32 22.39
CA GLU A 135 14.25 -5.93 21.07
C GLU A 135 15.32 -7.00 20.79
N CYS A 136 15.02 -8.26 21.12
CA CYS A 136 16.02 -9.34 20.99
C CYS A 136 16.20 -9.71 19.52
N GLN A 137 15.17 -9.49 18.69
CA GLN A 137 15.18 -9.68 17.23
C GLN A 137 15.09 -11.17 16.87
N THR A 138 15.02 -12.10 17.83
CA THR A 138 15.00 -13.55 17.53
C THR A 138 13.75 -14.29 18.05
N CYS A 139 12.96 -13.71 18.98
CA CYS A 139 11.77 -14.40 19.52
C CYS A 139 10.66 -14.30 18.49
N SER A 140 9.58 -15.08 18.67
CA SER A 140 8.53 -15.08 17.64
C SER A 140 7.78 -13.75 17.57
N SER A 141 7.75 -12.98 18.66
CA SER A 141 7.16 -11.62 18.68
C SER A 141 8.02 -10.65 17.87
N CYS A 142 9.33 -10.62 18.12
CA CYS A 142 10.23 -9.75 17.33
C CYS A 142 10.16 -10.17 15.85
N ARG A 143 10.19 -11.48 15.59
CA ARG A 143 10.25 -11.97 14.20
C ARG A 143 8.95 -11.72 13.43
N SER A 144 7.83 -11.47 14.10
CA SER A 144 6.52 -11.18 13.48
C SER A 144 6.60 -9.87 12.72
N GLY A 145 7.47 -8.94 13.16
CA GLY A 145 7.60 -7.62 12.55
C GLY A 145 6.50 -6.66 12.90
N ARG A 146 5.57 -7.03 13.79
CA ARG A 146 4.38 -6.22 13.97
C ARG A 146 4.17 -5.88 15.45
N THR A 147 5.17 -6.08 16.28
CA THR A 147 5.01 -5.74 17.72
C THR A 147 6.38 -5.43 18.33
N ASN A 148 6.36 -4.70 19.43
CA ASN A 148 7.55 -4.40 20.24
C ASN A 148 7.49 -5.20 21.54
N PHE A 149 6.48 -6.03 21.75
CA PHE A 149 6.39 -6.82 23.00
C PHE A 149 7.33 -8.03 22.95
N CYS A 150 8.62 -7.78 23.10
CA CYS A 150 9.65 -8.79 23.00
C CYS A 150 9.51 -9.78 24.14
N GLN A 151 9.57 -11.06 23.82
CA GLN A 151 9.43 -12.14 24.84
C GLN A 151 10.65 -12.22 25.74
N ASN A 152 11.78 -11.72 25.31
CA ASN A 152 13.03 -11.92 26.08
C ASN A 152 13.40 -10.66 26.87
N TYR A 153 13.03 -9.48 26.42
CA TYR A 153 13.36 -8.20 27.09
C TYR A 153 12.05 -7.46 27.34
N GLY A 154 11.19 -8.07 28.10
CA GLY A 154 9.92 -7.43 28.46
C GLY A 154 10.05 -6.54 29.68
N ALA A 155 8.92 -6.01 30.09
CA ALA A 155 8.90 -4.99 31.17
C ALA A 155 9.42 -5.62 32.47
N ASN A 156 10.33 -4.92 33.15
CA ASN A 156 10.91 -5.42 34.41
C ASN A 156 9.98 -5.05 35.59
N GLU A 157 8.87 -5.75 35.71
CA GLU A 157 7.82 -5.40 36.68
C GLU A 157 8.34 -5.58 38.08
N SER A 158 9.36 -6.39 38.32
CA SER A 158 9.83 -6.59 39.71
C SER A 158 10.43 -5.30 40.30
N ALA A 159 10.84 -4.37 39.45
CA ALA A 159 11.54 -3.14 39.90
C ALA A 159 12.85 -3.48 40.63
N LEU A 160 13.40 -4.65 40.32
CA LEU A 160 14.67 -5.15 40.90
C LEU A 160 15.57 -5.73 39.83
N GLU A 161 16.82 -5.93 40.22
CA GLU A 161 17.75 -6.77 39.42
C GLU A 161 17.23 -8.21 39.47
N PRO A 162 17.56 -9.04 38.46
CA PRO A 162 17.03 -10.41 38.40
C PRO A 162 17.41 -11.29 39.59
N ASP A 163 18.45 -10.93 40.33
CA ASP A 163 18.86 -11.67 41.56
C ASP A 163 18.12 -11.14 42.80
N GLY A 164 17.19 -10.20 42.66
CA GLY A 164 16.49 -9.66 43.84
C GLY A 164 17.14 -8.45 44.48
N THR A 165 18.31 -8.03 44.01
CA THR A 165 19.04 -6.88 44.58
C THR A 165 18.72 -5.63 43.78
N SER A 166 19.31 -4.52 44.18
CA SER A 166 19.14 -3.23 43.51
C SER A 166 20.49 -2.52 43.49
N ARG A 167 20.79 -1.83 42.41
CA ARG A 167 22.01 -0.98 42.36
C ARG A 167 21.81 0.30 43.20
N PHE A 168 20.61 0.62 43.65
CA PHE A 168 20.33 1.78 44.52
C PHE A 168 20.19 1.35 45.97
N SER A 169 20.73 2.18 46.84
CA SER A 169 20.45 2.10 48.28
C SER A 169 20.55 3.50 48.90
N TYR A 170 20.12 3.62 50.15
CA TYR A 170 20.37 4.87 50.88
C TYR A 170 20.58 4.53 52.34
N ILE A 171 21.15 5.52 53.01
CA ILE A 171 21.35 5.48 54.49
C ILE A 171 20.20 6.26 55.11
N ASP A 172 19.36 5.58 55.89
CA ASP A 172 18.18 6.23 56.51
CA ASP A 172 18.16 6.18 56.54
C ASP A 172 18.64 6.99 57.75
N SER A 173 17.70 7.69 58.40
CA SER A 173 18.02 8.54 59.58
C SER A 173 18.46 7.65 60.75
N ASP A 174 17.98 6.41 60.82
CA ASP A 174 18.50 5.37 61.76
C ASP A 174 19.97 5.00 61.46
N GLY A 175 20.54 5.39 60.31
CA GLY A 175 21.90 5.00 59.87
C GLY A 175 21.96 3.60 59.24
N LYS A 176 20.82 2.97 58.95
CA LYS A 176 20.74 1.64 58.29
C LYS A 176 20.80 1.85 56.76
N LYS A 177 21.55 1.00 56.05
CA LYS A 177 21.55 0.96 54.57
C LYS A 177 20.30 0.21 54.10
N LYS A 178 19.46 0.85 53.27
CA LYS A 178 18.16 0.31 52.86
C LYS A 178 18.10 0.26 51.34
N LEU A 179 17.49 -0.79 50.80
CA LEU A 179 17.33 -0.94 49.34
C LEU A 179 16.31 0.07 48.82
N LEU A 180 16.56 0.51 47.58
CA LEU A 180 15.56 1.28 46.82
C LEU A 180 15.19 0.51 45.57
N TYR A 181 13.91 0.35 45.31
CA TYR A 181 13.41 -0.22 44.04
C TYR A 181 13.60 0.79 42.90
N TYR A 182 13.71 0.23 41.69
CA TYR A 182 13.60 1.01 40.46
C TYR A 182 12.12 1.39 40.21
N LYS A 183 11.86 2.07 39.07
CA LYS A 183 10.54 2.13 38.47
C LYS A 183 10.28 0.78 37.82
N LEU A 184 10.94 0.46 36.70
CA LEU A 184 10.86 -0.91 36.15
C LEU A 184 12.26 -1.45 36.06
N GLY A 185 12.93 -1.31 34.92
CA GLY A 185 14.35 -1.76 34.77
C GLY A 185 15.36 -0.74 35.23
N CYS A 186 14.90 0.44 35.58
CA CYS A 186 15.80 1.55 35.93
C CYS A 186 14.91 2.64 36.56
N SER A 187 15.53 3.72 36.99
CA SER A 187 14.84 4.94 37.43
C SER A 187 15.52 6.14 36.80
N THR A 188 14.75 7.10 36.30
CA THR A 188 15.33 8.28 35.66
C THR A 188 15.38 9.51 36.57
N TRP A 189 14.69 9.52 37.71
CA TRP A 189 14.65 10.73 38.59
C TRP A 189 15.84 10.67 39.56
N THR A 190 17.01 10.73 38.99
CA THR A 190 18.27 10.47 39.70
C THR A 190 19.40 11.00 38.87
N GLN A 191 20.45 11.55 39.50
CA GLN A 191 21.60 12.06 38.75
C GLN A 191 22.31 10.92 38.04
N TYR A 192 22.26 9.70 38.58
CA TYR A 192 22.86 8.50 37.96
C TYR A 192 21.92 7.32 38.07
N MET A 193 21.80 6.56 37.00
CA MET A 193 20.98 5.34 36.96
C MET A 193 21.80 4.18 36.44
N VAL A 194 21.26 3.00 36.66
CA VAL A 194 21.86 1.79 36.07
C VAL A 194 20.77 1.06 35.29
N VAL A 195 21.10 0.60 34.09
CA VAL A 195 20.10 -0.11 33.27
C VAL A 195 20.82 -1.19 32.45
N ASP A 196 20.10 -2.27 32.26
CA ASP A 196 20.55 -3.37 31.36
C ASP A 196 20.62 -2.81 29.95
N SER A 197 21.76 -2.95 29.25
CA SER A 197 21.98 -2.33 27.92
C SER A 197 21.11 -2.96 26.84
N ASN A 198 20.43 -4.08 27.12
CA ASN A 198 19.47 -4.67 26.14
C ASN A 198 18.26 -3.73 25.99
N TYR A 199 18.12 -2.73 26.87
CA TYR A 199 16.97 -1.80 26.81
C TYR A 199 17.38 -0.41 26.31
N ALA A 200 18.67 -0.20 26.00
CA ALA A 200 19.20 1.11 25.63
C ALA A 200 19.31 1.27 24.12
N THR A 201 19.22 2.50 23.71
CA THR A 201 19.41 2.87 22.29
C THR A 201 20.06 4.25 22.26
N LYS A 202 21.04 4.46 21.39
CA LYS A 202 21.85 5.68 21.47
C LYS A 202 21.31 6.81 20.57
N LEU A 203 21.58 8.05 20.97
CA LEU A 203 21.11 9.27 20.26
C LEU A 203 22.29 9.94 19.53
N ASN A 204 23.54 9.69 19.94
CA ASN A 204 24.65 10.64 19.64
C ASN A 204 25.15 10.47 18.22
N GLU A 205 24.99 9.32 17.57
CA GLU A 205 25.48 9.14 16.18
C GLU A 205 24.53 9.84 15.23
N ILE A 206 23.22 9.67 15.40
CA ILE A 206 22.20 10.25 14.48
C ILE A 206 21.90 11.71 14.82
N ALA A 207 21.83 12.04 16.11
CA ALA A 207 21.33 13.33 16.59
C ALA A 207 22.31 13.92 17.59
N PRO A 208 23.57 14.17 17.22
CA PRO A 208 24.56 14.69 18.15
C PRO A 208 24.20 16.02 18.80
N GLU A 209 23.38 16.85 18.16
CA GLU A 209 23.03 18.20 18.69
C GLU A 209 21.68 18.17 19.39
N LEU A 210 21.07 17.00 19.60
CA LEU A 210 19.69 17.00 20.16
C LEU A 210 19.71 17.53 21.59
N PRO A 211 18.87 18.52 21.95
CA PRO A 211 18.86 19.00 23.33
C PRO A 211 18.38 17.88 24.27
N PRO A 212 18.78 17.91 25.57
CA PRO A 212 18.33 16.88 26.49
C PRO A 212 16.83 16.74 26.59
N PRO A 213 16.01 17.81 26.75
CA PRO A 213 14.58 17.58 26.97
C PRO A 213 13.94 16.83 25.80
N HIS A 214 14.43 17.03 24.58
CA HIS A 214 13.91 16.35 23.40
C HIS A 214 14.26 14.88 23.43
N GLY A 215 15.48 14.58 23.84
CA GLY A 215 15.87 13.18 24.08
C GLY A 215 15.01 12.52 25.14
N SER A 216 14.70 13.28 26.18
CA SER A 216 13.91 12.76 27.30
C SER A 216 12.50 12.45 26.78
N ILE A 217 11.85 13.31 25.98
CA ILE A 217 10.46 12.95 25.60
C ILE A 217 10.52 11.85 24.53
N LEU A 218 11.59 11.74 23.75
CA LEU A 218 11.76 10.60 22.83
C LEU A 218 11.82 9.26 23.56
N SER A 219 12.17 9.25 24.83
CA SER A 219 12.28 8.00 25.60
C SER A 219 10.90 7.43 25.98
N CYS A 220 9.87 8.26 26.00
CA CYS A 220 8.51 7.75 26.30
C CYS A 220 7.46 8.58 25.58
N ALA A 221 7.12 9.76 26.07
CA ALA A 221 5.92 10.51 25.60
C ALA A 221 5.85 10.63 24.06
N PHE A 222 6.91 11.08 23.44
CA PHE A 222 6.88 11.46 22.00
C PHE A 222 6.90 10.20 21.19
N ALA A 223 7.70 9.19 21.59
CA ALA A 223 7.71 7.90 20.86
C ALA A 223 6.31 7.29 20.94
N THR A 224 5.65 7.44 22.07
CA THR A 224 4.37 6.75 22.30
C THR A 224 3.30 7.36 21.38
N GLY A 225 3.14 8.66 21.38
CA GLY A 225 2.12 9.32 20.56
C GLY A 225 2.45 9.17 19.07
N TYR A 226 3.69 9.44 18.74
CA TYR A 226 4.13 9.36 17.32
C TYR A 226 3.95 7.93 16.81
N GLY A 227 4.51 6.96 17.53
CA GLY A 227 4.41 5.53 17.16
C GLY A 227 2.99 5.02 17.08
N ALA A 228 2.14 5.39 18.04
CA ALA A 228 0.74 4.96 18.04
C ALA A 228 0.10 5.27 16.67
N VAL A 229 0.42 6.40 16.10
CA VAL A 229 -0.14 6.84 14.81
C VAL A 229 0.64 6.22 13.65
N TRP A 230 1.95 6.34 13.71
CA TRP A 230 2.82 5.88 12.58
C TRP A 230 2.82 4.35 12.43
N LEU A 231 3.06 3.63 13.53
CA LEU A 231 3.28 2.19 13.46
C LEU A 231 2.01 1.41 13.78
N ASP A 232 1.31 1.72 14.86
CA ASP A 232 0.28 0.78 15.36
C ASP A 232 -1.04 1.00 14.62
N ALA A 233 -1.50 2.23 14.54
CA ALA A 233 -2.71 2.55 13.75
C ALA A 233 -2.33 2.54 12.25
N ALA A 234 -1.06 2.68 11.93
CA ALA A 234 -0.55 2.61 10.54
C ALA A 234 -1.30 3.64 9.71
N VAL A 235 -1.30 4.89 10.16
CA VAL A 235 -1.98 6.00 9.42
C VAL A 235 -1.27 6.20 8.06
N GLN A 236 -2.11 6.30 7.05
CA GLN A 236 -1.70 6.51 5.63
C GLN A 236 -2.16 7.91 5.22
N GLU A 237 -1.51 8.44 4.19
CA GLU A 237 -2.00 9.67 3.56
C GLU A 237 -3.50 9.51 3.26
N GLY A 238 -4.28 10.50 3.65
CA GLY A 238 -5.73 10.57 3.42
C GLY A 238 -6.56 9.92 4.48
N ASP A 239 -5.95 9.29 5.48
CA ASP A 239 -6.76 8.70 6.57
C ASP A 239 -7.26 9.79 7.50
N SER A 240 -8.38 9.52 8.17
CA SER A 240 -8.84 10.34 9.29
C SER A 240 -8.35 9.76 10.61
N VAL A 241 -8.07 10.65 11.55
CA VAL A 241 -7.54 10.25 12.87
C VAL A 241 -8.29 10.96 13.97
N ALA A 242 -8.67 10.28 15.04
CA ALA A 242 -9.20 10.90 16.27
C ALA A 242 -8.22 10.61 17.38
N ILE A 243 -7.95 11.62 18.20
CA ILE A 243 -7.00 11.48 19.35
C ILE A 243 -7.72 11.97 20.60
N PHE A 244 -7.86 11.07 21.58
CA PHE A 244 -8.59 11.32 22.85
C PHE A 244 -7.56 11.60 23.91
N GLY A 245 -7.40 12.88 24.25
CA GLY A 245 -6.38 13.33 25.19
C GLY A 245 -5.17 13.93 24.48
N VAL A 246 -5.01 15.26 24.58
CA VAL A 246 -3.88 15.96 23.95
C VAL A 246 -3.04 16.55 25.08
N GLY A 247 -2.58 15.65 25.97
CA GLY A 247 -1.33 15.94 26.69
C GLY A 247 -0.14 15.73 25.81
N SER A 248 1.05 15.51 26.38
CA SER A 248 2.27 15.39 25.56
C SER A 248 2.14 14.22 24.58
N VAL A 249 1.56 13.10 24.99
CA VAL A 249 1.39 11.91 24.11
C VAL A 249 0.46 12.26 22.94
N GLY A 250 -0.72 12.78 23.24
CA GLY A 250 -1.71 13.14 22.22
C GLY A 250 -1.18 14.17 21.24
N ILE A 251 -0.48 15.18 21.73
CA ILE A 251 0.11 16.20 20.82
C ILE A 251 1.17 15.56 19.93
N SER A 252 1.95 14.61 20.43
CA SER A 252 2.93 13.88 19.59
C SER A 252 2.20 13.08 18.51
N ALA A 253 1.00 12.58 18.79
CA ALA A 253 0.16 11.84 17.84
C ALA A 253 -0.33 12.83 16.77
N VAL A 254 -0.70 14.04 17.17
CA VAL A 254 -1.12 15.08 16.18
C VAL A 254 0.06 15.32 15.24
N ILE A 255 1.24 15.56 15.78
CA ILE A 255 2.45 15.83 14.96
C ILE A 255 2.65 14.70 13.96
N ALA A 256 2.53 13.45 14.36
CA ALA A 256 2.63 12.29 13.44
C ALA A 256 1.53 12.32 12.39
N ALA A 257 0.28 12.57 12.77
CA ALA A 257 -0.86 12.51 11.83
C ALA A 257 -0.67 13.58 10.77
N LYS A 258 -0.16 14.76 11.17
CA LYS A 258 0.09 15.87 10.20
C LYS A 258 1.23 15.46 9.29
N GLU A 259 2.30 14.88 9.84
CA GLU A 259 3.47 14.48 9.05
C GLU A 259 3.07 13.42 8.01
N LEU A 260 2.17 12.53 8.37
CA LEU A 260 1.71 11.40 7.52
C LEU A 260 0.55 11.83 6.62
N LYS A 261 0.16 13.10 6.62
CA LYS A 261 -0.79 13.73 5.67
C LYS A 261 -2.16 13.05 5.84
N ALA A 262 -2.57 12.86 7.09
CA ALA A 262 -3.97 12.55 7.40
C ALA A 262 -4.87 13.61 6.78
N LYS A 263 -6.06 13.20 6.35
CA LYS A 263 -7.02 14.15 5.76
C LYS A 263 -7.68 14.94 6.86
N GLN A 264 -7.78 14.43 8.08
CA GLN A 264 -8.58 15.00 9.17
C GLN A 264 -7.96 14.50 10.47
N ILE A 265 -7.80 15.41 11.41
CA ILE A 265 -7.16 15.09 12.72
C ILE A 265 -8.06 15.71 13.74
N ILE A 266 -8.82 14.89 14.44
CA ILE A 266 -9.82 15.33 15.42
C ILE A 266 -9.23 15.13 16.79
N VAL A 267 -9.26 16.17 17.62
CA VAL A 267 -8.73 16.05 18.99
C VAL A 267 -9.83 16.30 20.02
N VAL A 268 -9.80 15.53 21.10
CA VAL A 268 -10.85 15.55 22.13
C VAL A 268 -10.17 15.66 23.48
N ASP A 269 -10.63 16.59 24.30
CA ASP A 269 -10.04 16.83 25.66
C ASP A 269 -10.97 17.78 26.40
N ARG A 270 -10.76 17.95 27.71
CA ARG A 270 -11.42 19.03 28.53
CA ARG A 270 -11.45 19.05 28.47
C ARG A 270 -10.57 20.30 28.59
N ASN A 271 -9.30 20.25 28.20
CA ASN A 271 -8.34 21.36 28.40
C ASN A 271 -8.25 22.19 27.12
N GLU A 272 -8.86 23.38 27.12
CA GLU A 272 -8.92 24.24 25.92
C GLU A 272 -7.51 24.73 25.51
N TYR A 273 -6.61 24.91 26.45
CA TYR A 273 -5.24 25.38 26.14
C TYR A 273 -4.53 24.32 25.28
N LYS A 274 -4.64 23.06 25.69
CA LYS A 274 -3.98 21.96 24.96
C LYS A 274 -4.73 21.61 23.68
N LEU A 275 -6.06 21.78 23.62
CA LEU A 275 -6.76 21.65 22.32
C LEU A 275 -6.23 22.69 21.33
N LYS A 276 -6.07 23.93 21.78
CA LYS A 276 -5.57 25.02 20.91
C LYS A 276 -4.12 24.76 20.48
N MET A 277 -3.30 24.17 21.35
CA MET A 277 -1.92 23.80 20.97
C MET A 277 -1.96 22.69 19.92
N ALA A 278 -2.88 21.76 20.05
CA ALA A 278 -3.01 20.65 19.06
C ALA A 278 -3.43 21.24 17.71
N MET A 279 -4.38 22.17 17.72
CA MET A 279 -4.85 22.79 16.46
C MET A 279 -3.66 23.52 15.81
N GLU A 280 -2.88 24.21 16.60
CA GLU A 280 -1.69 24.95 16.07
C GLU A 280 -0.67 24.00 15.43
N LEU A 281 -0.53 22.77 15.91
CA LEU A 281 0.43 21.79 15.39
C LEU A 281 -0.21 20.84 14.41
N GLY A 282 -1.43 21.09 13.98
CA GLY A 282 -1.90 20.40 12.77
C GLY A 282 -3.28 19.81 12.92
N ALA A 283 -3.88 19.80 14.11
CA ALA A 283 -5.22 19.17 14.20
C ALA A 283 -6.16 20.03 13.35
N THR A 284 -7.21 19.38 12.84
CA THR A 284 -8.17 20.09 11.93
C THR A 284 -9.48 20.38 12.67
N HIS A 285 -9.88 19.61 13.68
CA HIS A 285 -11.16 19.75 14.39
C HIS A 285 -10.90 19.48 15.85
N ILE A 287 -12.80 19.14 19.90
CA ILE A 287 -14.00 18.89 20.65
C ILE A 287 -13.63 19.01 22.11
N ASN A 288 -14.27 19.92 22.83
CA ASN A 288 -14.16 19.95 24.29
C ASN A 288 -15.21 19.02 24.88
N SER A 289 -14.80 17.86 25.39
CA SER A 289 -15.73 16.82 25.84
C SER A 289 -16.54 17.32 27.05
N GLU A 290 -16.06 18.29 27.82
CA GLU A 290 -16.80 18.80 28.99
C GLU A 290 -17.80 19.88 28.55
N LYS A 291 -17.82 20.22 27.28
CA LYS A 291 -18.82 21.18 26.78
C LYS A 291 -19.83 20.50 25.87
N LEU A 292 -19.78 19.20 25.72
CA LEU A 292 -20.76 18.46 24.89
C LEU A 292 -22.08 18.50 25.63
N PRO A 293 -23.20 18.52 24.89
CA PRO A 293 -24.50 18.21 25.51
C PRO A 293 -24.46 16.86 26.27
N GLU A 294 -25.18 16.73 27.39
CA GLU A 294 -25.19 15.47 28.20
C GLU A 294 -25.53 14.25 27.34
N GLY A 295 -26.41 14.38 26.33
CA GLY A 295 -26.87 13.23 25.53
C GLY A 295 -25.96 12.91 24.33
N VAL A 296 -24.87 13.65 24.16
CA VAL A 296 -23.94 13.45 23.03
C VAL A 296 -22.63 12.90 23.59
N THR A 297 -22.34 11.66 23.27
CA THR A 297 -21.07 11.05 23.74
C THR A 297 -19.91 11.63 22.94
N PRO A 298 -18.66 11.54 23.47
CA PRO A 298 -17.50 11.91 22.67
C PRO A 298 -17.41 11.14 21.35
N SER A 299 -17.71 9.83 21.31
CA SER A 299 -17.65 9.07 20.02
C SER A 299 -18.72 9.57 19.04
N GLN A 300 -19.91 9.88 19.57
CA GLN A 300 -20.98 10.46 18.69
C GLN A 300 -20.47 11.76 18.12
N ALA A 301 -19.85 12.61 18.94
CA ALA A 301 -19.37 13.92 18.45
C ALA A 301 -18.28 13.72 17.39
N VAL A 302 -17.39 12.76 17.60
CA VAL A 302 -16.34 12.49 16.60
C VAL A 302 -16.99 11.97 15.31
N ARG A 303 -17.87 10.99 15.43
CA ARG A 303 -18.49 10.39 14.24
CA ARG A 303 -18.42 10.40 14.20
C ARG A 303 -19.23 11.45 13.43
N LYS A 304 -19.86 12.42 14.09
CA LYS A 304 -20.64 13.47 13.37
C LYS A 304 -19.71 14.31 12.49
N LEU A 305 -18.40 14.30 12.71
CA LEU A 305 -17.47 15.12 11.92
C LEU A 305 -17.06 14.36 10.69
N THR A 306 -17.38 13.05 10.62
CA THR A 306 -16.93 12.19 9.52
C THR A 306 -18.08 11.96 8.55
N PRO A 307 -17.76 11.71 7.27
CA PRO A 307 -18.82 11.61 6.26
C PRO A 307 -19.65 10.36 6.51
N LYS A 308 -20.94 10.51 6.39
CA LYS A 308 -21.93 9.44 6.64
C LYS A 308 -21.77 8.88 8.07
N GLU A 309 -21.26 9.68 9.01
CA GLU A 309 -21.03 9.29 10.43
C GLU A 309 -20.27 7.97 10.47
N VAL A 310 -19.35 7.72 9.56
CA VAL A 310 -18.68 6.39 9.44
C VAL A 310 -17.61 6.24 10.52
N GLY A 311 -17.09 7.33 11.10
CA GLY A 311 -16.01 7.21 12.07
C GLY A 311 -14.66 7.47 11.43
N VAL A 312 -13.60 7.20 12.16
CA VAL A 312 -12.21 7.53 11.77
C VAL A 312 -11.43 6.29 11.37
N ASP A 313 -10.48 6.45 10.46
CA ASP A 313 -9.55 5.40 10.01
C ASP A 313 -8.65 4.91 11.13
N ALA A 314 -8.37 5.77 12.12
CA ALA A 314 -7.44 5.43 13.22
C ALA A 314 -7.91 6.17 14.44
N SER A 315 -7.98 5.50 15.56
CA SER A 315 -8.51 6.10 16.79
C SER A 315 -7.48 5.88 17.90
N ILE A 316 -6.99 6.95 18.49
CA ILE A 316 -5.87 6.92 19.45
C ILE A 316 -6.42 7.39 20.78
N GLU A 317 -6.19 6.62 21.81
CA GLU A 317 -6.54 7.06 23.17
C GLU A 317 -5.24 7.34 23.91
N SER A 318 -5.15 8.52 24.49
CA SER A 318 -3.93 9.07 25.07
C SER A 318 -4.34 9.96 26.24
N SER A 319 -5.26 9.48 27.06
CA SER A 319 -5.83 10.28 28.17
C SER A 319 -5.65 9.65 29.53
N GLY A 320 -5.76 8.33 29.65
CA GLY A 320 -5.83 7.65 30.95
C GLY A 320 -7.26 7.58 31.47
N TYR A 321 -8.20 8.23 30.83
CA TYR A 321 -9.63 8.23 31.23
C TYR A 321 -10.30 6.97 30.68
N ASP A 322 -10.65 6.02 31.53
CA ASP A 322 -11.26 4.73 31.10
C ASP A 322 -12.44 4.96 30.14
N VAL A 323 -13.24 6.00 30.38
CA VAL A 323 -14.37 6.36 29.48
C VAL A 323 -13.85 6.59 28.03
N PHE A 324 -12.74 7.32 27.88
CA PHE A 324 -12.19 7.64 26.53
C PHE A 324 -11.70 6.36 25.88
N MET A 325 -11.29 5.34 26.64
CA MET A 325 -10.88 4.08 25.99
C MET A 325 -12.06 3.43 25.25
N ASN A 326 -13.23 3.48 25.85
CA ASN A 326 -14.49 2.97 25.25
C ASN A 326 -14.96 3.91 24.15
N GLU A 327 -14.83 5.22 24.35
CA GLU A 327 -15.25 6.19 23.29
C GLU A 327 -14.34 6.02 22.10
N ALA A 328 -13.02 5.88 22.31
CA ALA A 328 -12.12 5.79 21.16
C ALA A 328 -12.50 4.54 20.38
N MET A 329 -12.73 3.44 21.06
CA MET A 329 -13.19 2.17 20.40
C MET A 329 -14.41 2.41 19.51
N LYS A 330 -15.36 3.18 19.98
CA LYS A 330 -16.63 3.45 19.28
C LYS A 330 -16.40 4.38 18.10
N ALA A 331 -15.42 5.30 18.16
CA ALA A 331 -15.24 6.35 17.11
C ALA A 331 -14.66 5.74 15.87
N ALA A 332 -13.98 4.61 15.96
CA ALA A 332 -13.29 3.97 14.81
C ALA A 332 -14.28 3.44 13.79
N ILE A 333 -13.91 3.50 12.50
CA ILE A 333 -14.64 2.78 11.45
C ILE A 333 -14.71 1.30 11.80
N HIS A 334 -15.94 0.76 11.87
CA HIS A 334 -16.15 -0.66 12.24
C HIS A 334 -15.21 -1.55 11.45
N GLY A 335 -14.52 -2.46 12.11
CA GLY A 335 -13.72 -3.47 11.44
C GLY A 335 -12.40 -2.93 10.87
N LYS A 336 -12.46 -1.94 9.99
CA LYS A 336 -11.29 -1.46 9.23
C LYS A 336 -10.25 -0.78 10.10
N ALA A 337 -10.73 0.06 11.02
CA ALA A 337 -9.85 0.96 11.79
C ALA A 337 -9.41 0.22 13.08
N LYS A 338 -8.24 0.61 13.58
CA LYS A 338 -7.68 0.10 14.83
C LYS A 338 -7.79 1.21 15.84
N THR A 339 -8.15 0.84 17.07
CA THR A 339 -8.14 1.72 18.24
C THR A 339 -6.88 1.38 19.04
N VAL A 340 -6.01 2.37 19.23
CA VAL A 340 -4.73 2.15 19.93
C VAL A 340 -4.85 2.80 21.30
N ILE A 341 -4.77 1.97 22.33
CA ILE A 341 -4.91 2.43 23.73
C ILE A 341 -3.50 2.64 24.27
N THR A 342 -3.17 3.88 24.63
CA THR A 342 -1.88 4.17 25.29
C THR A 342 -2.14 4.57 26.74
N GLY A 343 -3.33 4.98 27.09
CA GLY A 343 -3.63 5.49 28.43
C GLY A 343 -3.33 4.52 29.55
N GLU A 344 -3.07 5.08 30.72
CA GLU A 344 -2.94 4.34 31.97
C GLU A 344 -3.64 5.09 33.09
N GLY A 345 -4.02 4.35 34.12
CA GLY A 345 -4.70 4.90 35.27
C GLY A 345 -4.84 3.81 36.31
N ILE A 346 -5.31 4.23 37.48
CA ILE A 346 -5.54 3.30 38.60
C ILE A 346 -7.04 3.03 38.60
N TYR A 347 -7.40 1.88 38.04
CA TYR A 347 -8.81 1.52 37.77
C TYR A 347 -9.28 0.53 38.83
N GLU A 348 -10.55 0.61 39.20
CA GLU A 348 -11.08 -0.36 40.21
C GLU A 348 -10.91 -1.80 39.68
N ASN A 349 -10.32 -2.67 40.49
CA ASN A 349 -10.11 -4.11 40.14
C ASN A 349 -9.16 -4.19 38.93
N ASP A 350 -8.38 -3.15 38.66
CA ASP A 350 -7.48 -3.11 37.47
C ASP A 350 -8.26 -3.57 36.24
N ARG A 351 -9.45 -3.03 36.02
CA ARG A 351 -10.26 -3.42 34.86
C ARG A 351 -10.81 -2.21 34.11
N ILE A 352 -10.85 -2.39 32.79
CA ILE A 352 -11.51 -1.40 31.91
C ILE A 352 -12.70 -2.09 31.24
N PHE A 353 -13.54 -1.30 30.58
CA PHE A 353 -14.83 -1.80 30.07
CA PHE A 353 -14.88 -1.72 30.10
C PHE A 353 -15.06 -1.27 28.66
N PHE A 354 -15.75 -2.07 27.88
CA PHE A 354 -16.20 -1.64 26.56
C PHE A 354 -17.69 -1.95 26.44
N ASP A 355 -18.38 -1.06 25.77
CA ASP A 355 -19.80 -1.28 25.41
C ASP A 355 -19.85 -2.47 24.45
N PHE A 356 -20.63 -3.50 24.80
CA PHE A 356 -20.50 -4.84 24.19
C PHE A 356 -20.95 -4.84 22.73
N LYS A 357 -22.16 -4.34 22.43
CA LYS A 357 -22.65 -4.42 21.04
C LYS A 357 -21.69 -3.67 20.12
N ASP A 358 -21.28 -2.46 20.50
CA ASP A 358 -20.42 -1.64 19.62
C ASP A 358 -19.04 -2.32 19.46
N PHE A 359 -18.59 -3.06 20.45
CA PHE A 359 -17.33 -3.82 20.39
C PHE A 359 -17.46 -5.03 19.45
N LEU A 360 -18.52 -5.80 19.59
CA LEU A 360 -18.64 -7.00 18.71
C LEU A 360 -18.75 -6.58 17.25
N PHE A 361 -19.54 -5.55 16.98
CA PHE A 361 -19.84 -5.11 15.62
C PHE A 361 -18.74 -4.16 15.14
N GLY A 362 -17.50 -4.60 15.25
CA GLY A 362 -16.39 -3.95 14.51
C GLY A 362 -15.32 -3.37 15.39
N GLY A 363 -15.37 -3.56 16.71
CA GLY A 363 -14.31 -3.04 17.59
C GLY A 363 -12.99 -3.73 17.32
N ASN A 364 -11.93 -2.99 17.53
CA ASN A 364 -10.57 -3.45 17.18
C ASN A 364 -9.64 -2.65 18.06
N VAL A 365 -9.22 -3.23 19.18
CA VAL A 365 -8.52 -2.48 20.23
C VAL A 365 -7.21 -3.18 20.55
N VAL A 366 -6.16 -2.38 20.66
CA VAL A 366 -4.84 -2.92 21.05
C VAL A 366 -4.26 -2.08 22.18
N GLY A 367 -3.53 -2.74 23.06
CA GLY A 367 -2.70 -2.06 24.06
C GLY A 367 -1.35 -1.72 23.47
N ASN A 368 -0.89 -0.55 23.78
CA ASN A 368 0.34 0.00 23.19
C ASN A 368 1.26 0.51 24.27
N VAL A 369 2.52 0.11 24.18
CA VAL A 369 3.56 0.60 25.09
C VAL A 369 4.66 1.23 24.21
N THR A 370 5.01 2.48 24.46
CA THR A 370 6.09 3.21 23.81
C THR A 370 5.81 3.29 22.32
N GLY A 371 4.54 3.41 21.93
CA GLY A 371 4.20 3.68 20.52
C GLY A 371 4.44 2.49 19.62
N ARG A 372 4.77 1.31 20.16
CA ARG A 372 5.19 0.15 19.32
C ARG A 372 6.54 0.44 18.67
N VAL A 373 7.30 1.43 19.18
CA VAL A 373 8.57 1.86 18.57
C VAL A 373 9.69 0.95 19.09
N ARG A 374 10.10 0.00 18.27
CA ARG A 374 11.14 -0.96 18.67
C ARG A 374 12.46 -0.21 18.76
N ILE A 375 13.26 -0.50 19.78
CA ILE A 375 14.44 0.35 20.08
C ILE A 375 15.51 0.23 19.00
N HIS A 376 15.61 -0.91 18.32
CA HIS A 376 16.61 -1.10 17.23
C HIS A 376 16.00 -0.90 15.87
N SER A 377 14.83 -1.44 15.59
CA SER A 377 14.28 -1.43 14.20
C SER A 377 13.59 -0.10 13.90
N ASP A 378 12.97 0.58 14.87
CA ASP A 378 12.13 1.75 14.56
C ASP A 378 12.73 3.05 15.15
N PHE A 379 13.28 2.99 16.33
CA PHE A 379 13.68 4.24 17.03
C PHE A 379 14.70 5.03 16.24
N PRO A 380 15.72 4.43 15.57
CA PRO A 380 16.66 5.22 14.78
C PRO A 380 15.94 6.10 13.74
N GLY A 381 14.97 5.50 13.04
CA GLY A 381 14.18 6.29 12.07
C GLY A 381 13.36 7.38 12.69
N LEU A 382 12.79 7.15 13.87
CA LEU A 382 12.03 8.19 14.55
C LEU A 382 12.95 9.33 14.96
N LEU A 383 14.14 8.98 15.46
CA LEU A 383 15.13 9.99 15.87
C LEU A 383 15.50 10.88 14.67
N ARG A 384 15.71 10.27 13.51
CA ARG A 384 16.02 11.07 12.31
C ARG A 384 14.84 11.98 11.98
N LYS A 385 13.62 11.45 12.03
CA LYS A 385 12.43 12.25 11.69
C LYS A 385 12.34 13.43 12.65
N ALA A 386 12.60 13.20 13.93
CA ALA A 386 12.46 14.21 14.99
C ALA A 386 13.30 15.45 14.72
N GLN A 387 14.34 15.32 13.89
CA GLN A 387 15.26 16.43 13.59
C GLN A 387 14.76 17.25 12.40
N GLU A 388 13.72 16.82 11.72
CA GLU A 388 13.16 17.66 10.62
C GLU A 388 12.51 18.88 11.24
N PRO A 389 12.51 20.02 10.56
CA PRO A 389 12.20 21.27 11.24
C PRO A 389 10.77 21.30 11.80
N VAL A 390 9.77 20.74 11.10
CA VAL A 390 8.37 20.83 11.57
C VAL A 390 8.24 19.92 12.80
N ILE A 391 8.94 18.81 12.79
CA ILE A 391 8.86 17.86 13.93
C ILE A 391 9.54 18.49 15.15
N ARG A 392 10.73 19.03 14.97
CA ARG A 392 11.42 19.77 16.04
C ARG A 392 10.57 20.92 16.54
N ALA A 393 9.92 21.68 15.68
CA ALA A 393 9.08 22.81 16.10
C ALA A 393 7.97 22.29 16.99
N GLY A 394 7.43 21.12 16.67
CA GLY A 394 6.32 20.58 17.47
C GLY A 394 6.83 20.12 18.80
N MET A 395 8.01 19.51 18.83
CA MET A 395 8.60 19.12 20.12
C MET A 395 8.91 20.36 20.95
N ASP A 396 9.40 21.41 20.31
CA ASP A 396 9.68 22.71 21.01
C ASP A 396 8.40 23.25 21.65
N LYS A 397 7.27 23.12 20.97
CA LYS A 397 5.98 23.66 21.45
C LYS A 397 5.51 22.82 22.63
N ILE A 398 5.62 21.48 22.55
CA ILE A 398 5.29 20.57 23.67
C ILE A 398 6.06 21.03 24.90
N LEU A 399 7.36 21.26 24.74
CA LEU A 399 8.26 21.53 25.86
C LEU A 399 8.23 22.99 26.28
N GLY A 400 7.73 23.89 25.43
CA GLY A 400 8.02 25.34 25.63
C GLY A 400 9.51 25.61 25.70
N TYR A 401 10.25 25.09 24.73
CA TYR A 401 11.73 25.07 24.78
C TYR A 401 12.27 26.36 24.22
N ASP A 402 13.21 26.95 24.94
CA ASP A 402 13.97 28.14 24.51
C ASP A 402 15.38 27.70 24.17
N ALA A 403 15.74 27.62 22.89
CA ALA A 403 17.02 27.03 22.46
C ALA A 403 18.21 27.87 22.94
N ALA A 404 18.03 29.17 23.17
CA ALA A 404 19.16 30.05 23.58
C ALA A 404 19.56 29.73 25.03
N THR A 405 18.59 29.50 25.90
CA THR A 405 18.78 29.28 27.35
C THR A 405 18.76 27.79 27.68
N MET A 406 18.27 26.96 26.76
CA MET A 406 18.04 25.49 26.95
C MET A 406 17.06 25.24 28.12
N LYS A 407 16.19 26.20 28.40
CA LYS A 407 15.17 26.08 29.48
C LYS A 407 13.82 25.70 28.83
N CYS A 408 13.05 24.92 29.54
CA CYS A 408 11.65 24.58 29.20
C CYS A 408 10.68 25.39 30.06
N LYS A 409 9.47 25.60 29.55
CA LYS A 409 8.47 26.45 30.20
C LYS A 409 8.29 26.02 31.65
N TYR A 410 8.07 24.73 31.85
CA TYR A 410 7.91 24.15 33.21
C TYR A 410 9.13 23.26 33.45
N GLU A 411 10.01 23.71 34.33
CA GLU A 411 11.27 23.02 34.62
C GLU A 411 11.58 23.19 36.12
N VAL A 412 12.14 22.16 36.71
CA VAL A 412 12.61 22.17 38.11
C VAL A 412 13.94 21.43 38.13
N ASP A 413 14.87 21.85 38.94
CA ASP A 413 16.21 21.22 38.99
C ASP A 413 16.30 20.43 40.28
N ILE A 414 16.72 19.18 40.23
CA ILE A 414 16.85 18.29 41.40
C ILE A 414 17.82 18.89 42.43
N ARG A 415 18.68 19.82 42.05
CA ARG A 415 19.67 20.39 42.98
C ARG A 415 19.02 21.52 43.78
N GLU A 416 17.79 21.89 43.52
CA GLU A 416 17.22 23.13 44.14
C GLU A 416 16.27 22.79 45.28
N GLY A 417 16.21 21.52 45.67
CA GLY A 417 15.59 21.13 46.95
C GLY A 417 14.19 20.59 46.80
N THR A 418 13.72 19.97 47.87
CA THR A 418 12.44 19.23 47.85
C THR A 418 11.29 20.21 47.70
N PRO A 419 11.26 21.39 48.39
CA PRO A 419 10.10 22.27 48.25
C PRO A 419 9.82 22.71 46.81
N ALA A 420 10.86 22.97 46.04
CA ALA A 420 10.71 23.42 44.64
C ALA A 420 10.11 22.24 43.85
N LEU A 421 10.58 21.03 44.15
CA LEU A 421 10.03 19.83 43.45
C LEU A 421 8.55 19.64 43.78
N LEU A 422 8.17 19.73 45.05
CA LEU A 422 6.75 19.47 45.39
C LEU A 422 5.88 20.51 44.68
N LYS A 423 6.33 21.75 44.66
CA LYS A 423 5.54 22.80 43.95
C LYS A 423 5.43 22.44 42.45
N ALA A 424 6.52 22.00 41.85
CA ALA A 424 6.52 21.62 40.41
C ALA A 424 5.55 20.45 40.18
N LEU A 425 5.53 19.47 41.06
CA LEU A 425 4.63 18.30 40.90
C LEU A 425 3.18 18.74 40.97
N GLU A 426 2.85 19.68 41.87
CA GLU A 426 1.47 20.26 41.89
C GLU A 426 1.20 20.95 40.57
N GLU A 427 2.17 21.66 40.02
CA GLU A 427 1.99 22.48 38.79
C GLU A 427 1.95 21.61 37.54
N VAL A 428 2.17 20.30 37.65
CA VAL A 428 1.88 19.37 36.52
C VAL A 428 0.39 19.53 36.15
N GLU A 429 -0.47 19.92 37.08
CA GLU A 429 -1.93 20.04 36.80
C GLU A 429 -2.28 21.44 36.28
N ASN A 430 -1.31 22.35 36.14
CA ASN A 430 -1.63 23.66 35.57
C ASN A 430 -2.16 23.46 34.14
N VAL A 431 -3.09 24.32 33.71
CA VAL A 431 -3.73 24.17 32.37
C VAL A 431 -2.69 24.20 31.26
N ASP A 432 -1.61 25.00 31.40
CA ASP A 432 -0.62 25.19 30.32
C ASP A 432 0.67 24.38 30.55
N CYS A 433 0.71 23.50 31.54
CA CYS A 433 1.85 22.57 31.73
C CYS A 433 1.65 21.31 30.89
N VAL A 434 2.29 21.28 29.73
CA VAL A 434 2.21 20.10 28.85
C VAL A 434 3.24 19.07 29.31
N LYS A 435 4.46 19.49 29.58
CA LYS A 435 5.57 18.57 29.92
C LYS A 435 6.53 19.27 30.86
N LEU A 436 6.47 18.90 32.13
CA LEU A 436 7.45 19.34 33.14
C LEU A 436 8.79 18.59 32.94
N VAL A 437 9.89 19.33 32.89
CA VAL A 437 11.24 18.75 32.83
C VAL A 437 11.88 18.82 34.22
N ILE A 438 12.56 17.75 34.59
CA ILE A 438 13.37 17.71 35.81
C ILE A 438 14.83 17.72 35.35
N LYS A 439 15.50 18.85 35.50
CA LYS A 439 16.95 18.93 35.19
C LYS A 439 17.73 18.20 36.27
N LEU A 440 18.70 17.40 35.88
CA LEU A 440 19.42 16.55 36.85
C LEU A 440 20.90 16.93 36.93
N ASN A 441 21.46 17.45 35.87
CA ASN A 441 22.91 17.77 35.78
C ASN A 441 23.07 18.90 34.80
N ASP A 442 24.25 19.53 34.85
CA ASP A 442 24.59 20.52 33.82
C ASP A 442 24.55 19.89 32.44
N TYR A 443 24.06 20.64 31.46
CA TYR A 443 24.02 20.13 30.05
C TYR A 443 25.38 20.29 29.31
N ALA B 30 -45.32 -23.55 -0.54
CA ALA B 30 -46.68 -22.88 -0.48
C ALA B 30 -46.91 -22.02 -1.74
N LYS B 31 -48.18 -21.87 -2.13
CA LYS B 31 -48.59 -21.05 -3.31
C LYS B 31 -49.10 -19.68 -2.86
N PRO B 32 -48.69 -18.59 -3.54
CA PRO B 32 -49.20 -17.26 -3.21
C PRO B 32 -50.67 -17.11 -3.62
N ASP B 33 -51.40 -16.24 -2.94
CA ASP B 33 -52.79 -15.86 -3.33
C ASP B 33 -52.69 -14.95 -4.55
N LYS B 34 -53.82 -14.46 -5.05
CA LYS B 34 -53.86 -13.70 -6.35
C LYS B 34 -53.11 -12.36 -6.22
N ASN B 35 -52.83 -11.91 -5.00
CA ASN B 35 -52.07 -10.64 -4.73
C ASN B 35 -50.60 -10.94 -4.42
N GLY B 36 -50.18 -12.19 -4.57
CA GLY B 36 -48.78 -12.59 -4.40
C GLY B 36 -48.43 -12.87 -2.96
N VAL B 37 -49.39 -12.83 -2.05
CA VAL B 37 -49.11 -13.04 -0.61
C VAL B 37 -49.07 -14.52 -0.31
N ILE B 38 -48.04 -14.96 0.40
CA ILE B 38 -47.92 -16.34 0.87
C ILE B 38 -48.37 -16.41 2.32
N THR B 39 -49.17 -17.41 2.62
CA THR B 39 -49.51 -17.75 4.03
C THR B 39 -48.69 -18.99 4.39
N CYS B 40 -47.97 -18.94 5.51
CA CYS B 40 -47.12 -20.06 5.90
C CYS B 40 -46.91 -20.06 7.39
N LYS B 41 -46.22 -21.08 7.89
CA LYS B 41 -45.88 -21.14 9.31
C LYS B 41 -44.59 -20.36 9.60
N ALA B 42 -44.55 -19.76 10.77
CA ALA B 42 -43.37 -19.01 11.24
C ALA B 42 -43.37 -19.08 12.74
N ILE B 43 -42.17 -18.93 13.33
CA ILE B 43 -42.03 -18.94 14.80
C ILE B 43 -41.99 -17.49 15.26
N MET B 44 -43.07 -17.13 15.94
CA MET B 44 -43.30 -15.77 16.49
CA MET B 44 -43.23 -15.77 16.45
C MET B 44 -42.77 -15.71 17.91
N LEU B 45 -42.05 -14.63 18.21
CA LEU B 45 -41.68 -14.21 19.57
C LEU B 45 -42.58 -13.03 19.92
N LYS B 46 -43.38 -13.18 20.97
CA LYS B 46 -44.40 -12.19 21.34
C LYS B 46 -43.76 -10.98 22.02
N GLU B 47 -42.76 -11.25 22.80
CA GLU B 47 -42.05 -10.29 23.69
C GLU B 47 -40.78 -10.99 24.16
N ALA B 48 -39.88 -10.26 24.79
CA ALA B 48 -38.67 -10.84 25.35
C ALA B 48 -38.98 -11.86 26.45
N LYS B 49 -38.27 -12.98 26.42
CA LYS B 49 -38.28 -13.98 27.50
C LYS B 49 -37.23 -13.53 28.51
N LEU B 50 -37.72 -12.79 29.51
CA LEU B 50 -36.87 -12.28 30.60
C LEU B 50 -36.60 -13.39 31.61
N PRO B 51 -35.62 -13.21 32.51
CA PRO B 51 -35.28 -14.26 33.46
C PRO B 51 -36.50 -14.73 34.26
N GLY B 52 -36.65 -16.04 34.37
CA GLY B 52 -37.79 -16.67 35.07
C GLY B 52 -38.97 -16.95 34.16
N MET B 53 -39.02 -16.37 32.96
CA MET B 53 -40.14 -16.66 32.05
C MET B 53 -39.87 -17.95 31.27
N SER B 54 -40.91 -18.61 30.79
CA SER B 54 -40.82 -19.87 30.02
C SER B 54 -40.74 -19.56 28.52
N TYR B 55 -40.31 -20.54 27.75
CA TYR B 55 -40.48 -20.48 26.28
C TYR B 55 -41.98 -20.40 25.92
N ALA B 56 -42.84 -21.11 26.65
CA ALA B 56 -44.28 -21.07 26.36
C ALA B 56 -44.83 -19.64 26.48
N ASP B 57 -44.27 -18.81 27.38
CA ASP B 57 -44.73 -17.44 27.56
C ASP B 57 -44.58 -16.66 26.24
N THR B 58 -43.54 -16.92 25.43
CA THR B 58 -43.23 -16.00 24.32
C THR B 58 -43.15 -16.62 22.93
N VAL B 59 -43.05 -17.93 22.81
CA VAL B 59 -42.71 -18.60 21.52
C VAL B 59 -43.95 -19.33 21.03
N GLN B 60 -44.36 -19.03 19.80
CA GLN B 60 -45.51 -19.75 19.23
C GLN B 60 -45.33 -19.89 17.72
N ILE B 61 -45.66 -21.05 17.21
CA ILE B 61 -45.74 -21.22 15.73
C ILE B 61 -47.10 -20.70 15.31
N ILE B 62 -47.15 -19.84 14.33
CA ILE B 62 -48.43 -19.26 13.87
C ILE B 62 -48.41 -19.24 12.36
N ASP B 63 -49.59 -18.98 11.79
CA ASP B 63 -49.70 -18.67 10.36
C ASP B 63 -49.42 -17.19 10.17
N ILE B 64 -48.53 -16.88 9.23
CA ILE B 64 -48.19 -15.48 8.87
C ILE B 64 -48.43 -15.27 7.39
N GLN B 65 -48.54 -13.99 7.03
CA GLN B 65 -48.58 -13.56 5.63
C GLN B 65 -47.20 -12.99 5.30
N VAL B 66 -46.71 -13.37 4.15
CA VAL B 66 -45.41 -12.93 3.60
C VAL B 66 -45.70 -12.19 2.30
N ASP B 67 -45.49 -10.89 2.32
CA ASP B 67 -45.77 -10.01 1.16
C ASP B 67 -44.79 -10.38 0.04
N PRO B 68 -45.12 -10.03 -1.22
CA PRO B 68 -44.18 -10.21 -2.33
C PRO B 68 -42.95 -9.31 -2.19
N PRO B 69 -41.82 -9.72 -2.79
CA PRO B 69 -40.60 -8.92 -2.71
C PRO B 69 -40.73 -7.66 -3.56
N GLN B 70 -40.08 -6.62 -3.07
CA GLN B 70 -39.99 -5.31 -3.73
C GLN B 70 -38.52 -5.05 -4.11
N ASN B 71 -38.30 -4.09 -4.99
CA ASN B 71 -36.93 -3.53 -5.24
C ASN B 71 -35.99 -4.71 -5.58
N VAL B 72 -34.96 -4.94 -4.76
CA VAL B 72 -33.87 -5.93 -4.99
C VAL B 72 -34.07 -7.05 -3.99
N GLU B 73 -35.30 -7.27 -3.49
CA GLU B 73 -35.51 -8.33 -2.47
C GLU B 73 -35.67 -9.71 -3.12
N LEU B 74 -35.26 -10.74 -2.39
CA LEU B 74 -35.54 -12.16 -2.70
C LEU B 74 -36.62 -12.61 -1.71
N ARG B 75 -37.63 -13.29 -2.21
CA ARG B 75 -38.51 -14.08 -1.33
C ARG B 75 -38.09 -15.54 -1.47
N VAL B 76 -37.79 -16.15 -0.34
CA VAL B 76 -37.05 -17.41 -0.28
C VAL B 76 -37.87 -18.49 0.43
N LYS B 77 -38.05 -19.62 -0.23
CA LYS B 77 -38.63 -20.83 0.36
C LYS B 77 -37.56 -21.50 1.21
N MET B 78 -37.71 -21.40 2.52
CA MET B 78 -36.68 -21.89 3.45
C MET B 78 -36.71 -23.41 3.54
N LEU B 79 -35.54 -24.03 3.56
CA LEU B 79 -35.39 -25.49 3.67
C LEU B 79 -35.29 -25.84 5.15
N CYS B 80 -34.31 -25.23 5.81
CA CYS B 80 -34.21 -25.37 7.27
C CYS B 80 -33.51 -24.14 7.85
N ALA B 81 -33.78 -23.94 9.13
CA ALA B 81 -33.04 -23.00 9.97
C ALA B 81 -32.26 -23.89 10.93
N SER B 82 -31.23 -23.33 11.51
CA SER B 82 -30.56 -24.09 12.58
C SER B 82 -30.31 -23.10 13.70
N VAL B 83 -30.25 -23.61 14.91
CA VAL B 83 -30.35 -22.81 16.12
C VAL B 83 -28.94 -22.38 16.53
N CYS B 84 -28.72 -21.10 16.48
CA CYS B 84 -27.48 -20.42 16.93
C CYS B 84 -27.73 -19.95 18.35
N ARG B 85 -26.74 -19.97 19.25
CA ARG B 85 -27.02 -19.43 20.62
C ARG B 85 -27.59 -18.01 20.50
N THR B 86 -27.21 -17.23 19.48
CA THR B 86 -27.72 -15.85 19.34
C THR B 86 -29.24 -15.88 19.08
N ASP B 87 -29.77 -16.95 18.52
CA ASP B 87 -31.23 -17.15 18.39
C ASP B 87 -31.88 -17.18 19.78
N ILE B 88 -31.27 -17.88 20.70
CA ILE B 88 -31.80 -17.97 22.06
C ILE B 88 -31.64 -16.63 22.74
N LEU B 89 -30.51 -15.96 22.58
CA LEU B 89 -30.37 -14.58 23.12
C LEU B 89 -31.50 -13.71 22.55
N THR B 90 -31.84 -13.82 21.27
CA THR B 90 -32.89 -13.01 20.64
C THR B 90 -34.22 -13.29 21.37
N ILE B 91 -34.50 -14.57 21.67
CA ILE B 91 -35.71 -14.90 22.45
C ILE B 91 -35.67 -14.17 23.78
N GLU B 92 -34.47 -13.96 24.34
CA GLU B 92 -34.30 -13.29 25.68
C GLU B 92 -34.31 -11.77 25.49
N GLY B 93 -34.43 -11.25 24.27
CA GLY B 93 -34.56 -9.82 24.03
C GLY B 93 -33.28 -9.16 23.53
N PHE B 94 -32.22 -9.94 23.29
CA PHE B 94 -30.94 -9.38 22.80
C PHE B 94 -31.14 -8.55 21.55
N MET B 95 -30.61 -7.32 21.59
CA MET B 95 -30.64 -6.34 20.49
C MET B 95 -32.05 -5.99 20.05
N ALA B 96 -33.09 -6.29 20.85
CA ALA B 96 -34.47 -6.01 20.42
C ALA B 96 -35.21 -5.33 21.57
N PRO B 97 -34.84 -4.08 21.90
CA PRO B 97 -35.55 -3.39 22.97
C PRO B 97 -37.01 -3.07 22.61
N THR B 98 -37.32 -2.84 21.32
CA THR B 98 -38.68 -2.47 20.89
C THR B 98 -39.20 -3.40 19.79
N GLN B 99 -38.37 -4.32 19.28
CA GLN B 99 -38.64 -5.02 18.00
C GLN B 99 -39.31 -6.38 18.25
N PHE B 100 -40.37 -6.35 19.04
CA PHE B 100 -41.32 -7.46 19.21
C PHE B 100 -42.70 -6.94 18.89
N PRO B 101 -43.63 -7.79 18.43
CA PRO B 101 -43.35 -9.21 18.16
C PRO B 101 -42.51 -9.37 16.89
N LYS B 102 -41.77 -10.46 16.84
CA LYS B 102 -40.92 -10.72 15.65
C LYS B 102 -41.01 -12.18 15.24
N ILE B 103 -40.50 -12.43 14.03
CA ILE B 103 -40.11 -13.81 13.64
C ILE B 103 -38.63 -13.95 13.92
N ASN B 104 -38.24 -15.01 14.62
CA ASN B 104 -36.85 -15.24 15.00
C ASN B 104 -36.02 -15.74 13.83
N GLY B 105 -34.70 -15.70 14.05
CA GLY B 105 -33.79 -16.53 13.25
C GLY B 105 -32.90 -15.75 12.31
N HIS B 106 -31.61 -16.07 12.33
CA HIS B 106 -30.66 -15.54 11.33
C HIS B 106 -29.85 -16.63 10.65
N GLU B 107 -29.93 -17.87 11.11
CA GLU B 107 -29.15 -18.97 10.54
C GLU B 107 -30.10 -19.87 9.77
N GLY B 108 -29.89 -20.01 8.46
CA GLY B 108 -30.77 -20.88 7.64
C GLY B 108 -30.41 -20.81 6.19
N VAL B 109 -31.09 -21.62 5.38
CA VAL B 109 -30.80 -21.71 3.92
C VAL B 109 -32.12 -21.90 3.21
N GLY B 110 -32.22 -21.42 1.97
CA GLY B 110 -33.46 -21.63 1.23
C GLY B 110 -33.28 -21.42 -0.26
N ILE B 111 -34.39 -21.51 -0.97
CA ILE B 111 -34.42 -21.48 -2.45
C ILE B 111 -35.21 -20.24 -2.85
N ILE B 112 -34.68 -19.46 -3.78
CA ILE B 112 -35.39 -18.25 -4.25
C ILE B 112 -36.70 -18.70 -4.90
N GLU B 113 -37.83 -18.13 -4.45
CA GLU B 113 -39.19 -18.36 -4.99
C GLU B 113 -39.58 -17.22 -5.92
N SER B 114 -39.18 -15.98 -5.62
CA SER B 114 -39.47 -14.81 -6.46
C SER B 114 -38.51 -13.69 -6.09
N MET B 115 -38.46 -12.66 -6.92
CA MET B 115 -37.51 -11.57 -6.71
C MET B 115 -38.19 -10.23 -7.05
N GLY B 116 -37.75 -9.16 -6.40
CA GLY B 116 -38.19 -7.82 -6.76
C GLY B 116 -37.71 -7.48 -8.16
N PRO B 117 -38.33 -6.45 -8.76
CA PRO B 117 -38.03 -6.17 -10.16
C PRO B 117 -36.61 -5.67 -10.48
N ASP B 118 -35.91 -5.15 -9.49
CA ASP B 118 -34.59 -4.49 -9.63
C ASP B 118 -33.44 -5.47 -9.33
N THR B 119 -33.76 -6.69 -8.90
CA THR B 119 -32.76 -7.69 -8.50
C THR B 119 -31.80 -7.96 -9.66
N LYS B 120 -30.51 -8.04 -9.33
CA LYS B 120 -29.43 -8.36 -10.26
C LYS B 120 -28.79 -9.70 -9.82
N ASN B 121 -28.38 -10.52 -10.77
CA ASN B 121 -27.38 -11.59 -10.47
C ASN B 121 -27.96 -12.73 -9.62
N PHE B 122 -29.28 -12.86 -9.53
CA PHE B 122 -29.92 -14.02 -8.89
C PHE B 122 -31.05 -14.52 -9.78
N LYS B 123 -31.31 -15.83 -9.69
CA LYS B 123 -32.43 -16.48 -10.42
C LYS B 123 -33.35 -17.19 -9.44
N VAL B 124 -34.62 -17.28 -9.83
CA VAL B 124 -35.58 -18.18 -9.17
C VAL B 124 -34.97 -19.59 -9.21
N GLY B 125 -34.92 -20.28 -8.08
CA GLY B 125 -34.34 -21.62 -7.96
C GLY B 125 -32.94 -21.64 -7.38
N ASP B 126 -32.27 -20.51 -7.32
CA ASP B 126 -30.93 -20.44 -6.68
C ASP B 126 -31.12 -20.81 -5.20
N VAL B 127 -30.15 -21.51 -4.65
CA VAL B 127 -30.07 -21.80 -3.19
C VAL B 127 -29.20 -20.71 -2.57
N ILE B 128 -29.71 -20.00 -1.56
CA ILE B 128 -28.95 -18.89 -0.97
C ILE B 128 -28.89 -19.04 0.55
N VAL B 129 -27.89 -18.35 1.06
CA VAL B 129 -27.87 -17.93 2.49
C VAL B 129 -27.69 -16.41 2.52
N ALA B 130 -28.12 -15.79 3.61
CA ALA B 130 -28.12 -14.31 3.67
C ALA B 130 -27.74 -13.85 5.06
N PRO B 131 -26.43 -13.73 5.34
CA PRO B 131 -25.98 -13.36 6.68
C PRO B 131 -26.15 -11.86 6.89
N THR B 132 -25.66 -11.43 8.05
CA THR B 132 -25.90 -10.09 8.62
C THR B 132 -25.22 -8.99 7.80
N LEU B 133 -24.07 -9.26 7.16
CA LEU B 133 -23.30 -8.20 6.45
C LEU B 133 -23.14 -8.51 4.98
N GLY B 134 -23.56 -7.55 4.15
CA GLY B 134 -23.28 -7.65 2.72
C GLY B 134 -21.88 -7.16 2.36
N GLU B 135 -21.54 -7.09 1.07
CA GLU B 135 -20.18 -6.73 0.62
C GLU B 135 -20.33 -5.89 -0.64
N CYS B 136 -20.37 -4.56 -0.49
CA CYS B 136 -20.54 -3.65 -1.65
C CYS B 136 -19.33 -3.65 -2.55
N GLN B 137 -18.13 -3.98 -2.06
CA GLN B 137 -16.85 -4.05 -2.78
C GLN B 137 -16.28 -2.67 -3.13
N THR B 138 -16.93 -1.55 -2.82
CA THR B 138 -16.49 -0.20 -3.21
C THR B 138 -16.25 0.74 -2.02
N CYS B 139 -16.76 0.46 -0.83
CA CYS B 139 -16.59 1.33 0.35
C CYS B 139 -15.16 1.12 0.90
N SER B 140 -14.70 2.02 1.77
CA SER B 140 -13.28 1.95 2.17
C SER B 140 -13.02 0.74 3.06
N SER B 141 -14.05 0.25 3.74
CA SER B 141 -13.93 -0.98 4.53
C SER B 141 -13.79 -2.20 3.61
N CYS B 142 -14.67 -2.32 2.61
CA CYS B 142 -14.53 -3.41 1.61
C CYS B 142 -13.13 -3.35 0.93
N ARG B 143 -12.74 -2.17 0.45
CA ARG B 143 -11.47 -2.00 -0.33
C ARG B 143 -10.22 -2.23 0.54
N SER B 144 -10.32 -2.16 1.88
CA SER B 144 -9.20 -2.47 2.79
C SER B 144 -8.76 -3.91 2.60
N GLY B 145 -9.66 -4.82 2.21
CA GLY B 145 -9.36 -6.23 2.10
C GLY B 145 -9.31 -6.95 3.43
N ARG B 146 -9.56 -6.27 4.55
CA ARG B 146 -9.24 -6.94 5.86
C ARG B 146 -10.47 -6.94 6.78
N THR B 147 -11.65 -6.60 6.26
CA THR B 147 -12.87 -6.68 7.10
C THR B 147 -14.11 -7.00 6.26
N ASN B 148 -15.11 -7.52 6.92
CA ASN B 148 -16.47 -7.75 6.37
C ASN B 148 -17.46 -6.68 6.80
N PHE B 149 -17.04 -5.69 7.58
CA PHE B 149 -18.00 -4.69 8.09
C PHE B 149 -18.26 -3.64 7.02
N CYS B 150 -19.04 -4.00 6.04
CA CYS B 150 -19.32 -3.14 4.86
C CYS B 150 -20.05 -1.91 5.37
N GLN B 151 -19.68 -0.74 4.86
CA GLN B 151 -20.34 0.52 5.29
C GLN B 151 -21.72 0.71 4.60
N ASN B 152 -21.94 0.03 3.49
CA ASN B 152 -23.22 0.24 2.76
C ASN B 152 -24.26 -0.85 3.07
N TYR B 153 -23.80 -2.06 3.40
CA TYR B 153 -24.67 -3.21 3.71
C TYR B 153 -24.31 -3.74 5.08
N GLY B 154 -24.47 -2.89 6.07
CA GLY B 154 -24.26 -3.28 7.46
C GLY B 154 -25.45 -3.93 8.12
N ALA B 155 -25.33 -4.22 9.43
CA ALA B 155 -26.37 -4.94 10.16
C ALA B 155 -27.67 -4.15 10.16
N ASN B 156 -28.78 -4.76 9.83
CA ASN B 156 -30.09 -4.05 9.85
C ASN B 156 -30.70 -4.09 11.25
N GLU B 157 -30.21 -3.26 12.13
CA GLU B 157 -30.59 -3.31 13.56
C GLU B 157 -32.04 -2.88 13.75
N SER B 158 -32.67 -2.13 12.83
CA SER B 158 -34.08 -1.73 12.98
C SER B 158 -35.04 -2.93 12.93
N ALA B 159 -34.61 -4.06 12.36
CA ALA B 159 -35.48 -5.24 12.18
C ALA B 159 -36.70 -4.88 11.36
N LEU B 160 -36.57 -3.90 10.46
CA LEU B 160 -37.65 -3.46 9.56
C LEU B 160 -37.05 -3.20 8.18
N GLU B 161 -37.94 -2.96 7.24
CA GLU B 161 -37.58 -2.39 5.92
C GLU B 161 -37.21 -0.93 6.13
N PRO B 162 -36.41 -0.35 5.24
CA PRO B 162 -35.95 1.03 5.41
C PRO B 162 -37.10 2.06 5.47
N ASP B 163 -38.25 1.71 4.91
CA ASP B 163 -39.43 2.61 4.97
C ASP B 163 -40.25 2.33 6.22
N GLY B 164 -39.79 1.46 7.10
CA GLY B 164 -40.48 1.14 8.36
C GLY B 164 -41.57 0.08 8.22
N THR B 165 -41.72 -0.50 7.04
CA THR B 165 -42.70 -1.60 6.81
C THR B 165 -42.01 -2.91 7.16
N SER B 166 -42.79 -3.98 7.08
CA SER B 166 -42.25 -5.34 7.17
C SER B 166 -42.95 -6.15 6.11
N ARG B 167 -42.26 -7.11 5.50
CA ARG B 167 -42.92 -8.09 4.60
C ARG B 167 -43.73 -9.11 5.39
N PHE B 168 -43.67 -9.11 6.72
CA PHE B 168 -44.40 -10.09 7.54
C PHE B 168 -45.51 -9.41 8.33
N SER B 169 -46.66 -10.08 8.41
CA SER B 169 -47.80 -9.66 9.26
C SER B 169 -48.54 -10.91 9.68
N TYR B 170 -49.43 -10.74 10.67
CA TYR B 170 -50.32 -11.83 11.02
C TYR B 170 -51.67 -11.22 11.38
N ILE B 171 -52.66 -12.10 11.34
CA ILE B 171 -54.01 -11.74 11.88
C ILE B 171 -54.09 -12.22 13.32
N ASP B 172 -54.24 -11.28 14.27
CA ASP B 172 -54.29 -11.65 15.72
CA ASP B 172 -54.31 -11.57 15.73
C ASP B 172 -55.70 -12.13 16.08
N SER B 173 -55.91 -12.51 17.33
CA SER B 173 -57.15 -13.19 17.78
C SER B 173 -58.34 -12.23 17.70
N ASP B 174 -58.07 -10.91 17.62
CA ASP B 174 -59.08 -9.84 17.51
C ASP B 174 -59.42 -9.60 16.04
N GLY B 175 -58.77 -10.29 15.10
CA GLY B 175 -59.00 -10.16 13.64
C GLY B 175 -58.19 -9.07 12.98
N LYS B 176 -57.29 -8.40 13.72
CA LYS B 176 -56.52 -7.23 13.21
C LYS B 176 -55.18 -7.71 12.62
N LYS B 177 -54.84 -7.14 11.48
CA LYS B 177 -53.52 -7.30 10.83
C LYS B 177 -52.45 -6.55 11.62
N LYS B 178 -51.45 -7.29 12.14
CA LYS B 178 -50.35 -6.68 12.92
C LYS B 178 -48.99 -6.96 12.25
N LEU B 179 -48.10 -6.01 12.39
CA LEU B 179 -46.74 -6.10 11.86
C LEU B 179 -45.93 -7.10 12.70
N LEU B 180 -45.01 -7.79 12.04
CA LEU B 180 -43.97 -8.59 12.70
C LEU B 180 -42.63 -8.03 12.29
N TYR B 181 -41.78 -7.82 13.26
CA TYR B 181 -40.38 -7.43 13.00
C TYR B 181 -39.60 -8.65 12.48
N TYR B 182 -38.49 -8.36 11.79
CA TYR B 182 -37.47 -9.36 11.43
C TYR B 182 -36.60 -9.65 12.64
N LYS B 183 -35.58 -10.50 12.47
CA LYS B 183 -34.45 -10.56 13.39
C LYS B 183 -33.60 -9.32 13.12
N LEU B 184 -32.94 -9.28 11.95
CA LEU B 184 -32.19 -8.09 11.51
C LEU B 184 -32.72 -7.68 10.15
N GLY B 185 -32.15 -8.18 9.07
CA GLY B 185 -32.64 -7.84 7.73
C GLY B 185 -33.65 -8.86 7.19
N CYS B 186 -33.85 -9.94 7.93
CA CYS B 186 -34.68 -11.07 7.55
C CYS B 186 -34.94 -11.89 8.81
N SER B 187 -35.77 -12.90 8.68
CA SER B 187 -35.96 -13.93 9.73
C SER B 187 -35.89 -15.29 9.04
N THR B 188 -35.24 -16.27 9.64
CA THR B 188 -35.10 -17.60 9.05
C THR B 188 -36.10 -18.60 9.61
N TRP B 189 -36.73 -18.36 10.79
CA TRP B 189 -37.60 -19.36 11.44
C TRP B 189 -39.01 -19.24 10.83
N THR B 190 -39.11 -19.47 9.52
CA THR B 190 -40.31 -19.23 8.73
C THR B 190 -40.18 -20.05 7.47
N GLN B 191 -41.30 -20.56 6.98
CA GLN B 191 -41.25 -21.32 5.72
C GLN B 191 -40.89 -20.41 4.54
N TYR B 192 -41.14 -19.11 4.62
CA TYR B 192 -40.80 -18.12 3.58
C TYR B 192 -40.28 -16.83 4.21
N MET B 193 -39.15 -16.37 3.73
CA MET B 193 -38.48 -15.15 4.20
C MET B 193 -38.31 -14.18 3.04
N VAL B 194 -38.10 -12.91 3.38
CA VAL B 194 -37.75 -11.87 2.41
C VAL B 194 -36.47 -11.23 2.87
N VAL B 195 -35.53 -11.08 1.96
CA VAL B 195 -34.27 -10.40 2.31
C VAL B 195 -33.75 -9.59 1.14
N ASP B 196 -33.11 -8.46 1.44
CA ASP B 196 -32.41 -7.65 0.44
C ASP B 196 -31.33 -8.49 -0.21
N SER B 197 -31.28 -8.61 -1.54
CA SER B 197 -30.34 -9.47 -2.29
C SER B 197 -28.88 -9.03 -2.12
N ASN B 198 -28.62 -7.82 -1.61
CA ASN B 198 -27.26 -7.37 -1.32
C ASN B 198 -26.65 -8.13 -0.13
N TYR B 199 -27.47 -8.88 0.56
CA TYR B 199 -26.98 -9.73 1.68
C TYR B 199 -26.93 -11.22 1.31
N ALA B 200 -27.29 -11.63 0.09
CA ALA B 200 -27.38 -13.05 -0.29
C ALA B 200 -26.13 -13.51 -1.05
N THR B 201 -25.85 -14.80 -0.92
CA THR B 201 -24.79 -15.46 -1.69
C THR B 201 -25.24 -16.89 -2.00
N LYS B 202 -24.92 -17.36 -3.20
CA LYS B 202 -25.55 -18.58 -3.71
C LYS B 202 -24.68 -19.81 -3.44
N LEU B 203 -25.35 -20.94 -3.26
CA LEU B 203 -24.68 -22.24 -2.94
C LEU B 203 -24.73 -23.19 -4.14
N ASN B 204 -25.70 -23.04 -5.06
CA ASN B 204 -26.10 -24.16 -5.94
C ASN B 204 -25.11 -24.27 -7.12
N GLU B 205 -24.34 -23.24 -7.42
CA GLU B 205 -23.40 -23.32 -8.56
C GLU B 205 -22.16 -24.08 -8.11
N ILE B 206 -21.68 -23.80 -6.91
CA ILE B 206 -20.41 -24.36 -6.42
C ILE B 206 -20.72 -25.69 -5.75
N ALA B 207 -21.86 -25.76 -5.03
CA ALA B 207 -22.13 -26.92 -4.15
C ALA B 207 -23.56 -27.40 -4.35
N PRO B 208 -23.94 -27.87 -5.55
CA PRO B 208 -25.31 -28.30 -5.81
C PRO B 208 -25.79 -29.47 -4.94
N GLU B 209 -24.89 -30.32 -4.43
CA GLU B 209 -25.32 -31.52 -3.67
C GLU B 209 -25.26 -31.22 -2.17
N LEU B 210 -24.89 -30.02 -1.76
CA LEU B 210 -24.72 -29.80 -0.31
C LEU B 210 -26.06 -29.95 0.39
N PRO B 211 -26.18 -30.74 1.47
CA PRO B 211 -27.49 -30.88 2.11
C PRO B 211 -27.92 -29.60 2.81
N PRO B 212 -29.23 -29.37 3.04
CA PRO B 212 -29.69 -28.13 3.69
C PRO B 212 -29.06 -27.82 5.05
N PRO B 213 -28.91 -28.75 6.03
CA PRO B 213 -28.43 -28.32 7.33
C PRO B 213 -26.97 -27.82 7.27
N HIS B 214 -26.18 -28.33 6.32
CA HIS B 214 -24.79 -27.87 6.13
C HIS B 214 -24.84 -26.46 5.58
N GLY B 215 -25.73 -26.22 4.64
CA GLY B 215 -25.90 -24.84 4.14
C GLY B 215 -26.30 -23.88 5.26
N SER B 216 -27.24 -24.34 6.09
CA SER B 216 -27.70 -23.55 7.25
C SER B 216 -26.51 -23.19 8.15
N ILE B 217 -25.69 -24.14 8.56
CA ILE B 217 -24.57 -23.77 9.44
C ILE B 217 -23.54 -22.93 8.70
N LEU B 218 -23.39 -23.03 7.37
CA LEU B 218 -22.51 -22.13 6.65
C LEU B 218 -23.02 -20.69 6.70
N SER B 219 -24.31 -20.46 6.99
CA SER B 219 -24.86 -19.08 6.99
C SER B 219 -24.44 -18.35 8.28
N CYS B 220 -24.10 -19.08 9.36
CA CYS B 220 -23.63 -18.38 10.58
C CYS B 220 -22.60 -19.22 11.34
N ALA B 221 -23.03 -20.23 12.08
CA ALA B 221 -22.15 -20.95 13.05
C ALA B 221 -20.84 -21.38 12.43
N PHE B 222 -20.90 -22.05 11.28
CA PHE B 222 -19.66 -22.67 10.73
C PHE B 222 -18.76 -21.57 10.16
N ALA B 223 -19.30 -20.67 9.36
CA ALA B 223 -18.55 -19.53 8.83
C ALA B 223 -17.87 -18.79 9.98
N THR B 224 -18.59 -18.62 11.09
CA THR B 224 -18.06 -17.81 12.21
C THR B 224 -16.82 -18.51 12.79
N GLY B 225 -16.92 -19.76 13.22
CA GLY B 225 -15.77 -20.43 13.85
C GLY B 225 -14.66 -20.62 12.84
N TYR B 226 -15.01 -21.06 11.65
CA TYR B 226 -13.99 -21.37 10.63
C TYR B 226 -13.25 -20.08 10.27
N GLY B 227 -14.01 -19.03 9.96
CA GLY B 227 -13.45 -17.74 9.56
C GLY B 227 -12.69 -17.07 10.69
N ALA B 228 -13.14 -17.19 11.94
CA ALA B 228 -12.39 -16.55 13.06
C ALA B 228 -10.94 -17.05 13.07
N VAL B 229 -10.74 -18.33 12.77
CA VAL B 229 -9.40 -18.97 12.69
C VAL B 229 -8.71 -18.65 11.37
N TRP B 230 -9.37 -18.92 10.27
CA TRP B 230 -8.80 -18.78 8.91
C TRP B 230 -8.46 -17.32 8.59
N LEU B 231 -9.42 -16.39 8.71
CA LEU B 231 -9.31 -15.01 8.22
C LEU B 231 -8.87 -14.07 9.33
N ASP B 232 -9.53 -14.10 10.48
CA ASP B 232 -9.36 -12.99 11.44
C ASP B 232 -8.08 -13.21 12.24
N ALA B 233 -7.94 -14.36 12.88
CA ALA B 233 -6.73 -14.74 13.62
C ALA B 233 -5.62 -15.10 12.66
N ALA B 234 -5.94 -15.40 11.41
CA ALA B 234 -4.98 -15.71 10.32
C ALA B 234 -4.01 -16.80 10.82
N VAL B 235 -4.56 -17.90 11.29
CA VAL B 235 -3.78 -19.05 11.84
C VAL B 235 -2.94 -19.60 10.67
N GLN B 236 -1.68 -19.84 10.98
CA GLN B 236 -0.65 -20.39 10.07
C GLN B 236 -0.30 -21.82 10.52
N GLU B 237 0.16 -22.62 9.57
CA GLU B 237 0.81 -23.91 9.92
C GLU B 237 1.83 -23.70 11.03
N GLY B 238 1.75 -24.51 12.07
CA GLY B 238 2.69 -24.50 13.20
C GLY B 238 2.24 -23.59 14.34
N ASP B 239 1.15 -22.81 14.16
CA ASP B 239 0.68 -21.89 15.24
C ASP B 239 0.03 -22.68 16.35
N SER B 240 0.03 -22.11 17.53
CA SER B 240 -0.79 -22.58 18.66
C SER B 240 -2.09 -21.75 18.69
N VAL B 241 -3.19 -22.43 19.06
CA VAL B 241 -4.56 -21.84 19.01
C VAL B 241 -5.24 -22.21 20.31
N ALA B 242 -5.89 -21.26 20.97
CA ALA B 242 -6.85 -21.56 22.05
C ALA B 242 -8.23 -21.17 21.62
N ILE B 243 -9.20 -22.01 21.93
CA ILE B 243 -10.63 -21.81 21.63
C ILE B 243 -11.40 -21.93 22.92
N PHE B 244 -12.05 -20.85 23.32
CA PHE B 244 -12.85 -20.76 24.55
C PHE B 244 -14.32 -20.95 24.17
N GLY B 245 -14.83 -22.16 24.40
CA GLY B 245 -16.22 -22.55 24.10
C GLY B 245 -16.20 -23.38 22.84
N VAL B 246 -16.56 -24.66 22.99
CA VAL B 246 -16.65 -25.60 21.83
C VAL B 246 -18.11 -26.01 21.74
N GLY B 247 -18.97 -25.01 21.51
CA GLY B 247 -20.28 -25.23 20.87
C GLY B 247 -20.08 -25.37 19.37
N SER B 248 -21.11 -25.19 18.56
CA SER B 248 -20.94 -25.37 17.08
C SER B 248 -19.87 -24.40 16.57
N VAL B 249 -19.85 -23.15 17.03
CA VAL B 249 -18.86 -22.18 16.56
C VAL B 249 -17.45 -22.66 16.91
N GLY B 250 -17.17 -23.01 18.15
CA GLY B 250 -15.81 -23.40 18.53
C GLY B 250 -15.39 -24.69 17.86
N ILE B 251 -16.32 -25.60 17.65
CA ILE B 251 -15.92 -26.85 16.99
C ILE B 251 -15.59 -26.52 15.53
N SER B 252 -16.28 -25.58 14.91
CA SER B 252 -15.93 -25.15 13.53
C SER B 252 -14.52 -24.55 13.55
N ALA B 253 -14.18 -23.78 14.57
CA ALA B 253 -12.83 -23.23 14.75
C ALA B 253 -11.80 -24.37 14.86
N VAL B 254 -12.12 -25.44 15.58
CA VAL B 254 -11.20 -26.58 15.71
C VAL B 254 -10.97 -27.13 14.30
N ILE B 255 -12.04 -27.37 13.56
CA ILE B 255 -11.95 -27.94 12.17
C ILE B 255 -11.01 -27.03 11.36
N ALA B 256 -11.20 -25.71 11.39
CA ALA B 256 -10.28 -24.82 10.64
C ALA B 256 -8.84 -24.98 11.13
N ALA B 257 -8.61 -24.99 12.44
CA ALA B 257 -7.25 -24.96 12.99
C ALA B 257 -6.54 -26.27 12.56
N LYS B 258 -7.28 -27.37 12.54
CA LYS B 258 -6.76 -28.67 12.04
C LYS B 258 -6.48 -28.60 10.56
N GLU B 259 -7.38 -28.03 9.79
CA GLU B 259 -7.17 -27.92 8.33
C GLU B 259 -5.89 -27.11 8.08
N LEU B 260 -5.68 -26.04 8.87
CA LEU B 260 -4.56 -25.12 8.67
C LEU B 260 -3.28 -25.65 9.31
N LYS B 261 -3.30 -26.83 9.90
CA LYS B 261 -2.13 -27.56 10.44
C LYS B 261 -1.52 -26.76 11.60
N ALA B 262 -2.37 -26.18 12.45
CA ALA B 262 -1.93 -25.68 13.75
C ALA B 262 -1.15 -26.79 14.48
N LYS B 263 -0.11 -26.44 15.19
CA LYS B 263 0.67 -27.39 16.02
C LYS B 263 -0.10 -27.78 17.25
N GLN B 264 -0.90 -26.86 17.82
CA GLN B 264 -1.52 -27.04 19.13
C GLN B 264 -2.89 -26.37 19.07
N ILE B 265 -3.91 -27.11 19.46
CA ILE B 265 -5.30 -26.59 19.47
C ILE B 265 -5.88 -26.89 20.84
N ILE B 266 -5.93 -25.90 21.69
CA ILE B 266 -6.33 -26.04 23.10
C ILE B 266 -7.78 -25.59 23.23
N VAL B 267 -8.65 -26.46 23.72
CA VAL B 267 -10.08 -26.15 23.85
C VAL B 267 -10.45 -26.06 25.32
N VAL B 268 -11.26 -25.07 25.63
CA VAL B 268 -11.70 -24.75 27.02
C VAL B 268 -13.23 -24.73 27.05
N ASP B 269 -13.82 -25.38 28.02
CA ASP B 269 -15.30 -25.48 28.14
C ASP B 269 -15.61 -26.12 29.48
N ARG B 270 -16.88 -26.26 29.81
CA ARG B 270 -17.26 -27.10 30.95
C ARG B 270 -18.09 -28.32 30.51
N ASN B 271 -18.40 -28.42 29.22
CA ASN B 271 -19.22 -29.54 28.70
C ASN B 271 -18.26 -30.63 28.21
N GLU B 272 -18.17 -31.73 28.96
CA GLU B 272 -17.22 -32.82 28.64
CA GLU B 272 -17.25 -32.85 28.67
C GLU B 272 -17.58 -33.45 27.30
N TYR B 273 -18.87 -33.53 26.93
CA TYR B 273 -19.25 -34.14 25.64
C TYR B 273 -18.66 -33.32 24.49
N LYS B 274 -18.79 -31.98 24.58
CA LYS B 274 -18.32 -31.17 23.44
C LYS B 274 -16.80 -31.03 23.44
N LEU B 275 -16.16 -31.10 24.60
CA LEU B 275 -14.67 -31.17 24.67
C LEU B 275 -14.22 -32.43 23.96
N LYS B 276 -14.94 -33.55 24.20
CA LYS B 276 -14.52 -34.80 23.55
C LYS B 276 -14.74 -34.73 22.07
N MET B 277 -15.86 -34.12 21.62
CA MET B 277 -16.08 -33.98 20.17
C MET B 277 -14.95 -33.14 19.56
N ALA B 278 -14.57 -32.07 20.24
CA ALA B 278 -13.46 -31.20 19.80
C ALA B 278 -12.16 -32.00 19.63
N MET B 279 -11.85 -32.85 20.60
CA MET B 279 -10.65 -33.69 20.53
C MET B 279 -10.74 -34.65 19.35
N GLU B 280 -11.92 -35.18 19.07
CA GLU B 280 -12.09 -36.11 17.95
C GLU B 280 -11.88 -35.41 16.63
N LEU B 281 -12.12 -34.09 16.57
CA LEU B 281 -12.05 -33.35 15.30
C LEU B 281 -10.75 -32.56 15.17
N GLY B 282 -9.80 -32.79 16.07
CA GLY B 282 -8.47 -32.21 15.85
C GLY B 282 -7.92 -31.44 17.02
N ALA B 283 -8.65 -31.21 18.11
CA ALA B 283 -8.05 -30.48 19.24
C ALA B 283 -6.95 -31.37 19.84
N THR B 284 -5.89 -30.75 20.34
CA THR B 284 -4.73 -31.49 20.92
C THR B 284 -4.79 -31.56 22.43
N HIS B 285 -5.41 -30.58 23.09
CA HIS B 285 -5.46 -30.44 24.56
C HIS B 285 -6.83 -29.91 24.92
N ILE B 287 -9.19 -28.47 28.34
CA ILE B 287 -9.31 -27.96 29.69
C ILE B 287 -10.78 -27.82 30.06
N ASN B 288 -11.15 -28.40 31.17
CA ASN B 288 -12.48 -28.23 31.81
C ASN B 288 -12.35 -27.08 32.79
N SER B 289 -12.93 -25.93 32.44
CA SER B 289 -12.82 -24.69 33.25
C SER B 289 -13.45 -24.85 34.63
N GLU B 290 -14.33 -25.82 34.85
CA GLU B 290 -14.95 -26.08 36.18
C GLU B 290 -14.13 -27.09 36.97
N LYS B 291 -13.02 -27.64 36.45
CA LYS B 291 -12.20 -28.65 37.18
C LYS B 291 -10.74 -28.21 37.29
N LEU B 292 -10.50 -26.89 37.35
CA LEU B 292 -9.12 -26.37 37.39
C LEU B 292 -8.55 -26.47 38.80
N PRO B 293 -7.21 -26.70 38.93
CA PRO B 293 -6.55 -26.72 40.23
C PRO B 293 -6.87 -25.42 40.99
N GLU B 294 -6.75 -25.49 42.30
CA GLU B 294 -6.85 -24.31 43.19
C GLU B 294 -5.78 -23.32 42.73
N GLY B 295 -6.18 -22.09 42.44
CA GLY B 295 -5.28 -20.98 42.15
C GLY B 295 -4.97 -20.80 40.66
N VAL B 296 -5.72 -21.45 39.77
CA VAL B 296 -5.41 -21.51 38.30
C VAL B 296 -6.60 -21.01 37.46
N THR B 297 -6.39 -19.96 36.70
CA THR B 297 -7.44 -19.36 35.85
C THR B 297 -7.40 -20.09 34.52
N PRO B 298 -8.44 -19.99 33.68
CA PRO B 298 -8.37 -20.59 32.35
C PRO B 298 -7.18 -20.10 31.50
N SER B 299 -6.83 -18.80 31.55
CA SER B 299 -5.69 -18.26 30.79
C SER B 299 -4.38 -18.86 31.32
N GLN B 300 -4.24 -18.99 32.63
CA GLN B 300 -3.05 -19.64 33.19
C GLN B 300 -2.99 -21.09 32.72
N ALA B 301 -4.10 -21.81 32.76
CA ALA B 301 -4.14 -23.22 32.36
C ALA B 301 -3.70 -23.33 30.90
N VAL B 302 -4.19 -22.45 30.06
CA VAL B 302 -3.76 -22.44 28.64
C VAL B 302 -2.27 -22.14 28.55
N ARG B 303 -1.79 -21.07 29.20
CA ARG B 303 -0.36 -20.73 29.08
C ARG B 303 0.54 -21.86 29.57
N LYS B 304 0.12 -22.57 30.61
CA LYS B 304 0.91 -23.70 31.16
C LYS B 304 1.23 -24.74 30.07
N LEU B 305 0.42 -24.85 29.03
CA LEU B 305 0.63 -25.86 27.94
C LEU B 305 1.54 -25.34 26.84
N THR B 306 2.10 -24.12 26.97
CA THR B 306 2.89 -23.46 25.92
C THR B 306 4.32 -23.27 26.41
N PRO B 307 5.31 -23.21 25.51
CA PRO B 307 6.73 -23.07 25.90
C PRO B 307 6.98 -21.77 26.69
N LYS B 308 7.52 -21.90 27.90
CA LYS B 308 7.84 -20.75 28.79
C LYS B 308 6.57 -19.98 29.14
N GLU B 309 5.42 -20.63 29.01
CA GLU B 309 4.12 -20.07 29.39
C GLU B 309 3.85 -18.79 28.58
N VAL B 310 4.27 -18.78 27.33
CA VAL B 310 4.17 -17.57 26.47
C VAL B 310 2.73 -17.38 26.00
N GLY B 311 1.91 -18.41 25.99
CA GLY B 311 0.52 -18.34 25.49
C GLY B 311 0.45 -18.76 24.03
N VAL B 312 -0.63 -18.36 23.33
CA VAL B 312 -0.96 -18.91 22.00
C VAL B 312 -0.82 -17.86 20.91
N ASP B 313 -0.55 -18.33 19.72
CA ASP B 313 -0.48 -17.46 18.54
C ASP B 313 -1.82 -16.86 18.18
N ALA B 314 -2.93 -17.52 18.53
CA ALA B 314 -4.28 -17.12 18.12
C ALA B 314 -5.24 -17.54 19.22
N SER B 315 -6.07 -16.64 19.68
CA SER B 315 -7.01 -16.90 20.77
C SER B 315 -8.42 -16.55 20.31
N ILE B 316 -9.28 -17.55 20.31
CA ILE B 316 -10.66 -17.46 19.80
C ILE B 316 -11.60 -17.58 20.99
N GLU B 317 -12.52 -16.66 21.10
CA GLU B 317 -13.60 -16.75 22.11
C GLU B 317 -14.90 -17.04 21.38
N SER B 318 -15.59 -18.09 21.73
CA SER B 318 -16.81 -18.60 21.08
C SER B 318 -17.70 -19.20 22.15
N SER B 319 -17.90 -18.51 23.27
CA SER B 319 -18.62 -19.02 24.44
C SER B 319 -19.82 -18.17 24.78
N GLY B 320 -19.68 -16.83 24.68
CA GLY B 320 -20.65 -15.85 25.17
C GLY B 320 -20.50 -15.62 26.66
N TYR B 321 -19.48 -16.21 27.29
CA TYR B 321 -19.19 -15.98 28.72
C TYR B 321 -18.23 -14.79 28.82
N ASP B 322 -18.69 -13.69 29.41
CA ASP B 322 -17.83 -12.49 29.54
C ASP B 322 -16.48 -12.83 30.16
N VAL B 323 -16.44 -13.67 31.19
CA VAL B 323 -15.17 -14.09 31.79
C VAL B 323 -14.22 -14.64 30.71
N PHE B 324 -14.70 -15.50 29.83
CA PHE B 324 -13.84 -16.08 28.78
C PHE B 324 -13.35 -15.06 27.77
N MET B 325 -14.05 -13.95 27.53
CA MET B 325 -13.50 -12.93 26.61
C MET B 325 -12.20 -12.38 27.22
N ASN B 326 -12.20 -12.14 28.54
CA ASN B 326 -11.00 -11.62 29.21
C ASN B 326 -9.95 -12.75 29.27
N GLU B 327 -10.31 -13.98 29.61
CA GLU B 327 -9.34 -15.11 29.67
C GLU B 327 -8.74 -15.30 28.28
N ALA B 328 -9.53 -15.17 27.22
CA ALA B 328 -9.00 -15.37 25.85
C ALA B 328 -7.95 -14.28 25.58
N MET B 329 -8.27 -13.02 25.91
CA MET B 329 -7.33 -11.91 25.75
C MET B 329 -6.02 -12.27 26.46
N LYS B 330 -6.08 -12.75 27.69
CA LYS B 330 -4.87 -13.00 28.50
CA LYS B 330 -4.89 -13.02 28.52
C LYS B 330 -4.11 -14.23 28.01
N ALA B 331 -4.76 -15.15 27.30
CA ALA B 331 -4.05 -16.37 26.85
C ALA B 331 -3.16 -16.12 25.63
N ALA B 332 -3.43 -15.04 24.92
CA ALA B 332 -2.74 -14.72 23.67
C ALA B 332 -1.31 -14.23 23.93
N ILE B 333 -0.37 -14.60 23.03
CA ILE B 333 1.00 -14.04 23.11
C ILE B 333 0.89 -12.52 23.03
N HIS B 334 1.47 -11.83 24.02
CA HIS B 334 1.35 -10.35 24.10
C HIS B 334 1.78 -9.77 22.76
N GLY B 335 1.00 -8.82 22.22
CA GLY B 335 1.34 -8.06 21.03
C GLY B 335 1.18 -8.82 19.72
N LYS B 336 1.82 -9.96 19.63
CA LYS B 336 1.90 -10.75 18.38
C LYS B 336 0.53 -11.36 17.99
N ALA B 337 -0.15 -11.93 18.95
CA ALA B 337 -1.36 -12.73 18.75
C ALA B 337 -2.57 -11.80 18.72
N LYS B 338 -3.63 -12.23 18.08
CA LYS B 338 -4.95 -11.56 18.05
C LYS B 338 -5.91 -12.43 18.83
N THR B 339 -6.76 -11.78 19.63
CA THR B 339 -7.90 -12.41 20.27
C THR B 339 -9.15 -12.05 19.51
N VAL B 340 -9.85 -13.06 18.99
CA VAL B 340 -11.04 -12.87 18.15
C VAL B 340 -12.28 -13.19 19.01
N ILE B 341 -13.10 -12.20 19.28
CA ILE B 341 -14.31 -12.37 20.14
C ILE B 341 -15.51 -12.58 19.21
N THR B 342 -16.09 -13.78 19.19
CA THR B 342 -17.35 -14.07 18.52
C THR B 342 -18.52 -14.13 19.49
N GLY B 343 -18.30 -14.31 20.78
CA GLY B 343 -19.37 -14.51 21.74
C GLY B 343 -20.35 -13.36 21.80
N GLU B 344 -21.57 -13.70 22.20
CA GLU B 344 -22.63 -12.71 22.49
C GLU B 344 -23.34 -13.12 23.77
N GLY B 345 -23.95 -12.13 24.40
CA GLY B 345 -24.69 -12.34 25.64
C GLY B 345 -25.35 -11.06 26.06
N ILE B 346 -26.13 -11.24 27.12
CA ILE B 346 -26.83 -10.12 27.78
C ILE B 346 -26.07 -9.85 29.07
N TYR B 347 -25.21 -8.84 29.05
CA TYR B 347 -24.23 -8.59 30.10
C TYR B 347 -24.72 -7.43 31.00
N GLU B 348 -24.28 -7.51 32.26
CA GLU B 348 -24.43 -6.46 33.32
C GLU B 348 -24.03 -5.11 32.67
N ASN B 349 -24.96 -4.15 32.57
CA ASN B 349 -24.68 -2.78 32.10
C ASN B 349 -24.23 -2.82 30.62
N ASP B 350 -24.57 -3.87 29.86
CA ASP B 350 -24.34 -3.98 28.42
C ASP B 350 -22.85 -3.76 28.10
N ARG B 351 -22.00 -4.28 28.96
CA ARG B 351 -20.55 -4.09 28.76
C ARG B 351 -19.78 -5.34 29.11
N ILE B 352 -18.58 -5.40 28.53
CA ILE B 352 -17.60 -6.45 28.90
C ILE B 352 -16.35 -5.80 29.43
N PHE B 353 -15.50 -6.64 30.02
CA PHE B 353 -14.36 -6.14 30.80
C PHE B 353 -13.07 -6.83 30.37
N PHE B 354 -11.97 -6.09 30.55
CA PHE B 354 -10.63 -6.67 30.37
C PHE B 354 -9.73 -6.22 31.51
N ASP B 355 -8.89 -7.15 31.98
CA ASP B 355 -7.82 -6.83 32.93
C ASP B 355 -6.87 -5.83 32.29
N PHE B 356 -6.71 -4.67 32.90
CA PHE B 356 -6.06 -3.51 32.26
C PHE B 356 -4.56 -3.73 32.03
N LYS B 357 -3.81 -4.22 33.00
CA LYS B 357 -2.35 -4.34 32.85
C LYS B 357 -2.02 -5.32 31.72
N ASP B 358 -2.67 -6.49 31.71
CA ASP B 358 -2.46 -7.47 30.62
C ASP B 358 -2.94 -6.89 29.29
N PHE B 359 -4.03 -6.10 29.30
CA PHE B 359 -4.50 -5.48 28.06
C PHE B 359 -3.50 -4.47 27.53
N LEU B 360 -3.04 -3.53 28.36
CA LEU B 360 -2.10 -2.50 27.86
C LEU B 360 -0.80 -3.16 27.36
N PHE B 361 -0.28 -4.13 28.10
CA PHE B 361 0.97 -4.80 27.77
C PHE B 361 0.71 -5.97 26.79
N GLY B 362 0.05 -5.67 25.67
CA GLY B 362 0.03 -6.52 24.49
C GLY B 362 -1.33 -7.16 24.17
N GLY B 363 -2.41 -6.66 24.75
CA GLY B 363 -3.73 -7.15 24.35
C GLY B 363 -4.08 -6.72 22.94
N ASN B 364 -4.88 -7.52 22.28
CA ASN B 364 -5.23 -7.26 20.86
C ASN B 364 -6.56 -7.98 20.65
N VAL B 365 -7.64 -7.24 20.68
CA VAL B 365 -8.98 -7.86 20.73
C VAL B 365 -9.80 -7.28 19.60
N VAL B 366 -10.47 -8.17 18.87
CA VAL B 366 -11.36 -7.70 17.80
C VAL B 366 -12.73 -8.35 17.96
N GLY B 367 -13.74 -7.56 17.62
CA GLY B 367 -15.10 -8.09 17.45
C GLY B 367 -15.24 -8.72 16.09
N ASN B 368 -15.94 -9.84 16.05
CA ASN B 368 -16.03 -10.67 14.82
C ASN B 368 -17.51 -10.99 14.62
N VAL B 369 -17.99 -10.75 13.41
CA VAL B 369 -19.35 -11.17 12.98
C VAL B 369 -19.17 -12.08 11.78
N THR B 370 -19.78 -13.24 11.89
CA THR B 370 -19.80 -14.24 10.78
C THR B 370 -18.39 -14.62 10.32
N GLY B 371 -17.43 -14.60 11.21
CA GLY B 371 -16.08 -15.11 10.92
C GLY B 371 -15.24 -14.21 10.02
N ARG B 372 -15.70 -12.97 9.78
CA ARG B 372 -15.08 -12.04 8.82
C ARG B 372 -15.25 -12.61 7.43
N VAL B 373 -16.17 -13.57 7.22
CA VAL B 373 -16.25 -14.23 5.88
C VAL B 373 -17.11 -13.34 4.98
N ARG B 374 -16.47 -12.65 4.06
CA ARG B 374 -17.17 -11.72 3.14
C ARG B 374 -18.00 -12.56 2.18
N ILE B 375 -19.25 -12.16 1.95
CA ILE B 375 -20.17 -13.07 1.20
C ILE B 375 -19.75 -13.23 -0.27
N HIS B 376 -19.05 -12.29 -0.91
CA HIS B 376 -18.61 -12.49 -2.31
C HIS B 376 -17.15 -12.93 -2.35
N SER B 377 -16.30 -12.31 -1.57
CA SER B 377 -14.84 -12.49 -1.67
C SER B 377 -14.38 -13.76 -0.96
N ASP B 378 -15.04 -14.18 0.11
CA ASP B 378 -14.49 -15.30 0.93
C ASP B 378 -15.43 -16.51 0.94
N PHE B 379 -16.74 -16.29 0.96
CA PHE B 379 -17.72 -17.37 1.10
C PHE B 379 -17.52 -18.43 0.02
N PRO B 380 -17.34 -18.09 -1.27
CA PRO B 380 -17.21 -19.13 -2.29
C PRO B 380 -16.07 -20.09 -1.92
N GLY B 381 -14.94 -19.55 -1.49
CA GLY B 381 -13.81 -20.38 -1.07
C GLY B 381 -14.20 -21.25 0.11
N LEU B 382 -14.91 -20.69 1.08
CA LEU B 382 -15.30 -21.50 2.25
C LEU B 382 -16.22 -22.66 1.80
N LEU B 383 -17.12 -22.37 0.88
CA LEU B 383 -18.10 -23.37 0.37
C LEU B 383 -17.32 -24.48 -0.36
N ARG B 384 -16.28 -24.14 -1.12
CA ARG B 384 -15.43 -25.17 -1.75
C ARG B 384 -14.73 -25.99 -0.68
N LYS B 385 -14.22 -25.33 0.37
CA LYS B 385 -13.52 -26.07 1.46
C LYS B 385 -14.49 -27.03 2.15
N ALA B 386 -15.75 -26.60 2.34
CA ALA B 386 -16.78 -27.37 3.04
C ALA B 386 -17.04 -28.70 2.33
N GLN B 387 -16.75 -28.81 1.04
CA GLN B 387 -16.99 -30.04 0.23
C GLN B 387 -15.81 -31.02 0.33
N GLU B 388 -14.67 -30.59 0.87
CA GLU B 388 -13.54 -31.51 1.08
C GLU B 388 -13.91 -32.54 2.14
N PRO B 389 -13.45 -33.79 1.99
CA PRO B 389 -13.95 -34.88 2.82
C PRO B 389 -13.80 -34.67 4.33
N VAL B 390 -12.64 -34.19 4.80
CA VAL B 390 -12.42 -34.07 6.27
C VAL B 390 -13.35 -32.95 6.80
N ILE B 391 -13.52 -31.91 6.00
CA ILE B 391 -14.35 -30.73 6.44
C ILE B 391 -15.82 -31.15 6.47
N ARG B 392 -16.29 -31.84 5.44
CA ARG B 392 -17.66 -32.41 5.44
C ARG B 392 -17.82 -33.37 6.61
N ALA B 393 -16.82 -34.20 6.93
CA ALA B 393 -16.94 -35.15 8.05
C ALA B 393 -17.14 -34.36 9.34
N GLY B 394 -16.40 -33.25 9.47
CA GLY B 394 -16.57 -32.45 10.70
C GLY B 394 -17.95 -31.80 10.75
N MET B 395 -18.43 -31.24 9.67
CA MET B 395 -19.81 -30.68 9.61
C MET B 395 -20.84 -31.76 9.96
N ASP B 396 -20.65 -33.00 9.48
CA ASP B 396 -21.58 -34.10 9.78
C ASP B 396 -21.57 -34.39 11.27
N LYS B 397 -20.38 -34.36 11.88
CA LYS B 397 -20.26 -34.59 13.33
C LYS B 397 -20.95 -33.47 14.13
N ILE B 398 -20.79 -32.20 13.75
CA ILE B 398 -21.45 -31.07 14.46
C ILE B 398 -22.97 -31.33 14.43
N LEU B 399 -23.49 -31.66 13.24
CA LEU B 399 -24.93 -31.83 13.00
C LEU B 399 -25.45 -33.16 13.49
N GLY B 400 -24.58 -34.16 13.69
CA GLY B 400 -25.03 -35.56 13.76
C GLY B 400 -25.90 -35.91 12.58
N TYR B 401 -25.40 -35.66 11.38
CA TYR B 401 -26.18 -35.80 10.15
C TYR B 401 -26.23 -37.26 9.67
N ASP B 402 -27.42 -37.72 9.32
CA ASP B 402 -27.65 -39.07 8.70
C ASP B 402 -27.97 -38.84 7.24
N ALA B 403 -27.07 -39.16 6.31
CA ALA B 403 -27.24 -38.90 4.86
C ALA B 403 -28.44 -39.72 4.31
N ALA B 404 -28.76 -40.84 4.92
CA ALA B 404 -29.83 -41.77 4.44
C ALA B 404 -31.18 -41.11 4.63
N THR B 405 -31.40 -40.47 5.79
CA THR B 405 -32.70 -39.86 6.16
C THR B 405 -32.70 -38.34 5.93
N MET B 406 -31.50 -37.75 5.74
CA MET B 406 -31.26 -36.28 5.70
C MET B 406 -31.73 -35.66 7.02
N LYS B 407 -31.64 -36.40 8.11
CA LYS B 407 -32.09 -35.94 9.44
C LYS B 407 -30.86 -35.68 10.32
N CYS B 408 -30.95 -34.64 11.13
CA CYS B 408 -29.92 -34.32 12.14
C CYS B 408 -30.29 -34.88 13.51
N LYS B 409 -29.26 -35.14 14.32
CA LYS B 409 -29.46 -35.77 15.64
C LYS B 409 -30.54 -35.04 16.46
N TYR B 410 -30.45 -33.72 16.53
CA TYR B 410 -31.46 -32.85 17.17
C TYR B 410 -32.14 -32.02 16.07
N GLU B 411 -33.41 -32.37 15.82
CA GLU B 411 -34.18 -31.76 14.71
C GLU B 411 -35.63 -31.66 15.17
N VAL B 412 -36.26 -30.56 14.83
CA VAL B 412 -37.70 -30.35 15.06
C VAL B 412 -38.25 -29.75 13.78
N ASP B 413 -39.52 -30.00 13.49
CA ASP B 413 -40.14 -29.55 12.24
C ASP B 413 -41.19 -28.52 12.58
N ILE B 414 -41.17 -27.38 11.92
CA ILE B 414 -42.11 -26.26 12.15
C ILE B 414 -43.54 -26.72 11.88
N ARG B 415 -43.71 -27.79 11.11
CA ARG B 415 -45.06 -28.26 10.73
C ARG B 415 -45.67 -29.15 11.80
N GLU B 416 -44.99 -29.40 12.91
CA GLU B 416 -45.42 -30.43 13.88
CA GLU B 416 -45.41 -30.40 13.90
C GLU B 416 -45.83 -29.77 15.20
N GLY B 417 -46.04 -28.46 15.21
CA GLY B 417 -46.73 -27.89 16.39
C GLY B 417 -45.78 -27.23 17.40
N THR B 418 -46.36 -26.28 18.14
CA THR B 418 -45.64 -25.50 19.15
C THR B 418 -45.11 -26.38 20.29
N PRO B 419 -45.84 -27.35 20.86
CA PRO B 419 -45.32 -28.17 21.96
C PRO B 419 -43.98 -28.83 21.62
N ALA B 420 -43.83 -29.37 20.42
CA ALA B 420 -42.57 -30.07 20.03
C ALA B 420 -41.44 -29.03 19.95
N LEU B 421 -41.75 -27.85 19.46
CA LEU B 421 -40.74 -26.76 19.40
C LEU B 421 -40.30 -26.36 20.79
N LEU B 422 -41.24 -26.18 21.71
CA LEU B 422 -40.87 -25.75 23.08
C LEU B 422 -39.95 -26.80 23.69
N LYS B 423 -40.23 -28.07 23.46
CA LYS B 423 -39.39 -29.13 24.06
C LYS B 423 -38.00 -29.03 23.42
N ALA B 424 -37.94 -28.86 22.11
CA ALA B 424 -36.65 -28.80 21.40
C ALA B 424 -35.84 -27.61 21.94
N LEU B 425 -36.49 -26.47 22.18
CA LEU B 425 -35.75 -25.30 22.72
C LEU B 425 -35.17 -25.59 24.10
N GLU B 426 -35.92 -26.29 24.95
CA GLU B 426 -35.36 -26.69 26.24
C GLU B 426 -34.17 -27.61 26.01
N GLU B 427 -34.27 -28.49 25.01
CA GLU B 427 -33.23 -29.53 24.75
C GLU B 427 -32.00 -28.93 24.04
N VAL B 428 -32.00 -27.66 23.68
CA VAL B 428 -30.77 -26.95 23.25
C VAL B 428 -29.72 -27.11 24.35
N GLU B 429 -30.13 -27.22 25.62
CA GLU B 429 -29.19 -27.31 26.76
C GLU B 429 -28.73 -28.75 26.98
N ASN B 430 -29.27 -29.73 26.27
CA ASN B 430 -28.78 -31.13 26.43
C ASN B 430 -27.27 -31.13 26.11
N VAL B 431 -26.48 -31.95 26.84
CA VAL B 431 -25.01 -31.87 26.70
C VAL B 431 -24.57 -32.24 25.29
N ASP B 432 -25.31 -33.13 24.63
CA ASP B 432 -24.94 -33.66 23.30
C ASP B 432 -25.73 -32.95 22.22
N CYS B 433 -26.44 -31.86 22.52
CA CYS B 433 -27.03 -31.04 21.43
C CYS B 433 -26.01 -29.99 21.03
N VAL B 434 -25.37 -30.20 19.91
CA VAL B 434 -24.38 -29.25 19.38
C VAL B 434 -25.13 -28.25 18.48
N LYS B 435 -26.01 -28.74 17.62
CA LYS B 435 -26.73 -27.87 16.67
C LYS B 435 -28.13 -28.42 16.44
N LEU B 436 -29.14 -27.79 17.03
CA LEU B 436 -30.57 -28.13 16.74
C LEU B 436 -30.92 -27.56 15.36
N VAL B 437 -31.56 -28.37 14.52
CA VAL B 437 -32.06 -27.97 13.20
C VAL B 437 -33.56 -27.85 13.27
N ILE B 438 -34.06 -26.80 12.64
CA ILE B 438 -35.51 -26.58 12.52
C ILE B 438 -35.80 -26.82 11.05
N LYS B 439 -36.45 -27.95 10.73
CA LYS B 439 -36.84 -28.22 9.34
C LYS B 439 -38.05 -27.34 9.05
N LEU B 440 -38.09 -26.75 7.87
CA LEU B 440 -39.12 -25.80 7.52
C LEU B 440 -39.96 -26.28 6.34
N ASN B 441 -39.37 -27.01 5.41
CA ASN B 441 -40.04 -27.46 4.17
C ASN B 441 -39.41 -28.80 3.80
N ASP B 442 -40.13 -29.55 2.97
CA ASP B 442 -39.56 -30.71 2.28
C ASP B 442 -38.27 -30.26 1.58
N TYR B 443 -37.26 -31.12 1.65
CA TYR B 443 -35.95 -30.91 0.97
C TYR B 443 -35.93 -31.30 -0.54
N ASN C 35 51.60 12.52 7.22
CA ASN C 35 50.78 11.33 6.82
C ASN C 35 50.03 11.57 5.50
N GLY C 36 50.34 12.63 4.74
CA GLY C 36 49.81 12.92 3.39
C GLY C 36 48.43 13.56 3.41
N VAL C 37 47.95 13.97 4.59
CA VAL C 37 46.61 14.57 4.77
C VAL C 37 46.68 16.04 4.36
N ILE C 38 45.73 16.49 3.55
CA ILE C 38 45.62 17.91 3.08
C ILE C 38 44.52 18.57 3.90
N THR C 39 44.77 19.79 4.35
CA THR C 39 43.74 20.64 4.99
C THR C 39 43.35 21.68 3.95
N CYS C 40 42.07 21.81 3.68
CA CYS C 40 41.61 22.76 2.64
C CYS C 40 40.20 23.22 2.97
N LYS C 41 39.72 24.19 2.23
CA LYS C 41 38.32 24.63 2.33
C LYS C 41 37.40 23.67 1.58
N ALA C 42 36.21 23.49 2.12
CA ALA C 42 35.12 22.72 1.47
C ALA C 42 33.78 23.25 1.93
N ILE C 43 32.76 23.03 1.11
CA ILE C 43 31.39 23.53 1.41
C ILE C 43 30.61 22.39 2.03
N MET C 44 30.45 22.48 3.35
CA MET C 44 29.77 21.44 4.16
CA MET C 44 29.77 21.44 4.13
C MET C 44 28.27 21.75 4.22
N LEU C 45 27.49 20.70 4.06
CA LEU C 45 26.03 20.68 4.31
C LEU C 45 25.80 19.92 5.61
N LYS C 46 25.28 20.61 6.62
CA LYS C 46 25.19 20.02 7.98
C LYS C 46 24.07 18.98 8.04
N GLU C 47 23.00 19.24 7.29
CA GLU C 47 21.78 18.42 7.24
C GLU C 47 20.96 18.90 6.06
N ALA C 48 19.92 18.17 5.70
CA ALA C 48 19.07 18.60 4.57
C ALA C 48 18.39 19.92 4.91
N LYS C 49 18.30 20.77 3.89
CA LYS C 49 17.56 22.04 3.95
C LYS C 49 16.13 21.69 3.53
N LEU C 50 15.25 21.41 4.48
CA LEU C 50 13.86 21.03 4.20
C LEU C 50 13.06 22.30 4.09
N PRO C 51 11.79 22.25 3.63
CA PRO C 51 11.06 23.50 3.46
C PRO C 51 10.94 24.31 4.76
N GLY C 52 11.05 25.62 4.65
CA GLY C 52 11.10 26.52 5.81
C GLY C 52 12.52 26.91 6.16
N MET C 53 13.50 26.05 5.88
CA MET C 53 14.90 26.32 6.31
C MET C 53 15.60 27.23 5.30
N SER C 54 16.70 27.86 5.73
CA SER C 54 17.48 28.81 4.92
C SER C 54 18.80 28.15 4.55
N TYR C 55 19.52 28.70 3.59
CA TYR C 55 20.89 28.22 3.30
C TYR C 55 21.81 28.40 4.51
N ALA C 56 21.64 29.51 5.26
CA ALA C 56 22.48 29.78 6.45
C ALA C 56 22.28 28.65 7.47
N ASP C 57 21.11 28.01 7.50
CA ASP C 57 20.87 26.90 8.47
C ASP C 57 21.80 25.72 8.19
N THR C 58 22.19 25.44 6.94
CA THR C 58 22.81 24.13 6.64
C THR C 58 24.15 24.26 5.89
N VAL C 59 24.45 25.40 5.27
CA VAL C 59 25.63 25.52 4.38
C VAL C 59 26.74 26.32 5.04
N GLN C 60 27.95 25.78 5.09
CA GLN C 60 29.11 26.48 5.72
C GLN C 60 30.39 26.09 4.98
N ILE C 61 31.27 27.07 4.73
CA ILE C 61 32.66 26.79 4.26
C ILE C 61 33.48 26.52 5.53
N ILE C 62 34.07 25.35 5.61
CA ILE C 62 34.94 24.98 6.76
C ILE C 62 36.24 24.41 6.23
N ASP C 63 37.20 24.25 7.13
CA ASP C 63 38.44 23.50 6.82
C ASP C 63 38.15 22.04 7.06
N ILE C 64 38.53 21.21 6.08
CA ILE C 64 38.37 19.76 6.17
C ILE C 64 39.74 19.13 5.95
N GLN C 65 39.87 17.90 6.41
CA GLN C 65 41.02 17.01 6.14
C GLN C 65 40.65 16.06 5.00
N VAL C 66 41.52 16.00 4.01
CA VAL C 66 41.40 15.07 2.85
C VAL C 66 42.54 14.08 2.94
N ASP C 67 42.23 12.83 3.23
CA ASP C 67 43.20 11.71 3.32
C ASP C 67 43.82 11.45 1.96
N PRO C 68 45.00 10.79 1.95
CA PRO C 68 45.66 10.43 0.70
C PRO C 68 44.87 9.37 -0.06
N PRO C 69 45.03 9.30 -1.40
CA PRO C 69 44.30 8.34 -2.21
C PRO C 69 44.78 6.91 -1.93
N GLN C 70 43.85 5.96 -1.99
CA GLN C 70 44.11 4.50 -1.86
C GLN C 70 43.80 3.81 -3.19
N ASN C 71 44.28 2.57 -3.35
CA ASN C 71 43.85 1.65 -4.45
C ASN C 71 44.01 2.36 -5.82
N VAL C 72 42.91 2.63 -6.51
CA VAL C 72 42.95 3.29 -7.86
C VAL C 72 42.37 4.70 -7.76
N GLU C 73 42.34 5.29 -6.56
CA GLU C 73 41.81 6.65 -6.35
C GLU C 73 42.75 7.76 -6.87
N LEU C 74 42.14 8.86 -7.34
CA LEU C 74 42.80 10.11 -7.69
C LEU C 74 42.49 11.12 -6.60
N ARG C 75 43.51 11.83 -6.11
CA ARG C 75 43.28 13.04 -5.31
C ARG C 75 43.54 14.22 -6.24
N VAL C 76 42.56 15.09 -6.35
CA VAL C 76 42.43 16.09 -7.42
C VAL C 76 42.36 17.47 -6.77
N LYS C 77 43.24 18.37 -7.19
CA LYS C 77 43.16 19.78 -6.85
C LYS C 77 42.13 20.43 -7.77
N MET C 78 41.01 20.84 -7.20
CA MET C 78 39.88 21.31 -8.01
C MET C 78 40.16 22.73 -8.47
N LEU C 79 39.83 23.04 -9.71
CA LEU C 79 39.96 24.40 -10.25
C LEU C 79 38.66 25.15 -9.97
N CYS C 80 37.53 24.56 -10.37
CA CYS C 80 36.24 25.18 -10.05
C CYS C 80 35.18 24.09 -10.06
N ALA C 81 34.08 24.35 -9.34
CA ALA C 81 32.85 23.58 -9.48
C ALA C 81 31.88 24.55 -10.15
N SER C 82 30.79 24.06 -10.65
CA SER C 82 29.74 24.92 -11.18
C SER C 82 28.44 24.30 -10.65
N VAL C 83 27.44 25.12 -10.51
CA VAL C 83 26.22 24.75 -9.75
C VAL C 83 25.19 24.23 -10.75
N CYS C 84 24.89 22.97 -10.56
CA CYS C 84 23.85 22.22 -11.26
C CYS C 84 22.61 22.37 -10.40
N ARG C 85 21.42 22.38 -10.98
CA ARG C 85 20.19 22.38 -10.14
C ARG C 85 20.23 21.17 -9.22
N THR C 86 20.81 20.06 -9.62
CA THR C 86 20.91 18.86 -8.73
C THR C 86 21.74 19.16 -7.47
N ASP C 87 22.70 20.08 -7.54
CA ASP C 87 23.48 20.47 -6.34
C ASP C 87 22.54 21.18 -5.36
N ILE C 88 21.58 21.98 -5.81
CA ILE C 88 20.59 22.63 -4.91
C ILE C 88 19.61 21.58 -4.39
N LEU C 89 19.16 20.64 -5.20
CA LEU C 89 18.36 19.52 -4.68
C LEU C 89 19.11 18.77 -3.58
N THR C 90 20.41 18.57 -3.71
CA THR C 90 21.23 17.82 -2.75
C THR C 90 21.18 18.61 -1.44
N ILE C 91 21.29 19.93 -1.54
CA ILE C 91 21.18 20.80 -0.34
C ILE C 91 19.83 20.53 0.32
N GLU C 92 18.78 20.31 -0.48
CA GLU C 92 17.41 20.02 -0.01
C GLU C 92 17.24 18.55 0.45
N GLY C 93 18.27 17.71 0.40
CA GLY C 93 18.22 16.29 0.86
C GLY C 93 17.97 15.26 -0.22
N PHE C 94 17.89 15.69 -1.49
CA PHE C 94 17.69 14.76 -2.62
C PHE C 94 18.75 13.64 -2.59
N MET C 95 18.26 12.40 -2.60
CA MET C 95 19.04 11.18 -2.66
C MET C 95 19.97 11.04 -1.46
N ALA C 96 19.71 11.76 -0.36
CA ALA C 96 20.57 11.71 0.83
C ALA C 96 19.76 11.60 2.12
N PRO C 97 18.99 10.52 2.29
CA PRO C 97 18.18 10.38 3.51
C PRO C 97 19.02 10.31 4.79
N THR C 98 20.23 9.74 4.73
CA THR C 98 21.09 9.58 5.94
C THR C 98 22.45 10.24 5.75
N GLN C 99 22.78 10.70 4.54
CA GLN C 99 24.20 10.92 4.15
C GLN C 99 24.57 12.38 4.39
N PHE C 100 24.36 12.83 5.61
CA PHE C 100 24.82 14.14 6.11
C PHE C 100 25.53 13.94 7.44
N PRO C 101 26.50 14.80 7.80
CA PRO C 101 26.91 15.96 7.01
C PRO C 101 27.74 15.52 5.81
N LYS C 102 27.72 16.32 4.74
CA LYS C 102 28.43 15.96 3.47
C LYS C 102 29.16 17.19 2.92
N ILE C 103 30.07 16.94 1.99
CA ILE C 103 30.52 18.01 1.07
C ILE C 103 29.69 17.86 -0.20
N ASN C 104 29.17 18.99 -0.67
CA ASN C 104 28.26 19.00 -1.81
C ASN C 104 29.07 18.86 -3.10
N GLY C 105 28.36 18.61 -4.19
CA GLY C 105 28.86 18.94 -5.53
C GLY C 105 29.19 17.73 -6.38
N HIS C 106 28.71 17.73 -7.61
CA HIS C 106 29.09 16.64 -8.58
C HIS C 106 29.63 17.25 -9.87
N GLU C 107 29.48 18.55 -10.09
CA GLU C 107 29.90 19.23 -11.35
C GLU C 107 31.19 20.00 -11.04
N GLY C 108 32.26 19.67 -11.72
CA GLY C 108 33.55 20.29 -11.45
C GLY C 108 34.67 19.74 -12.27
N VAL C 109 35.82 20.38 -12.19
CA VAL C 109 37.03 19.93 -12.94
C VAL C 109 38.24 20.18 -12.06
N GLY C 110 39.25 19.33 -12.16
CA GLY C 110 40.48 19.56 -11.40
C GLY C 110 41.70 18.87 -11.98
N ILE C 111 42.81 18.97 -11.24
CA ILE C 111 44.14 18.49 -11.71
C ILE C 111 44.60 17.42 -10.72
N ILE C 112 45.04 16.28 -11.24
CA ILE C 112 45.47 15.15 -10.38
C ILE C 112 46.70 15.57 -9.58
N GLU C 113 46.59 15.52 -8.26
CA GLU C 113 47.66 15.89 -7.30
C GLU C 113 48.43 14.63 -6.90
N SER C 114 47.75 13.51 -6.65
CA SER C 114 48.38 12.21 -6.33
C SER C 114 47.40 11.09 -6.68
N MET C 115 47.87 9.84 -6.63
CA MET C 115 47.13 8.66 -7.12
C MET C 115 47.44 7.52 -6.17
N GLY C 116 46.45 6.66 -5.93
CA GLY C 116 46.69 5.43 -5.18
C GLY C 116 47.63 4.53 -5.96
N PRO C 117 48.24 3.54 -5.30
CA PRO C 117 49.32 2.76 -5.90
C PRO C 117 48.90 1.86 -7.09
N ASP C 118 47.62 1.51 -7.20
CA ASP C 118 47.09 0.59 -8.23
C ASP C 118 46.57 1.34 -9.46
N THR C 119 46.56 2.68 -9.44
CA THR C 119 45.99 3.49 -10.54
C THR C 119 46.74 3.19 -11.83
N LYS C 120 46.02 3.05 -12.95
CA LYS C 120 46.55 2.94 -14.32
C LYS C 120 45.95 4.05 -15.18
N ASN C 121 46.63 4.45 -16.25
CA ASN C 121 46.05 5.25 -17.36
C ASN C 121 45.86 6.72 -16.93
N PHE C 122 46.42 7.14 -15.80
CA PHE C 122 46.40 8.56 -15.37
C PHE C 122 47.78 8.97 -14.86
N LYS C 123 48.04 10.27 -14.92
CA LYS C 123 49.32 10.85 -14.45
C LYS C 123 49.00 12.06 -13.58
N VAL C 124 49.83 12.30 -12.57
CA VAL C 124 49.86 13.59 -11.84
C VAL C 124 49.93 14.73 -12.87
N GLY C 125 49.11 15.79 -12.70
CA GLY C 125 49.01 16.91 -13.65
C GLY C 125 47.92 16.78 -14.68
N ASP C 126 47.39 15.56 -14.90
CA ASP C 126 46.24 15.40 -15.82
C ASP C 126 45.05 16.23 -15.31
N VAL C 127 44.32 16.84 -16.22
CA VAL C 127 43.04 17.57 -15.94
C VAL C 127 41.93 16.54 -16.10
N ILE C 128 41.11 16.32 -15.06
CA ILE C 128 40.04 15.27 -15.14
C ILE C 128 38.68 15.85 -14.73
N VAL C 129 37.63 15.24 -15.27
CA VAL C 129 36.25 15.31 -14.71
C VAL C 129 35.88 13.89 -14.29
N ALA C 130 34.99 13.76 -13.30
CA ALA C 130 34.60 12.42 -12.83
C ALA C 130 33.09 12.39 -12.59
N PRO C 131 32.31 12.08 -13.63
CA PRO C 131 30.86 12.02 -13.50
C PRO C 131 30.37 10.78 -12.73
N THR C 132 29.06 10.63 -12.67
CA THR C 132 28.36 9.67 -11.81
C THR C 132 28.62 8.24 -12.26
N LEU C 133 28.74 7.99 -13.56
CA LEU C 133 28.78 6.61 -14.08
C LEU C 133 30.12 6.40 -14.79
N GLY C 134 30.79 5.30 -14.45
CA GLY C 134 31.98 4.80 -15.15
C GLY C 134 31.62 3.96 -16.35
N GLU C 135 32.62 3.38 -17.01
CA GLU C 135 32.39 2.60 -18.24
C GLU C 135 33.35 1.42 -18.26
N CYS C 136 32.94 0.29 -17.71
CA CYS C 136 33.82 -0.89 -17.52
C CYS C 136 34.15 -1.51 -18.88
N GLN C 137 33.29 -1.33 -19.89
CA GLN C 137 33.41 -1.81 -21.28
C GLN C 137 33.22 -3.33 -21.36
N THR C 138 32.96 -4.06 -20.29
CA THR C 138 32.80 -5.54 -20.35
C THR C 138 31.41 -6.04 -19.91
N CYS C 139 30.66 -5.30 -19.09
CA CYS C 139 29.30 -5.73 -18.65
C CYS C 139 28.33 -5.73 -19.85
N SER C 140 27.15 -6.36 -19.69
CA SER C 140 26.21 -6.46 -20.81
C SER C 140 25.61 -5.12 -21.16
N SER C 141 25.50 -4.23 -20.20
CA SER C 141 25.04 -2.84 -20.46
C SER C 141 26.08 -2.09 -21.31
N CYS C 142 27.34 -2.12 -20.91
CA CYS C 142 28.42 -1.46 -21.72
C CYS C 142 28.50 -2.11 -23.10
N ARG C 143 28.42 -3.44 -23.17
CA ARG C 143 28.58 -4.16 -24.47
C ARG C 143 27.38 -3.89 -25.41
N SER C 144 26.23 -3.50 -24.90
CA SER C 144 25.02 -3.18 -25.70
C SER C 144 25.30 -2.03 -26.68
N GLY C 145 26.20 -1.12 -26.33
CA GLY C 145 26.53 0.08 -27.13
C GLY C 145 25.47 1.17 -27.04
N ARG C 146 24.40 1.05 -26.21
CA ARG C 146 23.26 1.99 -26.27
C ARG C 146 22.95 2.58 -24.88
N THR C 147 23.85 2.41 -23.91
CA THR C 147 23.61 3.02 -22.56
C THR C 147 24.92 3.28 -21.86
N ASN C 148 24.87 4.22 -20.94
CA ASN C 148 26.01 4.51 -20.05
C ASN C 148 25.76 3.94 -18.63
N PHE C 149 24.66 3.27 -18.38
CA PHE C 149 24.37 2.73 -17.03
C PHE C 149 25.18 1.44 -16.81
N CYS C 150 26.45 1.59 -16.55
CA CYS C 150 27.39 0.49 -16.32
C CYS C 150 27.00 -0.24 -15.04
N GLN C 151 27.00 -1.57 -15.10
CA GLN C 151 26.66 -2.43 -13.98
C GLN C 151 27.80 -2.49 -12.96
N ASN C 152 29.03 -2.21 -13.37
CA ASN C 152 30.17 -2.36 -12.44
C ASN C 152 30.56 -1.02 -11.83
N TYR C 153 30.34 0.10 -12.53
CA TYR C 153 30.70 1.46 -12.06
C TYR C 153 29.45 2.32 -12.08
N GLY C 154 28.47 1.93 -11.26
CA GLY C 154 27.17 2.60 -11.14
C GLY C 154 27.28 3.77 -10.19
N ALA C 155 26.17 4.48 -10.00
CA ALA C 155 26.06 5.63 -9.11
C ALA C 155 26.43 5.14 -7.70
N ASN C 156 27.35 5.83 -7.06
CA ASN C 156 27.75 5.50 -5.67
C ASN C 156 26.80 6.15 -4.66
N GLU C 157 25.61 5.58 -4.49
CA GLU C 157 24.53 6.18 -3.67
C GLU C 157 24.87 6.18 -2.19
N SER C 158 25.75 5.30 -1.73
CA SER C 158 26.13 5.28 -0.31
C SER C 158 26.80 6.60 0.11
N ALA C 159 27.40 7.32 -0.80
CA ALA C 159 28.15 8.56 -0.55
C ALA C 159 29.35 8.26 0.35
N LEU C 160 29.83 7.01 0.34
CA LEU C 160 31.01 6.54 1.10
C LEU C 160 31.93 5.71 0.22
N GLU C 161 33.12 5.44 0.75
CA GLU C 161 34.03 4.41 0.23
C GLU C 161 33.35 3.06 0.46
N PRO C 162 33.64 2.05 -0.37
CA PRO C 162 33.02 0.72 -0.22
C PRO C 162 33.25 0.06 1.16
N ASP C 163 34.27 0.48 1.89
CA ASP C 163 34.57 -0.05 3.25
C ASP C 163 33.92 0.80 4.33
N GLY C 164 33.07 1.79 3.98
CA GLY C 164 32.31 2.58 4.95
C GLY C 164 33.07 3.80 5.44
N THR C 165 34.32 3.99 5.00
CA THR C 165 35.15 5.15 5.38
C THR C 165 34.82 6.28 4.39
N SER C 166 35.30 7.47 4.72
CA SER C 166 35.36 8.61 3.78
C SER C 166 36.79 9.15 3.81
N ARG C 167 37.26 9.63 2.68
CA ARG C 167 38.53 10.39 2.62
C ARG C 167 38.35 11.78 3.24
N PHE C 168 37.12 12.22 3.54
CA PHE C 168 36.86 13.54 4.14
C PHE C 168 36.50 13.40 5.64
N SER C 169 37.05 14.29 6.45
CA SER C 169 36.66 14.49 7.86
C SER C 169 36.86 15.93 8.28
N TYR C 170 36.34 16.29 9.45
CA TYR C 170 36.54 17.63 10.02
C TYR C 170 36.61 17.47 11.53
N ILE C 171 37.22 18.45 12.19
CA ILE C 171 37.30 18.57 13.68
C ILE C 171 36.07 19.36 14.14
N ASP C 172 35.17 18.74 14.89
CA ASP C 172 33.92 19.36 15.43
C ASP C 172 34.29 20.26 16.60
N SER C 173 33.35 21.08 17.07
CA SER C 173 33.54 22.07 18.16
C SER C 173 34.11 21.39 19.41
N ASP C 174 33.89 20.08 19.60
CA ASP C 174 34.41 19.34 20.77
C ASP C 174 35.80 18.77 20.49
N GLY C 175 36.43 19.16 19.37
CA GLY C 175 37.75 18.68 18.93
C GLY C 175 37.74 17.21 18.50
N LYS C 176 36.57 16.65 18.19
CA LYS C 176 36.42 15.25 17.69
C LYS C 176 36.51 15.26 16.16
N LYS C 177 37.17 14.24 15.60
CA LYS C 177 37.24 13.99 14.14
C LYS C 177 35.90 13.37 13.70
N LYS C 178 35.19 14.02 12.75
CA LYS C 178 33.83 13.59 12.32
C LYS C 178 33.88 13.27 10.83
N LEU C 179 33.25 12.17 10.43
CA LEU C 179 33.14 11.77 9.01
C LEU C 179 32.29 12.80 8.25
N LEU C 180 32.67 13.03 6.98
CA LEU C 180 31.84 13.80 6.00
C LEU C 180 31.52 12.87 4.84
N TYR C 181 30.25 12.76 4.46
CA TYR C 181 29.84 12.01 3.26
C TYR C 181 30.27 12.79 2.00
N TYR C 182 30.38 12.05 0.91
CA TYR C 182 30.50 12.59 -0.47
C TYR C 182 29.13 13.03 -0.94
N LYS C 183 29.06 13.48 -2.19
CA LYS C 183 27.77 13.58 -2.92
C LYS C 183 27.42 12.15 -3.32
N LEU C 184 28.15 11.59 -4.28
CA LEU C 184 28.02 10.17 -4.66
C LEU C 184 29.40 9.55 -4.48
N GLY C 185 30.18 9.45 -5.54
CA GLY C 185 31.52 8.84 -5.49
C GLY C 185 32.59 9.86 -5.11
N CYS C 186 32.22 11.12 -4.97
CA CYS C 186 33.16 12.25 -4.71
C CYS C 186 32.36 13.49 -4.35
N SER C 187 33.02 14.60 -4.05
CA SER C 187 32.36 15.92 -3.89
C SER C 187 33.20 16.95 -4.61
N THR C 188 32.59 17.84 -5.36
CA THR C 188 33.35 18.85 -6.13
C THR C 188 33.42 20.21 -5.39
N TRP C 189 32.67 20.44 -4.31
CA TRP C 189 32.65 21.79 -3.67
C TRP C 189 33.74 21.82 -2.60
N THR C 190 34.96 21.66 -3.04
CA THR C 190 36.12 21.41 -2.17
C THR C 190 37.37 21.75 -2.97
N GLN C 191 38.40 22.21 -2.29
CA GLN C 191 39.66 22.53 -2.97
C GLN C 191 40.34 21.25 -3.43
N TYR C 192 40.11 20.14 -2.73
CA TYR C 192 40.71 18.83 -3.05
C TYR C 192 39.65 17.76 -2.86
N MET C 193 39.51 16.90 -3.85
CA MET C 193 38.54 15.79 -3.78
C MET C 193 39.27 14.48 -4.02
N VAL C 194 38.64 13.38 -3.66
CA VAL C 194 39.17 12.02 -3.95
C VAL C 194 38.11 11.24 -4.69
N VAL C 195 38.49 10.61 -5.79
CA VAL C 195 37.51 9.83 -6.57
C VAL C 195 38.16 8.57 -7.14
N ASP C 196 37.37 7.51 -7.21
CA ASP C 196 37.76 6.27 -7.92
C ASP C 196 38.08 6.59 -9.38
N SER C 197 39.30 6.26 -9.83
CA SER C 197 39.75 6.55 -11.21
C SER C 197 38.92 5.84 -12.28
N ASN C 198 38.10 4.84 -11.92
CA ASN C 198 37.18 4.21 -12.92
C ASN C 198 36.06 5.18 -13.33
N TYR C 199 35.92 6.32 -12.65
CA TYR C 199 34.88 7.34 -12.96
C TYR C 199 35.47 8.56 -13.66
N ALA C 200 36.79 8.55 -13.91
CA ALA C 200 37.56 9.71 -14.36
C ALA C 200 37.82 9.67 -15.86
N THR C 201 37.85 10.80 -16.51
CA THR C 201 38.28 10.88 -17.93
C THR C 201 39.02 12.22 -18.08
N LYS C 202 40.06 12.26 -18.92
CA LYS C 202 41.02 13.40 -18.92
C LYS C 202 40.73 14.36 -20.08
N LEU C 203 40.97 15.66 -19.83
CA LEU C 203 40.72 16.77 -20.79
C LEU C 203 42.03 17.26 -21.41
N ASN C 204 43.15 16.98 -20.79
CA ASN C 204 44.37 17.77 -21.07
C ASN C 204 45.00 17.32 -22.41
N GLU C 205 44.77 16.08 -22.86
CA GLU C 205 45.41 15.58 -24.13
C GLU C 205 44.67 16.14 -25.33
N ILE C 206 43.35 16.19 -25.27
CA ILE C 206 42.50 16.66 -26.39
C ILE C 206 42.34 18.18 -26.34
N ALA C 207 42.23 18.76 -25.13
CA ALA C 207 41.80 20.15 -24.95
C ALA C 207 42.67 20.82 -23.88
N PRO C 208 44.01 20.89 -24.07
CA PRO C 208 44.91 21.43 -23.06
C PRO C 208 44.61 22.90 -22.71
N GLU C 209 43.98 23.63 -23.62
CA GLU C 209 43.72 25.09 -23.45
C GLU C 209 42.27 25.34 -22.99
N LEU C 210 41.49 24.29 -22.67
CA LEU C 210 40.09 24.53 -22.30
C LEU C 210 40.04 25.26 -20.95
N PRO C 211 39.32 26.39 -20.83
CA PRO C 211 39.17 27.05 -19.53
C PRO C 211 38.47 26.18 -18.50
N PRO C 212 38.75 26.34 -17.20
CA PRO C 212 38.09 25.56 -16.16
C PRO C 212 36.57 25.54 -16.16
N PRO C 213 35.82 26.68 -16.25
CA PRO C 213 34.36 26.61 -16.13
C PRO C 213 33.78 25.72 -17.25
N HIS C 214 34.43 25.74 -18.43
CA HIS C 214 33.99 24.91 -19.58
C HIS C 214 34.16 23.43 -19.21
N GLY C 215 35.29 23.03 -18.68
CA GLY C 215 35.55 21.65 -18.20
C GLY C 215 34.48 21.28 -17.17
N SER C 216 34.20 22.20 -16.27
CA SER C 216 33.21 21.93 -15.20
C SER C 216 31.84 21.66 -15.80
N ILE C 217 31.34 22.49 -16.72
CA ILE C 217 30.02 22.15 -17.29
C ILE C 217 30.07 20.87 -18.13
N LEU C 218 31.19 20.55 -18.77
CA LEU C 218 31.34 19.26 -19.49
C LEU C 218 31.19 18.08 -18.51
N SER C 219 31.37 18.27 -17.20
CA SER C 219 31.30 17.13 -16.24
C SER C 219 29.84 16.80 -15.94
N CYS C 220 28.91 17.72 -16.16
CA CYS C 220 27.48 17.42 -15.97
C CYS C 220 26.61 18.21 -16.95
N ALA C 221 26.28 19.46 -16.69
CA ALA C 221 25.21 20.20 -17.38
C ALA C 221 25.37 20.06 -18.90
N PHE C 222 26.55 20.33 -19.44
CA PHE C 222 26.72 20.43 -20.92
C PHE C 222 26.63 19.04 -21.54
N ALA C 223 27.31 18.09 -20.94
CA ALA C 223 27.23 16.68 -21.37
C ALA C 223 25.76 16.23 -21.37
N THR C 224 25.01 16.60 -20.35
CA THR C 224 23.65 16.11 -20.19
C THR C 224 22.77 16.61 -21.33
N GLY C 225 22.72 17.93 -21.55
CA GLY C 225 21.87 18.51 -22.58
C GLY C 225 22.34 18.06 -23.95
N TYR C 226 23.63 18.14 -24.19
CA TYR C 226 24.19 17.83 -25.53
C TYR C 226 23.93 16.34 -25.83
N GLY C 227 24.29 15.45 -24.90
CA GLY C 227 24.12 14.02 -25.07
C GLY C 227 22.67 13.62 -25.19
N ALA C 228 21.73 14.25 -24.46
CA ALA C 228 20.30 13.90 -24.51
C ALA C 228 19.81 14.02 -25.97
N VAL C 229 20.32 15.01 -26.67
CA VAL C 229 19.95 15.28 -28.09
C VAL C 229 20.77 14.38 -29.01
N TRP C 230 22.08 14.40 -28.82
CA TRP C 230 23.03 13.73 -29.75
C TRP C 230 22.91 12.21 -29.65
N LEU C 231 22.98 11.67 -28.43
CA LEU C 231 23.05 10.21 -28.26
C LEU C 231 21.69 9.60 -27.98
N ASP C 232 20.94 10.12 -27.02
CA ASP C 232 19.76 9.39 -26.52
C ASP C 232 18.56 9.60 -27.43
N ALA C 233 18.17 10.84 -27.74
CA ALA C 233 17.09 11.08 -28.72
C ALA C 233 17.60 10.82 -30.15
N ALA C 234 18.92 10.81 -30.34
CA ALA C 234 19.55 10.52 -31.66
C ALA C 234 18.96 11.47 -32.71
N VAL C 235 19.04 12.78 -32.46
CA VAL C 235 18.49 13.81 -33.38
C VAL C 235 19.31 13.76 -34.68
N GLN C 236 18.57 13.81 -35.79
CA GLN C 236 19.14 13.73 -37.15
C GLN C 236 18.95 15.07 -37.83
N GLU C 237 19.71 15.35 -38.88
CA GLU C 237 19.41 16.56 -39.69
C GLU C 237 17.94 16.55 -40.15
N GLY C 238 17.25 17.69 -40.08
CA GLY C 238 15.86 17.91 -40.47
C GLY C 238 14.82 17.51 -39.45
N ASP C 239 15.24 16.94 -38.32
CA ASP C 239 14.33 16.60 -37.20
C ASP C 239 13.72 17.85 -36.55
N SER C 240 12.55 17.67 -35.93
CA SER C 240 11.95 18.65 -35.00
C SER C 240 12.34 18.20 -33.58
N VAL C 241 12.62 19.16 -32.74
CA VAL C 241 13.08 18.87 -31.34
C VAL C 241 12.30 19.82 -30.44
N ALA C 242 11.74 19.33 -29.34
CA ALA C 242 11.16 20.17 -28.27
C ALA C 242 12.02 20.00 -27.01
N ILE C 243 12.28 21.10 -26.33
CA ILE C 243 13.17 21.15 -25.13
C ILE C 243 12.39 21.90 -24.08
N PHE C 244 12.04 21.21 -23.00
CA PHE C 244 11.22 21.72 -21.90
C PHE C 244 12.17 22.10 -20.77
N GLY C 245 12.45 23.39 -20.63
CA GLY C 245 13.38 23.88 -19.61
C GLY C 245 14.68 24.30 -20.25
N VAL C 246 14.98 25.62 -20.32
CA VAL C 246 16.24 26.10 -20.93
C VAL C 246 17.09 26.76 -19.85
N GLY C 247 17.34 26.00 -18.77
CA GLY C 247 18.51 26.23 -17.93
C GLY C 247 19.76 25.81 -18.65
N SER C 248 20.85 25.56 -17.94
CA SER C 248 22.13 25.24 -18.60
C SER C 248 21.98 23.93 -19.38
N VAL C 249 21.24 22.98 -18.85
CA VAL C 249 21.03 21.68 -19.56
C VAL C 249 20.30 21.92 -20.88
N GLY C 250 19.14 22.54 -20.82
CA GLY C 250 18.27 22.77 -21.99
C GLY C 250 19.00 23.63 -23.02
N ILE C 251 19.77 24.63 -22.59
CA ILE C 251 20.53 25.45 -23.58
C ILE C 251 21.60 24.60 -24.26
N SER C 252 22.27 23.68 -23.54
CA SER C 252 23.23 22.70 -24.09
C SER C 252 22.52 21.82 -25.13
N ALA C 253 21.27 21.45 -24.88
CA ALA C 253 20.45 20.66 -25.83
C ALA C 253 20.22 21.49 -27.09
N VAL C 254 19.95 22.79 -26.95
CA VAL C 254 19.68 23.70 -28.10
C VAL C 254 20.96 23.68 -28.93
N ILE C 255 22.10 23.84 -28.30
CA ILE C 255 23.40 23.90 -29.03
C ILE C 255 23.59 22.58 -29.81
N ALA C 256 23.31 21.41 -29.24
CA ALA C 256 23.41 20.10 -29.93
C ALA C 256 22.43 20.07 -31.09
N ALA C 257 21.18 20.49 -30.89
CA ALA C 257 20.11 20.39 -31.91
C ALA C 257 20.55 21.28 -33.09
N LYS C 258 21.14 22.44 -32.80
CA LYS C 258 21.57 23.37 -33.89
C LYS C 258 22.77 22.75 -34.59
N GLU C 259 23.70 22.15 -33.89
CA GLU C 259 24.91 21.53 -34.47
C GLU C 259 24.51 20.37 -35.37
N LEU C 260 23.45 19.65 -34.99
CA LEU C 260 22.99 18.46 -35.74
C LEU C 260 22.01 18.87 -36.84
N LYS C 261 21.76 20.17 -37.03
CA LYS C 261 20.92 20.72 -38.13
C LYS C 261 19.47 20.23 -38.02
N ALA C 262 18.90 20.22 -36.81
CA ALA C 262 17.44 20.10 -36.65
C ALA C 262 16.78 21.20 -37.49
N LYS C 263 15.64 20.89 -38.06
CA LYS C 263 14.79 21.83 -38.83
C LYS C 263 14.09 22.77 -37.87
N GLN C 264 13.71 22.28 -36.69
CA GLN C 264 12.83 23.02 -35.79
C GLN C 264 13.29 22.69 -34.36
N ILE C 265 13.50 23.74 -33.57
CA ILE C 265 13.96 23.57 -32.16
C ILE C 265 13.03 24.43 -31.32
N ILE C 266 12.12 23.81 -30.58
CA ILE C 266 11.05 24.50 -29.85
C ILE C 266 11.44 24.48 -28.38
N VAL C 267 11.60 25.65 -27.78
CA VAL C 267 11.99 25.73 -26.34
C VAL C 267 10.81 26.23 -25.53
N VAL C 268 10.61 25.61 -24.36
CA VAL C 268 9.48 25.88 -23.47
C VAL C 268 10.06 26.23 -22.08
N ASP C 269 9.60 27.32 -21.51
CA ASP C 269 10.08 27.74 -20.17
C ASP C 269 9.20 28.90 -19.71
N ARG C 270 9.29 29.32 -18.44
CA ARG C 270 8.63 30.55 -17.99
C ARG C 270 9.64 31.69 -17.87
N ASN C 271 10.93 31.40 -17.98
CA ASN C 271 11.98 32.44 -17.88
C ASN C 271 12.28 32.99 -19.28
N GLU C 272 11.76 34.19 -19.58
CA GLU C 272 11.89 34.74 -20.96
C GLU C 272 13.34 35.12 -21.29
N TYR C 273 14.18 35.48 -20.30
CA TYR C 273 15.61 35.75 -20.51
C TYR C 273 16.26 34.50 -21.10
N LYS C 274 16.03 33.35 -20.49
CA LYS C 274 16.70 32.11 -20.95
C LYS C 274 16.06 31.62 -22.25
N LEU C 275 14.77 31.85 -22.46
CA LEU C 275 14.13 31.54 -23.77
C LEU C 275 14.84 32.39 -24.84
N LYS C 276 15.10 33.66 -24.57
CA LYS C 276 15.71 34.53 -25.62
C LYS C 276 17.17 34.12 -25.81
N MET C 277 17.86 33.69 -24.77
CA MET C 277 19.21 33.16 -24.95
C MET C 277 19.16 31.93 -25.87
N ALA C 278 18.19 31.02 -25.65
CA ALA C 278 18.08 29.81 -26.48
C ALA C 278 17.86 30.23 -27.94
N MET C 279 16.96 31.18 -28.18
CA MET C 279 16.71 31.70 -29.56
C MET C 279 18.02 32.21 -30.14
N GLU C 280 18.85 32.90 -29.38
CA GLU C 280 20.15 33.43 -29.88
C GLU C 280 21.06 32.29 -30.29
N LEU C 281 20.98 31.12 -29.64
CA LEU C 281 21.92 29.99 -29.85
C LEU C 281 21.33 28.91 -30.76
N GLY C 282 20.18 29.16 -31.37
CA GLY C 282 19.70 28.33 -32.50
C GLY C 282 18.30 27.80 -32.37
N ALA C 283 17.58 28.02 -31.26
CA ALA C 283 16.16 27.62 -31.16
C ALA C 283 15.36 28.40 -32.22
N THR C 284 14.31 27.82 -32.76
CA THR C 284 13.53 28.41 -33.88
C THR C 284 12.20 28.97 -33.37
N HIS C 285 11.69 28.46 -32.24
CA HIS C 285 10.35 28.76 -31.72
C HIS C 285 10.47 28.75 -30.21
N ILE C 287 8.20 29.22 -26.47
CA ILE C 287 6.93 29.21 -25.82
C ILE C 287 7.15 29.56 -24.35
N ASN C 288 6.47 30.59 -23.86
CA ASN C 288 6.36 30.86 -22.41
C ASN C 288 5.15 30.11 -21.91
N SER C 289 5.36 29.05 -21.12
CA SER C 289 4.31 28.15 -20.62
C SER C 289 3.35 28.89 -19.66
N GLU C 290 3.73 30.09 -19.21
CA GLU C 290 2.85 30.95 -18.37
C GLU C 290 2.11 31.97 -19.24
N LYS C 291 2.31 31.97 -20.55
CA LYS C 291 1.62 32.94 -21.44
C LYS C 291 1.00 32.21 -22.64
N LEU C 292 0.42 31.05 -22.38
CA LEU C 292 -0.28 30.27 -23.43
C LEU C 292 -1.76 30.66 -23.41
N PRO C 293 -2.40 30.68 -24.60
CA PRO C 293 -3.84 30.92 -24.65
C PRO C 293 -4.50 30.05 -23.56
N GLU C 294 -5.59 30.53 -22.98
CA GLU C 294 -6.42 29.78 -21.99
C GLU C 294 -6.70 28.36 -22.54
N GLY C 295 -6.44 27.33 -21.72
CA GLY C 295 -6.80 25.94 -22.03
C GLY C 295 -5.78 25.20 -22.90
N VAL C 296 -4.74 25.87 -23.41
CA VAL C 296 -3.70 25.27 -24.30
C VAL C 296 -2.53 24.81 -23.42
N THR C 297 -2.29 23.52 -23.39
CA THR C 297 -1.19 22.91 -22.61
C THR C 297 0.11 23.11 -23.38
N PRO C 298 1.27 23.01 -22.69
CA PRO C 298 2.55 23.07 -23.37
C PRO C 298 2.63 22.05 -24.53
N SER C 299 2.22 20.78 -24.30
CA SER C 299 2.31 19.78 -25.40
C SER C 299 1.42 20.22 -26.59
N GLN C 300 0.23 20.74 -26.34
CA GLN C 300 -0.66 21.18 -27.48
C GLN C 300 0.03 22.33 -28.19
N ALA C 301 0.63 23.24 -27.45
CA ALA C 301 1.32 24.40 -28.06
C ALA C 301 2.46 23.90 -28.94
N VAL C 302 3.23 22.90 -28.50
CA VAL C 302 4.34 22.39 -29.33
C VAL C 302 3.77 21.70 -30.56
N ARG C 303 2.77 20.87 -30.37
CA ARG C 303 2.18 20.09 -31.50
C ARG C 303 1.65 21.08 -32.54
N LYS C 304 1.01 22.18 -32.10
CA LYS C 304 0.45 23.23 -33.04
C LYS C 304 1.54 23.71 -34.02
N LEU C 305 2.81 23.65 -33.67
CA LEU C 305 3.91 24.19 -34.50
C LEU C 305 4.40 23.18 -35.53
N THR C 306 3.89 21.94 -35.52
CA THR C 306 4.46 20.84 -36.34
C THR C 306 3.46 20.51 -37.44
N PRO C 307 3.90 19.94 -38.57
CA PRO C 307 2.99 19.58 -39.67
C PRO C 307 1.89 18.60 -39.21
N LYS C 308 0.61 18.96 -39.41
CA LYS C 308 -0.58 18.14 -39.02
C LYS C 308 -0.53 17.79 -37.54
N GLU C 309 0.08 18.66 -36.72
CA GLU C 309 0.13 18.56 -35.23
C GLU C 309 0.61 17.17 -34.81
N VAL C 310 1.52 16.62 -35.59
CA VAL C 310 2.08 15.27 -35.34
C VAL C 310 3.02 15.30 -34.13
N GLY C 311 3.51 16.46 -33.71
CA GLY C 311 4.54 16.53 -32.65
C GLY C 311 5.96 16.53 -33.16
N VAL C 312 6.91 16.25 -32.27
CA VAL C 312 8.34 16.39 -32.53
C VAL C 312 9.04 15.02 -32.61
N ASP C 313 10.10 14.97 -33.41
CA ASP C 313 10.95 13.79 -33.64
C ASP C 313 11.71 13.46 -32.36
N ALA C 314 11.91 14.43 -31.47
CA ALA C 314 12.74 14.25 -30.25
C ALA C 314 12.18 15.21 -29.21
N SER C 315 11.94 14.74 -27.99
CA SER C 315 11.38 15.58 -26.91
C SER C 315 12.28 15.47 -25.71
N ILE C 316 12.84 16.59 -25.27
CA ILE C 316 13.87 16.63 -24.20
C ILE C 316 13.25 17.33 -23.00
N GLU C 317 13.26 16.69 -21.83
CA GLU C 317 12.77 17.39 -20.61
C GLU C 317 14.03 17.69 -19.83
N SER C 318 14.19 18.96 -19.44
CA SER C 318 15.41 19.46 -18.78
C SER C 318 14.97 20.59 -17.82
N SER C 319 13.93 20.36 -17.05
CA SER C 319 13.28 21.40 -16.20
C SER C 319 13.26 20.97 -14.74
N GLY C 320 13.06 19.69 -14.48
CA GLY C 320 12.79 19.22 -13.11
C GLY C 320 11.35 19.43 -12.73
N TYR C 321 10.52 19.99 -13.60
CA TYR C 321 9.09 20.19 -13.32
C TYR C 321 8.35 18.92 -13.73
N ASP C 322 7.73 18.19 -12.81
CA ASP C 322 7.03 16.91 -13.09
C ASP C 322 6.00 17.11 -14.19
N VAL C 323 5.32 18.25 -14.22
CA VAL C 323 4.26 18.49 -15.23
C VAL C 323 4.91 18.41 -16.61
N PHE C 324 6.10 18.97 -16.73
CA PHE C 324 6.78 19.03 -18.05
C PHE C 324 7.26 17.65 -18.46
N MET C 325 7.50 16.72 -17.54
CA MET C 325 7.89 15.37 -17.96
C MET C 325 6.72 14.72 -18.72
N ASN C 326 5.48 14.93 -18.27
CA ASN C 326 4.25 14.46 -18.93
C ASN C 326 4.05 15.26 -20.22
N GLU C 327 4.19 16.59 -20.18
CA GLU C 327 4.02 17.40 -21.43
C GLU C 327 5.05 16.94 -22.46
N ALA C 328 6.30 16.68 -22.04
CA ALA C 328 7.35 16.25 -22.99
C ALA C 328 6.92 14.93 -23.65
N MET C 329 6.45 13.97 -22.87
CA MET C 329 5.95 12.67 -23.39
C MET C 329 4.86 12.90 -24.44
N LYS C 330 3.93 13.80 -24.17
CA LYS C 330 2.75 14.08 -25.02
C LYS C 330 3.21 14.80 -26.29
N ALA C 331 4.30 15.56 -26.28
CA ALA C 331 4.74 16.38 -27.43
C ALA C 331 5.36 15.51 -28.51
N ALA C 332 5.94 14.37 -28.15
CA ALA C 332 6.65 13.48 -29.08
C ALA C 332 5.69 12.83 -30.09
N ILE C 333 6.19 12.66 -31.32
CA ILE C 333 5.49 11.83 -32.32
C ILE C 333 5.30 10.44 -31.72
N HIS C 334 4.04 10.02 -31.69
CA HIS C 334 3.65 8.71 -31.09
C HIS C 334 4.58 7.65 -31.68
N GLY C 335 5.21 6.84 -30.84
CA GLY C 335 5.96 5.65 -31.30
C GLY C 335 7.36 5.99 -31.77
N LYS C 336 7.44 6.84 -32.78
CA LYS C 336 8.67 7.11 -33.52
C LYS C 336 9.66 7.83 -32.60
N ALA C 337 9.20 8.86 -31.89
CA ALA C 337 10.06 9.79 -31.15
C ALA C 337 10.33 9.22 -29.74
N LYS C 338 11.47 9.59 -29.21
CA LYS C 338 11.83 9.31 -27.81
C LYS C 338 11.68 10.60 -27.01
N THR C 339 11.22 10.47 -25.77
CA THR C 339 11.16 11.53 -24.76
C THR C 339 12.29 11.24 -23.80
N VAL C 340 13.23 12.15 -23.66
CA VAL C 340 14.43 11.91 -22.82
C VAL C 340 14.24 12.76 -21.59
N ILE C 341 14.12 12.11 -20.43
CA ILE C 341 13.91 12.83 -19.15
C ILE C 341 15.25 13.01 -18.48
N THR C 342 15.69 14.25 -18.28
CA THR C 342 16.91 14.57 -17.52
C THR C 342 16.53 15.22 -16.19
N GLY C 343 15.34 15.75 -16.06
CA GLY C 343 15.00 16.58 -14.89
C GLY C 343 15.02 15.77 -13.61
N GLU C 344 15.30 16.46 -12.52
CA GLU C 344 15.22 15.91 -11.15
C GLU C 344 14.46 16.87 -10.27
N GLY C 345 13.96 16.35 -9.16
CA GLY C 345 13.20 17.15 -8.21
C GLY C 345 12.82 16.30 -7.04
N ILE C 346 12.25 16.93 -6.02
CA ILE C 346 11.79 16.19 -4.82
C ILE C 346 10.28 16.15 -4.95
N TYR C 347 9.79 15.02 -5.38
CA TYR C 347 8.38 14.87 -5.81
C TYR C 347 7.60 14.27 -4.66
N GLU C 348 6.31 14.56 -4.60
CA GLU C 348 5.38 13.90 -3.63
C GLU C 348 5.47 12.38 -3.86
N ASN C 349 5.74 11.60 -2.80
CA ASN C 349 5.80 10.12 -2.82
C ASN C 349 6.86 9.64 -3.83
N ASP C 350 7.89 10.47 -4.11
CA ASP C 350 8.99 10.15 -5.06
C ASP C 350 8.40 9.54 -6.32
N ARG C 351 7.36 10.14 -6.87
CA ARG C 351 6.84 9.57 -8.12
C ARG C 351 6.46 10.67 -9.07
N ILE C 352 6.50 10.30 -10.33
CA ILE C 352 5.99 11.12 -11.44
C ILE C 352 4.83 10.39 -12.12
N PHE C 353 4.13 11.10 -12.97
CA PHE C 353 2.85 10.64 -13.56
C PHE C 353 2.91 10.88 -15.07
N PHE C 354 2.22 10.04 -15.80
CA PHE C 354 1.96 10.19 -17.25
C PHE C 354 0.49 9.95 -17.52
N ASP C 355 -0.08 10.75 -18.41
CA ASP C 355 -1.42 10.52 -18.95
C ASP C 355 -1.45 9.16 -19.64
N PHE C 356 -2.35 8.27 -19.22
CA PHE C 356 -2.29 6.84 -19.60
C PHE C 356 -2.59 6.64 -21.09
N LYS C 357 -3.70 7.20 -21.60
CA LYS C 357 -4.08 6.94 -23.01
C LYS C 357 -2.95 7.41 -23.93
N ASP C 358 -2.43 8.65 -23.73
CA ASP C 358 -1.35 9.17 -24.60
C ASP C 358 -0.10 8.29 -24.46
N PHE C 359 0.17 7.80 -23.26
CA PHE C 359 1.34 6.94 -23.01
C PHE C 359 1.18 5.61 -23.74
N LEU C 360 0.05 4.95 -23.59
CA LEU C 360 -0.08 3.63 -24.22
C LEU C 360 0.04 3.78 -25.73
N PHE C 361 -0.67 4.77 -26.30
CA PHE C 361 -0.69 4.95 -27.78
C PHE C 361 0.55 5.70 -28.26
N GLY C 362 1.75 5.21 -27.92
CA GLY C 362 3.01 5.65 -28.54
C GLY C 362 3.93 6.41 -27.62
N GLY C 363 3.70 6.42 -26.30
CA GLY C 363 4.69 7.06 -25.41
C GLY C 363 5.98 6.29 -25.38
N ASN C 364 7.07 7.01 -25.17
CA ASN C 364 8.39 6.40 -25.23
C ASN C 364 9.30 7.26 -24.38
N VAL C 365 9.53 6.83 -23.14
CA VAL C 365 10.16 7.72 -22.17
C VAL C 365 11.39 7.01 -21.62
N VAL C 366 12.49 7.74 -21.53
CA VAL C 366 13.72 7.16 -20.94
C VAL C 366 14.30 8.09 -19.87
N GLY C 367 14.84 7.50 -18.81
CA GLY C 367 15.65 8.24 -17.83
C GLY C 367 17.06 8.41 -18.37
N ASN C 368 17.62 9.59 -18.19
CA ASN C 368 18.97 9.93 -18.74
C ASN C 368 19.79 10.50 -17.60
N VAL C 369 20.99 9.96 -17.44
CA VAL C 369 22.03 10.53 -16.54
C VAL C 369 23.24 10.92 -17.38
N THR C 370 23.63 12.21 -17.27
CA THR C 370 24.83 12.78 -17.92
C THR C 370 24.71 12.58 -19.44
N GLY C 371 23.51 12.71 -19.98
CA GLY C 371 23.38 12.78 -21.45
C GLY C 371 23.60 11.43 -22.11
N ARG C 372 23.77 10.34 -21.37
CA ARG C 372 24.14 8.99 -21.91
C ARG C 372 25.60 9.09 -22.42
N VAL C 373 26.35 10.10 -22.00
CA VAL C 373 27.71 10.33 -22.57
C VAL C 373 28.70 9.43 -21.80
N ARG C 374 29.06 8.31 -22.38
CA ARG C 374 29.99 7.35 -21.77
C ARG C 374 31.40 7.97 -21.66
N ILE C 375 32.04 7.81 -20.50
CA ILE C 375 33.27 8.59 -20.17
C ILE C 375 34.40 8.21 -21.12
N HIS C 376 34.44 6.99 -21.66
CA HIS C 376 35.56 6.56 -22.54
C HIS C 376 35.09 6.58 -23.97
N SER C 377 33.92 6.04 -24.25
CA SER C 377 33.48 5.88 -25.66
C SER C 377 32.99 7.20 -26.25
N ASP C 378 32.32 8.08 -25.49
CA ASP C 378 31.61 9.25 -26.08
C ASP C 378 32.25 10.57 -25.64
N PHE C 379 32.75 10.66 -24.41
CA PHE C 379 33.22 11.94 -23.83
C PHE C 379 34.35 12.55 -24.68
N PRO C 380 35.35 11.78 -25.15
CA PRO C 380 36.39 12.41 -25.98
C PRO C 380 35.84 13.13 -27.23
N GLY C 381 34.88 12.51 -27.92
CA GLY C 381 34.18 13.16 -29.05
C GLY C 381 33.47 14.41 -28.63
N LEU C 382 32.81 14.39 -27.47
CA LEU C 382 32.12 15.60 -26.98
C LEU C 382 33.17 16.67 -26.71
N LEU C 383 34.25 16.30 -26.06
CA LEU C 383 35.32 17.26 -25.71
C LEU C 383 35.88 17.93 -26.98
N ARG C 384 36.08 17.17 -28.07
CA ARG C 384 36.53 17.76 -29.36
C ARG C 384 35.48 18.70 -29.92
N LYS C 385 34.20 18.31 -29.87
CA LYS C 385 33.09 19.11 -30.37
C LYS C 385 33.10 20.45 -29.64
N ALA C 386 33.37 20.42 -28.34
CA ALA C 386 33.26 21.60 -27.46
C ALA C 386 34.21 22.67 -27.94
N GLN C 387 35.29 22.27 -28.64
CA GLN C 387 36.37 23.18 -29.09
C GLN C 387 36.01 23.87 -30.41
N GLU C 388 34.96 23.46 -31.09
CA GLU C 388 34.56 24.08 -32.37
C GLU C 388 33.96 25.45 -32.03
N PRO C 389 34.21 26.47 -32.88
CA PRO C 389 33.90 27.84 -32.49
C PRO C 389 32.43 28.07 -32.13
N VAL C 390 31.45 27.46 -32.81
CA VAL C 390 30.02 27.75 -32.56
C VAL C 390 29.67 27.12 -31.20
N ILE C 391 30.26 25.95 -30.91
CA ILE C 391 29.97 25.23 -29.64
C ILE C 391 30.62 26.01 -28.48
N ARG C 392 31.89 26.36 -28.62
CA ARG C 392 32.61 27.21 -27.63
C ARG C 392 31.84 28.53 -27.40
N ALA C 393 31.30 29.19 -28.44
CA ALA C 393 30.51 30.42 -28.30
C ALA C 393 29.28 30.15 -27.44
N GLY C 394 28.65 28.98 -27.63
CA GLY C 394 27.40 28.67 -26.89
C GLY C 394 27.74 28.45 -25.43
N MET C 395 28.82 27.75 -25.16
CA MET C 395 29.32 27.50 -23.78
C MET C 395 29.67 28.83 -23.12
N ASP C 396 30.27 29.75 -23.87
CA ASP C 396 30.59 31.09 -23.33
C ASP C 396 29.29 31.80 -22.94
N LYS C 397 28.22 31.69 -23.73
CA LYS C 397 26.95 32.40 -23.49
C LYS C 397 26.32 31.79 -22.24
N ILE C 398 26.33 30.44 -22.10
CA ILE C 398 25.78 29.77 -20.87
C ILE C 398 26.50 30.37 -19.66
N LEU C 399 27.82 30.41 -19.72
CA LEU C 399 28.67 30.80 -18.57
C LEU C 399 28.74 32.34 -18.44
N GLY C 400 28.49 33.10 -19.51
CA GLY C 400 28.85 34.52 -19.48
C GLY C 400 30.34 34.68 -19.26
N TYR C 401 31.15 33.93 -20.02
CA TYR C 401 32.59 33.81 -19.83
C TYR C 401 33.30 34.99 -20.51
N ASP C 402 34.23 35.56 -19.78
CA ASP C 402 35.14 36.64 -20.24
C ASP C 402 36.53 36.01 -20.38
N ALA C 403 36.98 35.71 -21.60
CA ALA C 403 38.27 35.01 -21.81
C ALA C 403 39.43 35.86 -21.26
N ALA C 404 39.32 37.18 -21.36
CA ALA C 404 40.38 38.12 -20.91
C ALA C 404 40.64 37.93 -19.41
N THR C 405 39.59 37.84 -18.59
CA THR C 405 39.70 37.80 -17.10
C THR C 405 39.50 36.38 -16.57
N MET C 406 38.98 35.46 -17.38
CA MET C 406 38.64 34.06 -16.96
C MET C 406 37.55 34.10 -15.87
N LYS C 407 36.69 35.11 -15.91
CA LYS C 407 35.55 35.29 -14.95
C LYS C 407 34.25 34.97 -15.68
N CYS C 408 33.33 34.31 -14.97
CA CYS C 408 31.95 34.06 -15.44
C CYS C 408 31.00 35.10 -14.83
N LYS C 409 29.88 35.39 -15.49
CA LYS C 409 28.89 36.43 -15.09
C LYS C 409 28.54 36.23 -13.61
N TYR C 410 28.22 34.99 -13.24
CA TYR C 410 27.87 34.62 -11.85
C TYR C 410 28.98 33.71 -11.36
N GLU C 411 29.78 34.22 -10.44
CA GLU C 411 30.95 33.51 -9.92
C GLU C 411 31.15 33.89 -8.45
N VAL C 412 31.51 32.91 -7.64
CA VAL C 412 31.82 33.09 -6.20
C VAL C 412 33.06 32.26 -5.94
N ASP C 413 33.92 32.71 -5.04
CA ASP C 413 35.20 32.03 -4.74
C ASP C 413 35.08 31.46 -3.32
N ILE C 414 35.36 30.18 -3.16
CA ILE C 414 35.26 29.46 -1.86
C ILE C 414 36.14 30.16 -0.81
N ARG C 415 37.16 30.91 -1.26
CA ARG C 415 38.16 31.52 -0.33
C ARG C 415 37.61 32.83 0.23
N GLU C 416 36.41 33.26 -0.17
CA GLU C 416 35.88 34.60 0.15
C GLU C 416 34.81 34.53 1.24
N GLY C 417 34.63 33.37 1.86
CA GLY C 417 33.80 33.23 3.05
C GLY C 417 32.37 32.75 2.79
N THR C 418 31.75 32.33 3.88
CA THR C 418 30.39 31.77 3.88
C THR C 418 29.41 32.84 3.41
N PRO C 419 29.38 34.08 3.95
CA PRO C 419 28.35 35.03 3.55
C PRO C 419 28.25 35.26 2.03
N ALA C 420 29.41 35.36 1.34
CA ALA C 420 29.45 35.54 -0.14
C ALA C 420 28.76 34.33 -0.80
N LEU C 421 29.08 33.15 -0.31
CA LEU C 421 28.54 31.90 -0.87
C LEU C 421 27.01 31.88 -0.68
N LEU C 422 26.51 32.18 0.52
CA LEU C 422 25.06 32.14 0.75
C LEU C 422 24.35 33.11 -0.21
N LYS C 423 24.90 34.30 -0.42
CA LYS C 423 24.30 35.29 -1.36
C LYS C 423 24.31 34.67 -2.77
N ALA C 424 25.43 34.08 -3.17
CA ALA C 424 25.56 33.48 -4.52
C ALA C 424 24.52 32.35 -4.67
N LEU C 425 24.31 31.53 -3.63
CA LEU C 425 23.28 30.45 -3.68
C LEU C 425 21.87 31.04 -3.84
N GLU C 426 21.52 32.16 -3.19
CA GLU C 426 20.23 32.84 -3.45
C GLU C 426 20.22 33.30 -4.91
N GLU C 427 21.33 33.83 -5.42
CA GLU C 427 21.36 34.44 -6.77
C GLU C 427 21.33 33.39 -7.88
N VAL C 428 21.39 32.10 -7.55
CA VAL C 428 21.09 31.00 -8.53
C VAL C 428 19.70 31.21 -9.13
N GLU C 429 18.78 31.80 -8.39
CA GLU C 429 17.38 32.03 -8.79
C GLU C 429 17.27 33.32 -9.62
N ASN C 430 18.33 34.10 -9.79
CA ASN C 430 18.26 35.37 -10.56
C ASN C 430 17.89 35.00 -11.99
N VAL C 431 17.05 35.82 -12.61
CA VAL C 431 16.50 35.57 -13.97
C VAL C 431 17.65 35.30 -14.95
N ASP C 432 18.79 35.97 -14.85
CA ASP C 432 19.89 35.89 -15.86
C ASP C 432 21.05 35.02 -15.34
N CYS C 433 20.88 34.31 -14.24
CA CYS C 433 21.88 33.33 -13.78
C CYS C 433 21.57 32.01 -14.44
N VAL C 434 22.34 31.73 -15.47
CA VAL C 434 22.26 30.41 -16.15
C VAL C 434 23.16 29.41 -15.46
N LYS C 435 24.36 29.81 -15.07
CA LYS C 435 25.32 28.85 -14.48
C LYS C 435 26.23 29.58 -13.52
N LEU C 436 25.99 29.38 -12.23
CA LEU C 436 26.89 29.91 -11.19
C LEU C 436 28.14 29.04 -11.12
N VAL C 437 29.31 29.68 -11.11
CA VAL C 437 30.62 28.98 -10.98
C VAL C 437 31.16 29.23 -9.57
N ILE C 438 31.66 28.16 -8.96
CA ILE C 438 32.37 28.25 -7.66
C ILE C 438 33.86 28.04 -7.94
N LYS C 439 34.63 29.14 -7.86
CA LYS C 439 36.09 29.09 -8.03
C LYS C 439 36.70 28.50 -6.77
N LEU C 440 37.62 27.59 -6.95
CA LEU C 440 38.15 26.79 -5.81
C LEU C 440 39.65 27.02 -5.63
N ASN C 441 40.36 27.35 -6.70
CA ASN C 441 41.82 27.53 -6.67
C ASN C 441 42.20 28.47 -7.80
N ASP C 442 43.43 29.02 -7.79
CA ASP C 442 43.89 29.85 -8.93
C ASP C 442 44.00 28.97 -10.19
N TYR C 443 43.70 29.52 -11.35
CA TYR C 443 43.66 28.78 -12.64
C TYR C 443 45.06 28.64 -13.27
N GLY D 36 -26.40 -4.77 -51.10
CA GLY D 36 -27.55 -4.26 -50.26
C GLY D 36 -27.33 -4.48 -48.77
N VAL D 37 -28.37 -4.29 -47.97
CA VAL D 37 -28.30 -4.26 -46.48
C VAL D 37 -28.40 -5.69 -45.94
N ILE D 38 -27.47 -6.06 -45.06
CA ILE D 38 -27.55 -7.36 -44.33
C ILE D 38 -28.19 -7.18 -42.96
N THR D 39 -29.07 -8.10 -42.58
CA THR D 39 -29.60 -8.19 -41.20
C THR D 39 -28.93 -9.40 -40.55
N CYS D 40 -28.38 -9.19 -39.38
CA CYS D 40 -27.63 -10.26 -38.68
C CYS D 40 -27.58 -9.99 -37.19
N LYS D 41 -27.06 -10.97 -36.46
CA LYS D 41 -26.95 -10.83 -34.99
C LYS D 41 -25.68 -10.07 -34.65
N ALA D 42 -25.73 -9.33 -33.58
CA ALA D 42 -24.57 -8.58 -33.07
C ALA D 42 -24.80 -8.32 -31.60
N ILE D 43 -23.70 -8.06 -30.90
CA ILE D 43 -23.69 -7.86 -29.44
C ILE D 43 -23.69 -6.37 -29.20
N MET D 44 -24.87 -5.87 -28.83
CA MET D 44 -25.05 -4.44 -28.54
C MET D 44 -24.70 -4.17 -27.08
N LEU D 45 -23.95 -3.11 -26.83
CA LEU D 45 -23.75 -2.50 -25.49
C LEU D 45 -24.64 -1.25 -25.40
N LYS D 46 -25.54 -1.17 -24.43
CA LYS D 46 -26.54 -0.05 -24.41
C LYS D 46 -25.89 1.22 -23.83
N GLU D 47 -25.03 1.07 -22.83
CA GLU D 47 -24.39 2.14 -22.07
C GLU D 47 -23.24 1.50 -21.31
N ALA D 48 -22.38 2.31 -20.68
CA ALA D 48 -21.25 1.79 -19.88
C ALA D 48 -21.81 0.97 -18.72
N LYS D 49 -21.17 -0.18 -18.46
CA LYS D 49 -21.44 -1.00 -17.27
C LYS D 49 -20.57 -0.45 -16.15
N LEU D 50 -21.13 0.42 -15.31
CA LEU D 50 -20.36 1.08 -14.24
C LEU D 50 -20.40 0.20 -13.00
N PRO D 51 -19.57 0.46 -11.98
CA PRO D 51 -19.60 -0.38 -10.78
C PRO D 51 -21.04 -0.52 -10.25
N GLY D 52 -21.43 -1.72 -9.83
CA GLY D 52 -22.79 -2.03 -9.34
C GLY D 52 -23.63 -2.63 -10.44
N MET D 53 -23.39 -2.24 -11.69
CA MET D 53 -24.23 -2.69 -12.81
C MET D 53 -23.82 -4.10 -13.22
N SER D 54 -24.78 -4.86 -13.75
CA SER D 54 -24.59 -6.24 -14.24
C SER D 54 -24.39 -6.21 -15.75
N TYR D 55 -23.89 -7.31 -16.30
CA TYR D 55 -23.85 -7.50 -17.76
C TYR D 55 -25.29 -7.46 -18.31
N ALA D 56 -26.29 -8.01 -17.60
CA ALA D 56 -27.69 -7.99 -18.07
C ALA D 56 -28.16 -6.56 -18.26
N ASP D 57 -27.67 -5.64 -17.45
CA ASP D 57 -28.03 -4.20 -17.59
C ASP D 57 -27.63 -3.66 -18.97
N THR D 58 -26.52 -4.08 -19.57
CA THR D 58 -25.96 -3.35 -20.74
C THR D 58 -25.78 -4.20 -21.99
N VAL D 59 -25.70 -5.52 -21.87
CA VAL D 59 -25.30 -6.38 -23.02
C VAL D 59 -26.53 -7.09 -23.56
N GLN D 60 -26.75 -7.03 -24.88
CA GLN D 60 -27.86 -7.78 -25.49
C GLN D 60 -27.48 -8.19 -26.91
N ILE D 61 -27.79 -9.43 -27.28
CA ILE D 61 -27.71 -9.85 -28.70
C ILE D 61 -28.98 -9.35 -29.39
N ILE D 62 -28.84 -8.57 -30.46
CA ILE D 62 -29.98 -8.01 -31.22
C ILE D 62 -29.76 -8.27 -32.70
N ASP D 63 -30.82 -8.02 -33.47
CA ASP D 63 -30.72 -8.03 -34.94
C ASP D 63 -30.31 -6.61 -35.31
N ILE D 64 -29.29 -6.50 -36.18
CA ILE D 64 -28.86 -5.18 -36.69
C ILE D 64 -28.90 -5.25 -38.19
N GLN D 65 -28.85 -4.06 -38.77
CA GLN D 65 -28.67 -3.86 -40.22
C GLN D 65 -27.23 -3.42 -40.47
N VAL D 66 -26.62 -4.04 -41.46
CA VAL D 66 -25.23 -3.72 -41.87
C VAL D 66 -25.31 -3.19 -43.30
N ASP D 67 -25.00 -1.90 -43.44
CA ASP D 67 -25.07 -1.18 -44.75
C ASP D 67 -23.97 -1.76 -45.63
N PRO D 68 -24.09 -1.61 -46.95
CA PRO D 68 -23.08 -2.11 -47.87
C PRO D 68 -21.81 -1.29 -47.75
N PRO D 69 -20.65 -1.88 -48.13
CA PRO D 69 -19.37 -1.16 -48.06
C PRO D 69 -19.32 -0.01 -49.08
N GLN D 70 -18.72 1.10 -48.68
CA GLN D 70 -18.46 2.28 -49.56
C GLN D 70 -16.93 2.43 -49.74
N ASN D 71 -16.51 3.32 -50.66
CA ASN D 71 -15.07 3.69 -50.83
C ASN D 71 -14.19 2.43 -50.83
N VAL D 72 -13.25 2.31 -49.87
CA VAL D 72 -12.30 1.15 -49.81
C VAL D 72 -12.69 0.19 -48.69
N GLU D 73 -13.97 0.15 -48.32
CA GLU D 73 -14.38 -0.70 -47.17
C GLU D 73 -14.54 -2.15 -47.61
N LEU D 74 -14.30 -3.04 -46.65
CA LEU D 74 -14.66 -4.46 -46.73
C LEU D 74 -15.88 -4.70 -45.84
N ARG D 75 -16.85 -5.42 -46.38
CA ARG D 75 -17.88 -6.06 -45.54
C ARG D 75 -17.48 -7.51 -45.40
N VAL D 76 -17.47 -7.96 -44.16
CA VAL D 76 -16.76 -9.18 -43.74
C VAL D 76 -17.71 -10.07 -42.96
N LYS D 77 -17.91 -11.29 -43.46
CA LYS D 77 -18.67 -12.35 -42.75
C LYS D 77 -17.75 -12.89 -41.66
N MET D 78 -18.05 -12.57 -40.41
CA MET D 78 -17.14 -12.91 -39.30
C MET D 78 -17.27 -14.39 -38.96
N LEU D 79 -16.15 -15.05 -38.68
CA LEU D 79 -16.12 -16.48 -38.29
C LEU D 79 -16.23 -16.57 -36.77
N CYS D 80 -15.37 -15.84 -36.06
CA CYS D 80 -15.49 -15.75 -34.61
C CYS D 80 -14.81 -14.48 -34.17
N ALA D 81 -15.16 -14.10 -32.96
CA ALA D 81 -14.48 -13.06 -32.16
C ALA D 81 -13.89 -13.79 -30.98
N SER D 82 -12.95 -13.15 -30.32
CA SER D 82 -12.45 -13.72 -29.06
C SER D 82 -12.30 -12.57 -28.09
N VAL D 83 -12.41 -12.89 -26.82
CA VAL D 83 -12.62 -11.88 -25.78
C VAL D 83 -11.27 -11.46 -25.24
N CYS D 84 -10.91 -10.23 -25.53
CA CYS D 84 -9.70 -9.57 -24.98
C CYS D 84 -10.11 -8.83 -23.72
N ARG D 85 -9.25 -8.77 -22.71
CA ARG D 85 -9.61 -7.97 -21.52
C ARG D 85 -10.06 -6.56 -21.96
N THR D 86 -9.51 -6.00 -23.03
CA THR D 86 -9.95 -4.65 -23.45
C THR D 86 -11.43 -4.64 -23.86
N ASP D 87 -11.97 -5.75 -24.31
CA ASP D 87 -13.42 -5.86 -24.62
C ASP D 87 -14.24 -5.70 -23.36
N ILE D 88 -13.77 -6.20 -22.23
CA ILE D 88 -14.46 -6.07 -20.94
C ILE D 88 -14.35 -4.61 -20.52
N LEU D 89 -13.15 -4.04 -20.60
CA LEU D 89 -12.98 -2.61 -20.26
C LEU D 89 -13.98 -1.79 -21.12
N THR D 90 -14.13 -2.10 -22.41
CA THR D 90 -15.09 -1.38 -23.31
C THR D 90 -16.52 -1.50 -22.77
N ILE D 91 -16.90 -2.67 -22.26
CA ILE D 91 -18.23 -2.89 -21.65
C ILE D 91 -18.35 -1.95 -20.46
N GLU D 92 -17.27 -1.70 -19.74
CA GLU D 92 -17.20 -0.80 -18.55
C GLU D 92 -17.03 0.69 -18.94
N GLY D 93 -16.96 1.01 -20.24
CA GLY D 93 -16.95 2.39 -20.75
C GLY D 93 -15.58 2.87 -21.19
N PHE D 94 -14.54 2.03 -21.14
CA PHE D 94 -13.15 2.43 -21.52
C PHE D 94 -13.11 3.00 -22.94
N MET D 95 -12.60 4.25 -23.01
CA MET D 95 -12.41 5.05 -24.23
C MET D 95 -13.72 5.36 -24.96
N ALA D 96 -14.87 5.21 -24.32
CA ALA D 96 -16.19 5.44 -24.95
C ALA D 96 -17.02 6.36 -24.07
N PRO D 97 -16.58 7.62 -23.87
CA PRO D 97 -17.32 8.56 -23.03
C PRO D 97 -18.73 8.86 -23.59
N THR D 98 -18.89 8.88 -24.89
CA THR D 98 -20.18 9.15 -25.58
C THR D 98 -20.61 8.05 -26.55
N GLN D 99 -19.76 7.03 -26.82
CA GLN D 99 -19.93 6.21 -28.04
C GLN D 99 -20.78 4.97 -27.72
N PHE D 100 -21.97 5.21 -27.17
CA PHE D 100 -22.98 4.16 -26.87
C PHE D 100 -24.30 4.65 -27.46
N PRO D 101 -25.19 3.75 -27.88
CA PRO D 101 -24.93 2.30 -27.90
C PRO D 101 -23.93 1.90 -28.99
N LYS D 102 -23.21 0.80 -28.76
CA LYS D 102 -22.21 0.32 -29.76
C LYS D 102 -22.31 -1.19 -29.94
N ILE D 103 -21.72 -1.68 -31.02
CA ILE D 103 -21.35 -3.11 -31.13
C ILE D 103 -19.92 -3.25 -30.59
N ASN D 104 -19.76 -4.16 -29.65
CA ASN D 104 -18.44 -4.40 -29.04
C ASN D 104 -17.52 -5.19 -29.97
N GLY D 105 -16.24 -5.12 -29.61
CA GLY D 105 -15.24 -6.11 -30.06
C GLY D 105 -14.20 -5.55 -31.04
N HIS D 106 -12.92 -5.88 -30.80
CA HIS D 106 -11.81 -5.54 -31.73
C HIS D 106 -10.99 -6.76 -32.12
N GLU D 107 -11.23 -7.92 -31.49
CA GLU D 107 -10.45 -9.14 -31.73
C GLU D 107 -11.35 -10.13 -32.47
N GLY D 108 -10.97 -10.49 -33.68
CA GLY D 108 -11.79 -11.42 -34.49
C GLY D 108 -11.27 -11.60 -35.89
N VAL D 109 -11.88 -12.51 -36.64
CA VAL D 109 -11.41 -12.85 -38.00
C VAL D 109 -12.65 -13.12 -38.86
N GLY D 110 -12.54 -12.93 -40.17
CA GLY D 110 -13.71 -13.14 -41.04
C GLY D 110 -13.31 -13.17 -42.50
N ILE D 111 -14.31 -13.38 -43.36
CA ILE D 111 -14.13 -13.59 -44.81
C ILE D 111 -14.80 -12.43 -45.55
N ILE D 112 -14.08 -11.84 -46.48
CA ILE D 112 -14.68 -10.71 -47.24
C ILE D 112 -15.89 -11.25 -48.01
N GLU D 113 -17.01 -10.55 -47.81
CA GLU D 113 -18.34 -10.79 -48.45
C GLU D 113 -18.47 -9.82 -49.61
N SER D 114 -18.06 -8.56 -49.43
CA SER D 114 -18.15 -7.53 -50.49
C SER D 114 -17.20 -6.38 -50.19
N MET D 115 -16.98 -5.52 -51.18
CA MET D 115 -15.99 -4.43 -51.04
C MET D 115 -16.52 -3.19 -51.74
N GLY D 116 -16.18 -2.04 -51.20
CA GLY D 116 -16.41 -0.72 -51.81
C GLY D 116 -15.76 -0.65 -53.18
N PRO D 117 -16.23 0.23 -54.07
CA PRO D 117 -15.76 0.17 -55.45
C PRO D 117 -14.31 0.63 -55.68
N ASP D 118 -13.72 1.30 -54.70
CA ASP D 118 -12.37 1.90 -54.75
C ASP D 118 -11.35 0.95 -54.13
N THR D 119 -11.79 -0.18 -53.58
CA THR D 119 -10.90 -1.14 -52.87
C THR D 119 -9.87 -1.71 -53.84
N LYS D 120 -8.62 -1.83 -53.40
CA LYS D 120 -7.51 -2.47 -54.15
C LYS D 120 -6.91 -3.56 -53.26
N ASN D 121 -6.40 -4.62 -53.88
CA ASN D 121 -5.52 -5.68 -53.30
C ASN D 121 -6.27 -6.56 -52.30
N PHE D 122 -7.59 -6.63 -52.41
CA PHE D 122 -8.42 -7.61 -51.68
C PHE D 122 -9.38 -8.24 -52.67
N LYS D 123 -9.81 -9.45 -52.35
CA LYS D 123 -10.80 -10.23 -53.13
C LYS D 123 -11.89 -10.69 -52.18
N VAL D 124 -13.10 -10.71 -52.68
CA VAL D 124 -14.17 -11.48 -52.01
C VAL D 124 -13.64 -12.90 -51.73
N GLY D 125 -13.84 -13.38 -50.50
CA GLY D 125 -13.42 -14.72 -50.05
C GLY D 125 -12.08 -14.68 -49.35
N ASP D 126 -11.37 -13.56 -49.35
CA ASP D 126 -10.10 -13.46 -48.58
C ASP D 126 -10.46 -13.52 -47.10
N VAL D 127 -9.59 -14.15 -46.30
CA VAL D 127 -9.77 -14.18 -44.82
C VAL D 127 -8.94 -13.04 -44.26
N ILE D 128 -9.54 -12.20 -43.45
CA ILE D 128 -8.82 -11.00 -42.97
C ILE D 128 -8.98 -10.86 -41.46
N VAL D 129 -7.99 -10.17 -40.90
CA VAL D 129 -8.12 -9.48 -39.59
C VAL D 129 -7.88 -8.00 -39.86
N ALA D 130 -8.36 -7.15 -38.96
CA ALA D 130 -8.31 -5.70 -39.10
C ALA D 130 -8.06 -5.08 -37.75
N PRO D 131 -6.78 -5.00 -37.32
CA PRO D 131 -6.49 -4.43 -36.01
C PRO D 131 -6.53 -2.90 -35.99
N THR D 132 -6.21 -2.34 -34.84
CA THR D 132 -6.44 -0.91 -34.53
C THR D 132 -5.66 0.00 -35.48
N LEU D 133 -4.45 -0.38 -35.89
CA LEU D 133 -3.51 0.54 -36.56
C LEU D 133 -3.16 0.04 -37.96
N GLY D 134 -3.38 0.88 -38.97
CA GLY D 134 -2.95 0.53 -40.33
C GLY D 134 -1.50 0.88 -40.54
N GLU D 135 -1.02 0.78 -41.79
CA GLU D 135 0.41 1.01 -42.10
C GLU D 135 0.48 1.66 -43.48
N CYS D 136 0.42 3.00 -43.49
CA CYS D 136 0.34 3.74 -44.78
C CYS D 136 1.66 3.58 -45.54
N GLN D 137 2.77 3.32 -44.87
CA GLN D 137 4.12 3.08 -45.44
C GLN D 137 4.77 4.38 -45.96
N THR D 138 4.15 5.56 -45.82
CA THR D 138 4.72 6.84 -46.34
C THR D 138 4.92 7.89 -45.24
N CYS D 139 4.25 7.80 -44.10
CA CYS D 139 4.41 8.79 -43.04
C CYS D 139 5.75 8.53 -42.32
N SER D 140 6.28 9.53 -41.61
CA SER D 140 7.65 9.39 -41.06
C SER D 140 7.68 8.28 -40.01
N SER D 141 6.55 7.98 -39.39
CA SER D 141 6.48 6.88 -38.38
C SER D 141 6.60 5.55 -39.09
N CYS D 142 5.83 5.34 -40.14
CA CYS D 142 5.93 4.11 -40.96
C CYS D 142 7.35 4.01 -41.52
N ARG D 143 7.90 5.09 -42.06
CA ARG D 143 9.20 5.02 -42.77
C ARG D 143 10.33 4.81 -41.75
N SER D 144 10.10 5.08 -40.45
CA SER D 144 11.18 4.91 -39.43
C SER D 144 11.57 3.44 -39.32
N GLY D 145 10.65 2.52 -39.58
CA GLY D 145 10.97 1.09 -39.48
C GLY D 145 10.89 0.57 -38.05
N ARG D 146 10.54 1.41 -37.11
CA ARG D 146 10.63 0.99 -35.69
C ARG D 146 9.32 1.21 -34.92
N THR D 147 8.22 1.52 -35.58
CA THR D 147 6.93 1.61 -34.88
C THR D 147 5.75 1.29 -35.78
N ASN D 148 4.61 0.96 -35.16
CA ASN D 148 3.34 0.70 -35.87
C ASN D 148 2.38 1.87 -35.70
N PHE D 149 2.79 2.93 -35.02
CA PHE D 149 1.91 4.09 -34.79
C PHE D 149 1.83 4.96 -36.04
N CYS D 150 1.08 4.49 -37.02
CA CYS D 150 0.89 5.20 -38.32
C CYS D 150 0.21 6.54 -38.08
N GLN D 151 0.70 7.61 -38.73
CA GLN D 151 0.07 8.94 -38.57
C GLN D 151 -1.21 9.03 -39.38
N ASN D 152 -1.41 8.19 -40.39
CA ASN D 152 -2.55 8.38 -41.32
C ASN D 152 -3.65 7.37 -41.01
N TYR D 153 -3.30 6.16 -40.54
CA TYR D 153 -4.27 5.11 -40.18
C TYR D 153 -4.07 4.78 -38.72
N GLY D 154 -4.35 5.75 -37.88
CA GLY D 154 -4.31 5.58 -36.42
C GLY D 154 -5.61 5.03 -35.89
N ALA D 155 -5.68 4.93 -34.56
CA ALA D 155 -6.88 4.43 -33.87
C ALA D 155 -8.08 5.31 -34.19
N ASN D 156 -9.18 4.70 -34.62
CA ASN D 156 -10.46 5.38 -34.93
C ASN D 156 -11.24 5.60 -33.65
N GLU D 157 -10.80 6.54 -32.81
CA GLU D 157 -11.43 6.83 -31.49
C GLU D 157 -12.85 7.40 -31.60
N SER D 158 -13.26 7.97 -32.73
CA SER D 158 -14.64 8.46 -32.93
C SER D 158 -15.66 7.32 -32.86
N ALA D 159 -15.24 6.10 -33.19
CA ALA D 159 -16.11 4.90 -33.28
C ALA D 159 -17.16 5.11 -34.39
N LEU D 160 -16.85 5.99 -35.36
CA LEU D 160 -17.73 6.26 -36.52
C LEU D 160 -16.91 6.26 -37.80
N GLU D 161 -17.63 6.22 -38.91
CA GLU D 161 -17.09 6.59 -40.24
C GLU D 161 -16.61 8.03 -40.17
N PRO D 162 -15.66 8.44 -41.02
CA PRO D 162 -15.23 9.84 -41.11
C PRO D 162 -16.35 10.85 -41.41
N ASP D 163 -17.40 10.43 -42.13
CA ASP D 163 -18.54 11.31 -42.53
C ASP D 163 -19.57 11.34 -41.40
N GLY D 164 -19.30 10.74 -40.22
CA GLY D 164 -20.17 10.77 -39.04
C GLY D 164 -21.24 9.69 -39.09
N THR D 165 -21.30 8.91 -40.16
CA THR D 165 -22.25 7.81 -40.38
C THR D 165 -21.70 6.59 -39.64
N SER D 166 -22.55 5.58 -39.47
CA SER D 166 -22.12 4.20 -39.10
C SER D 166 -22.72 3.22 -40.10
N ARG D 167 -22.02 2.13 -40.42
CA ARG D 167 -22.59 1.07 -41.29
C ARG D 167 -23.61 0.24 -40.49
N PHE D 168 -23.73 0.50 -39.20
CA PHE D 168 -24.59 -0.31 -38.30
C PHE D 168 -25.76 0.54 -37.84
N SER D 169 -26.93 -0.10 -37.83
CA SER D 169 -28.14 0.49 -37.19
C SER D 169 -29.01 -0.63 -36.64
N TYR D 170 -30.00 -0.26 -35.84
CA TYR D 170 -31.03 -1.22 -35.40
C TYR D 170 -32.38 -0.50 -35.35
N ILE D 171 -33.45 -1.27 -35.40
CA ILE D 171 -34.84 -0.78 -35.21
C ILE D 171 -35.13 -0.95 -33.72
N ASP D 172 -35.29 0.16 -32.97
CA ASP D 172 -35.53 0.13 -31.51
C ASP D 172 -37.00 -0.26 -31.25
N SER D 173 -37.43 -0.23 -29.98
CA SER D 173 -38.77 -0.66 -29.50
C SER D 173 -39.88 0.21 -30.13
N ASP D 174 -39.58 1.43 -30.57
CA ASP D 174 -40.58 2.34 -31.18
C ASP D 174 -40.59 2.25 -32.71
N GLY D 175 -39.93 1.25 -33.32
CA GLY D 175 -39.85 1.09 -34.78
C GLY D 175 -38.91 2.10 -35.41
N LYS D 176 -38.12 2.81 -34.59
CA LYS D 176 -37.21 3.91 -34.97
C LYS D 176 -35.84 3.32 -35.34
N LYS D 177 -35.27 3.73 -36.48
CA LYS D 177 -33.89 3.36 -36.93
C LYS D 177 -32.85 4.14 -36.12
N LYS D 178 -31.97 3.45 -35.38
CA LYS D 178 -31.04 4.09 -34.43
C LYS D 178 -29.60 3.70 -34.77
N LEU D 179 -28.68 4.66 -34.68
CA LEU D 179 -27.25 4.44 -35.02
C LEU D 179 -26.58 3.58 -33.95
N LEU D 180 -25.67 2.71 -34.37
CA LEU D 180 -24.76 1.95 -33.46
C LEU D 180 -23.32 2.37 -33.77
N TYR D 181 -22.62 2.78 -32.74
CA TYR D 181 -21.17 3.02 -32.83
C TYR D 181 -20.42 1.70 -33.02
N TYR D 182 -19.26 1.82 -33.63
CA TYR D 182 -18.22 0.78 -33.63
C TYR D 182 -17.54 0.71 -32.27
N LYS D 183 -16.58 -0.20 -32.16
CA LYS D 183 -15.58 -0.16 -31.07
C LYS D 183 -14.59 0.96 -31.43
N LEU D 184 -13.79 0.76 -32.47
CA LEU D 184 -12.92 1.85 -33.01
C LEU D 184 -13.24 2.03 -34.49
N GLY D 185 -12.55 1.36 -35.40
CA GLY D 185 -12.81 1.42 -36.85
C GLY D 185 -13.81 0.39 -37.30
N CYS D 186 -14.22 -0.49 -36.39
CA CYS D 186 -15.07 -1.65 -36.69
C CYS D 186 -15.53 -2.26 -35.37
N SER D 187 -16.36 -3.27 -35.49
CA SER D 187 -16.81 -4.11 -34.34
C SER D 187 -16.72 -5.56 -34.77
N THR D 188 -16.15 -6.43 -33.93
CA THR D 188 -16.03 -7.85 -34.29
C THR D 188 -17.16 -8.71 -33.67
N TRP D 189 -17.88 -8.22 -32.66
CA TRP D 189 -18.95 -9.00 -32.01
C TRP D 189 -20.22 -8.94 -32.88
N THR D 190 -20.16 -9.43 -34.11
CA THR D 190 -21.27 -9.30 -35.06
C THR D 190 -21.03 -10.32 -36.16
N GLN D 191 -22.09 -10.87 -36.74
CA GLN D 191 -21.94 -11.83 -37.84
C GLN D 191 -21.30 -11.15 -39.06
N TYR D 192 -21.52 -9.85 -39.25
CA TYR D 192 -21.00 -9.06 -40.37
C TYR D 192 -20.48 -7.71 -39.87
N MET D 193 -19.27 -7.38 -40.30
CA MET D 193 -18.52 -6.16 -39.88
C MET D 193 -18.21 -5.39 -41.17
N VAL D 194 -18.08 -4.07 -41.07
CA VAL D 194 -17.46 -3.24 -42.13
C VAL D 194 -16.22 -2.55 -41.58
N VAL D 195 -15.15 -2.59 -42.37
CA VAL D 195 -13.87 -1.95 -41.96
C VAL D 195 -13.19 -1.39 -43.20
N ASP D 196 -12.52 -0.26 -42.99
CA ASP D 196 -11.64 0.39 -43.99
C ASP D 196 -10.52 -0.61 -44.33
N SER D 197 -10.30 -0.94 -45.60
CA SER D 197 -9.32 -1.96 -46.03
C SER D 197 -7.91 -1.52 -45.67
N ASN D 198 -7.69 -0.24 -45.35
CA ASN D 198 -6.33 0.22 -44.95
C ASN D 198 -5.96 -0.40 -43.60
N TYR D 199 -6.90 -0.98 -42.89
CA TYR D 199 -6.61 -1.61 -41.56
C TYR D 199 -6.57 -3.13 -41.68
N ALA D 200 -6.82 -3.71 -42.84
CA ALA D 200 -6.99 -5.15 -43.05
C ALA D 200 -5.69 -5.80 -43.52
N THR D 201 -5.51 -7.06 -43.17
CA THR D 201 -4.37 -7.89 -43.64
C THR D 201 -4.86 -9.34 -43.78
N LYS D 202 -4.44 -10.01 -44.83
CA LYS D 202 -5.06 -11.28 -45.24
C LYS D 202 -4.30 -12.49 -44.67
N LEU D 203 -5.04 -13.53 -44.29
CA LEU D 203 -4.47 -14.80 -43.74
C LEU D 203 -4.47 -15.90 -44.81
N ASN D 204 -5.33 -15.86 -45.83
CA ASN D 204 -5.63 -17.07 -46.67
C ASN D 204 -4.50 -17.41 -47.65
N GLU D 205 -3.61 -16.51 -48.04
CA GLU D 205 -2.54 -16.84 -49.03
C GLU D 205 -1.41 -17.55 -48.29
N ILE D 206 -1.14 -17.12 -47.06
CA ILE D 206 0.00 -17.66 -46.27
C ILE D 206 -0.51 -18.85 -45.46
N ALA D 207 -1.68 -18.72 -44.84
CA ALA D 207 -2.15 -19.68 -43.83
C ALA D 207 -3.57 -20.13 -44.14
N PRO D 208 -3.82 -20.73 -45.31
CA PRO D 208 -5.20 -21.08 -45.68
C PRO D 208 -5.82 -22.09 -44.70
N GLU D 209 -5.01 -22.86 -43.97
CA GLU D 209 -5.55 -23.94 -43.10
C GLU D 209 -5.60 -23.51 -41.63
N LEU D 210 -5.30 -22.25 -41.35
CA LEU D 210 -5.34 -21.77 -39.95
C LEU D 210 -6.78 -21.70 -39.49
N PRO D 211 -7.11 -22.35 -38.36
CA PRO D 211 -8.47 -22.28 -37.84
C PRO D 211 -8.91 -20.88 -37.42
N PRO D 212 -10.22 -20.62 -37.39
CA PRO D 212 -10.69 -19.28 -37.00
C PRO D 212 -10.27 -18.78 -35.62
N PRO D 213 -10.30 -19.53 -34.52
CA PRO D 213 -9.94 -18.89 -33.27
C PRO D 213 -8.45 -18.47 -33.23
N HIS D 214 -7.57 -19.18 -33.98
CA HIS D 214 -6.13 -18.83 -34.11
C HIS D 214 -6.01 -17.50 -34.82
N GLY D 215 -6.80 -17.30 -35.89
CA GLY D 215 -6.74 -16.03 -36.63
C GLY D 215 -7.27 -14.92 -35.76
N SER D 216 -8.30 -15.21 -34.95
CA SER D 216 -8.92 -14.24 -34.04
C SER D 216 -7.86 -13.77 -33.02
N ILE D 217 -7.13 -14.67 -32.37
CA ILE D 217 -6.12 -14.16 -31.41
C ILE D 217 -4.95 -13.50 -32.12
N LEU D 218 -4.63 -13.84 -33.38
CA LEU D 218 -3.57 -13.15 -34.14
C LEU D 218 -3.99 -11.68 -34.36
N SER D 219 -5.28 -11.38 -34.35
CA SER D 219 -5.80 -10.01 -34.59
C SER D 219 -5.48 -9.08 -33.40
N CYS D 220 -5.27 -9.59 -32.19
CA CYS D 220 -4.96 -8.76 -31.01
C CYS D 220 -4.07 -9.51 -29.99
N ALA D 221 -4.65 -10.34 -29.14
CA ALA D 221 -3.95 -10.92 -27.98
C ALA D 221 -2.59 -11.53 -28.36
N PHE D 222 -2.55 -12.44 -29.33
CA PHE D 222 -1.32 -13.18 -29.67
C PHE D 222 -0.32 -12.21 -30.29
N ALA D 223 -0.72 -11.36 -31.24
CA ALA D 223 0.19 -10.39 -31.84
C ALA D 223 0.78 -9.46 -30.77
N THR D 224 -0.04 -9.10 -29.76
CA THR D 224 0.38 -8.14 -28.73
C THR D 224 1.50 -8.79 -27.90
N GLY D 225 1.23 -9.92 -27.26
CA GLY D 225 2.26 -10.58 -26.43
C GLY D 225 3.47 -11.05 -27.22
N TYR D 226 3.26 -11.63 -28.41
CA TYR D 226 4.37 -12.11 -29.22
C TYR D 226 5.22 -10.94 -29.66
N GLY D 227 4.58 -9.94 -30.27
CA GLY D 227 5.30 -8.78 -30.81
C GLY D 227 5.97 -7.98 -29.72
N ALA D 228 5.36 -7.86 -28.54
CA ALA D 228 5.96 -7.11 -27.42
C ALA D 228 7.38 -7.66 -27.16
N VAL D 229 7.53 -8.97 -27.23
CA VAL D 229 8.84 -9.64 -26.99
C VAL D 229 9.68 -9.58 -28.25
N TRP D 230 9.16 -10.04 -29.38
CA TRP D 230 9.90 -10.19 -30.66
C TRP D 230 10.37 -8.84 -31.23
N LEU D 231 9.46 -7.87 -31.35
CA LEU D 231 9.72 -6.61 -32.05
C LEU D 231 10.13 -5.52 -31.07
N ASP D 232 9.34 -5.32 -30.00
CA ASP D 232 9.45 -4.07 -29.22
C ASP D 232 10.60 -4.22 -28.23
N ALA D 233 10.57 -5.21 -27.34
CA ALA D 233 11.71 -5.55 -26.45
C ALA D 233 12.89 -6.14 -27.22
N ALA D 234 12.70 -6.60 -28.47
CA ALA D 234 13.77 -7.13 -29.33
C ALA D 234 14.54 -8.18 -28.53
N VAL D 235 13.84 -9.15 -27.98
CA VAL D 235 14.49 -10.24 -27.21
C VAL D 235 15.38 -11.07 -28.14
N GLN D 236 16.61 -11.33 -27.68
CA GLN D 236 17.69 -12.06 -28.40
C GLN D 236 17.96 -13.35 -27.64
N GLU D 237 18.47 -14.35 -28.34
CA GLU D 237 19.00 -15.57 -27.71
C GLU D 237 19.85 -15.22 -26.49
N GLY D 238 19.53 -15.83 -25.34
CA GLY D 238 20.28 -15.68 -24.10
C GLY D 238 19.79 -14.50 -23.24
N ASP D 239 18.83 -13.70 -23.72
CA ASP D 239 18.25 -12.61 -22.89
C ASP D 239 17.38 -13.19 -21.77
N SER D 240 17.30 -12.53 -20.62
CA SER D 240 16.26 -12.77 -19.60
C SER D 240 15.03 -11.89 -19.83
N VAL D 241 13.84 -12.42 -19.53
CA VAL D 241 12.55 -11.73 -19.75
C VAL D 241 11.73 -11.85 -18.48
N ALA D 242 11.06 -10.78 -18.08
CA ALA D 242 10.00 -10.87 -17.09
C ALA D 242 8.69 -10.48 -17.71
N ILE D 243 7.62 -11.19 -17.38
CA ILE D 243 6.28 -10.91 -17.92
C ILE D 243 5.35 -10.74 -16.74
N PHE D 244 4.70 -9.59 -16.64
CA PHE D 244 3.80 -9.23 -15.52
C PHE D 244 2.38 -9.39 -16.06
N GLY D 245 1.73 -10.48 -15.70
CA GLY D 245 0.38 -10.87 -16.17
C GLY D 245 0.45 -11.91 -17.24
N VAL D 246 -0.02 -13.14 -16.92
CA VAL D 246 -0.05 -14.24 -17.90
C VAL D 246 -1.50 -14.61 -18.15
N GLY D 247 -2.25 -13.64 -18.64
CA GLY D 247 -3.45 -13.92 -19.43
C GLY D 247 -3.05 -14.30 -20.84
N SER D 248 -3.95 -14.23 -21.82
CA SER D 248 -3.60 -14.64 -23.21
C SER D 248 -2.42 -13.82 -23.76
N VAL D 249 -2.36 -12.53 -23.47
CA VAL D 249 -1.24 -11.68 -23.93
C VAL D 249 0.08 -12.19 -23.33
N GLY D 250 0.18 -12.27 -22.03
CA GLY D 250 1.43 -12.65 -21.39
C GLY D 250 1.82 -14.07 -21.78
N ILE D 251 0.88 -14.99 -21.99
CA ILE D 251 1.29 -16.36 -22.39
C ILE D 251 1.83 -16.30 -23.82
N SER D 252 1.25 -15.42 -24.64
CA SER D 252 1.80 -15.23 -26.00
C SER D 252 3.26 -14.74 -25.91
N ALA D 253 3.56 -13.87 -24.95
CA ALA D 253 4.90 -13.34 -24.70
C ALA D 253 5.82 -14.48 -24.24
N VAL D 254 5.30 -15.38 -23.42
CA VAL D 254 6.11 -16.57 -23.01
C VAL D 254 6.47 -17.35 -24.28
N ILE D 255 5.47 -17.65 -25.09
CA ILE D 255 5.69 -18.41 -26.34
C ILE D 255 6.78 -17.75 -27.19
N ALA D 256 6.76 -16.43 -27.37
CA ALA D 256 7.81 -15.71 -28.13
C ALA D 256 9.15 -15.88 -27.44
N ALA D 257 9.20 -15.63 -26.14
CA ALA D 257 10.48 -15.65 -25.42
C ALA D 257 11.13 -17.03 -25.54
N LYS D 258 10.34 -18.09 -25.51
CA LYS D 258 10.85 -19.46 -25.69
C LYS D 258 11.34 -19.67 -27.13
N GLU D 259 10.55 -19.21 -28.10
CA GLU D 259 10.92 -19.31 -29.53
C GLU D 259 12.26 -18.61 -29.74
N LEU D 260 12.46 -17.46 -29.08
CA LEU D 260 13.67 -16.63 -29.25
C LEU D 260 14.83 -17.06 -28.34
N LYS D 261 14.64 -18.15 -27.59
CA LYS D 261 15.71 -18.83 -26.83
C LYS D 261 16.19 -17.88 -25.73
N ALA D 262 15.24 -17.24 -25.05
CA ALA D 262 15.55 -16.51 -23.80
C ALA D 262 16.21 -17.49 -22.82
N LYS D 263 17.14 -16.99 -22.03
CA LYS D 263 17.83 -17.84 -21.01
C LYS D 263 16.94 -18.05 -19.80
N GLN D 264 16.02 -17.15 -19.55
CA GLN D 264 15.26 -17.09 -18.30
C GLN D 264 13.96 -16.32 -18.64
N ILE D 265 12.85 -16.87 -18.21
CA ILE D 265 11.50 -16.34 -18.50
C ILE D 265 10.74 -16.35 -17.18
N ILE D 266 10.64 -15.18 -16.56
CA ILE D 266 10.03 -15.01 -15.22
C ILE D 266 8.61 -14.51 -15.40
N VAL D 267 7.62 -15.20 -14.85
CA VAL D 267 6.22 -14.81 -14.97
C VAL D 267 5.68 -14.45 -13.60
N VAL D 268 4.86 -13.42 -13.59
CA VAL D 268 4.32 -12.82 -12.35
C VAL D 268 2.81 -12.68 -12.49
N ASP D 269 2.04 -13.17 -11.51
CA ASP D 269 0.55 -13.14 -11.59
C ASP D 269 0.02 -13.49 -10.20
N ARG D 270 -1.28 -13.39 -10.01
CA ARG D 270 -1.90 -13.95 -8.79
C ARG D 270 -2.64 -15.23 -9.14
N ASN D 271 -2.75 -15.59 -10.41
CA ASN D 271 -3.53 -16.75 -10.87
C ASN D 271 -2.57 -17.93 -11.05
N GLU D 272 -2.63 -18.89 -10.13
CA GLU D 272 -1.71 -20.06 -10.16
C GLU D 272 -1.96 -20.92 -11.39
N TYR D 273 -3.20 -21.07 -11.82
CA TYR D 273 -3.53 -21.89 -13.00
C TYR D 273 -2.77 -21.33 -14.21
N LYS D 274 -2.81 -20.00 -14.42
CA LYS D 274 -2.19 -19.42 -15.62
C LYS D 274 -0.66 -19.37 -15.47
N LEU D 275 -0.14 -19.20 -14.27
CA LEU D 275 1.32 -19.33 -14.00
C LEU D 275 1.78 -20.73 -14.42
N LYS D 276 1.00 -21.76 -14.10
CA LYS D 276 1.37 -23.15 -14.42
C LYS D 276 1.30 -23.35 -15.93
N MET D 277 0.29 -22.79 -16.60
CA MET D 277 0.23 -22.87 -18.09
C MET D 277 1.47 -22.18 -18.67
N ALA D 278 1.85 -21.00 -18.16
CA ALA D 278 3.06 -20.29 -18.62
C ALA D 278 4.34 -21.14 -18.45
N MET D 279 4.51 -21.77 -17.32
CA MET D 279 5.63 -22.70 -17.08
C MET D 279 5.63 -23.84 -18.11
N GLU D 280 4.45 -24.40 -18.39
CA GLU D 280 4.31 -25.53 -19.36
C GLU D 280 4.70 -25.09 -20.76
N LEU D 281 4.48 -23.80 -21.09
CA LEU D 281 4.82 -23.28 -22.43
C LEU D 281 6.20 -22.63 -22.50
N GLY D 282 7.04 -22.77 -21.48
CA GLY D 282 8.44 -22.32 -21.56
C GLY D 282 8.89 -21.42 -20.42
N ALA D 283 8.04 -20.88 -19.56
CA ALA D 283 8.49 -20.01 -18.45
C ALA D 283 9.39 -20.87 -17.56
N THR D 284 10.38 -20.25 -16.95
CA THR D 284 11.41 -20.93 -16.14
C THR D 284 11.21 -20.68 -14.66
N HIS D 285 10.59 -19.59 -14.29
CA HIS D 285 10.40 -19.14 -12.89
C HIS D 285 9.07 -18.44 -12.78
N ILE D 287 6.23 -16.42 -10.06
CA ILE D 287 6.05 -15.66 -8.83
C ILE D 287 4.58 -15.34 -8.69
N ASN D 288 3.95 -15.78 -7.60
CA ASN D 288 2.59 -15.39 -7.24
C ASN D 288 2.68 -14.09 -6.45
N SER D 289 2.29 -12.97 -7.04
CA SER D 289 2.46 -11.64 -6.45
C SER D 289 1.61 -11.56 -5.17
N GLU D 290 0.55 -12.35 -5.04
CA GLU D 290 -0.31 -12.21 -3.83
C GLU D 290 0.29 -12.96 -2.64
N LYS D 291 1.35 -13.74 -2.86
CA LYS D 291 1.97 -14.57 -1.79
C LYS D 291 3.33 -14.00 -1.41
N LEU D 292 3.71 -12.85 -1.96
CA LEU D 292 5.01 -12.23 -1.64
C LEU D 292 4.98 -11.80 -0.18
N PRO D 293 6.10 -11.93 0.53
CA PRO D 293 6.19 -11.42 1.88
C PRO D 293 5.97 -9.92 1.93
N GLU D 294 5.46 -9.49 3.09
CA GLU D 294 5.45 -8.08 3.55
C GLU D 294 6.78 -7.45 3.18
N GLY D 295 6.70 -6.35 2.45
CA GLY D 295 7.87 -5.50 2.19
C GLY D 295 8.65 -5.94 0.96
N VAL D 296 8.24 -7.02 0.26
CA VAL D 296 8.89 -7.45 -1.01
C VAL D 296 7.98 -7.10 -2.18
N THR D 297 8.43 -6.13 -2.98
CA THR D 297 7.69 -5.74 -4.20
C THR D 297 7.90 -6.77 -5.31
N PRO D 298 6.99 -6.82 -6.28
CA PRO D 298 7.15 -7.71 -7.45
C PRO D 298 8.49 -7.49 -8.16
N SER D 299 8.92 -6.24 -8.32
CA SER D 299 10.19 -5.95 -8.98
C SER D 299 11.37 -6.51 -8.16
N GLN D 300 11.32 -6.33 -6.84
CA GLN D 300 12.38 -6.90 -5.96
C GLN D 300 12.41 -8.43 -6.15
N ALA D 301 11.25 -9.08 -6.16
CA ALA D 301 11.17 -10.55 -6.30
C ALA D 301 11.79 -10.93 -7.64
N VAL D 302 11.47 -10.19 -8.70
CA VAL D 302 12.03 -10.53 -10.03
C VAL D 302 13.56 -10.35 -10.01
N ARG D 303 14.04 -9.23 -9.51
CA ARG D 303 15.49 -8.90 -9.47
CA ARG D 303 15.49 -8.92 -9.50
C ARG D 303 16.24 -9.96 -8.66
N LYS D 304 15.63 -10.45 -7.58
CA LYS D 304 16.32 -11.50 -6.76
C LYS D 304 16.54 -12.80 -7.55
N LEU D 305 15.85 -13.04 -8.68
CA LEU D 305 16.05 -14.24 -9.50
C LEU D 305 17.21 -14.03 -10.46
N THR D 306 17.69 -12.77 -10.61
CA THR D 306 18.71 -12.48 -11.63
C THR D 306 20.05 -12.33 -10.93
N PRO D 307 21.15 -12.69 -11.61
CA PRO D 307 22.48 -12.62 -10.99
C PRO D 307 22.86 -11.20 -10.57
N LYS D 308 23.29 -11.05 -9.33
CA LYS D 308 23.73 -9.73 -8.78
C LYS D 308 22.53 -8.76 -8.75
N GLU D 309 21.30 -9.27 -8.76
CA GLU D 309 20.04 -8.50 -8.69
C GLU D 309 20.08 -7.43 -9.79
N VAL D 310 20.62 -7.77 -10.93
CA VAL D 310 20.77 -6.82 -12.06
C VAL D 310 19.44 -6.57 -12.76
N GLY D 311 18.47 -7.48 -12.69
CA GLY D 311 17.20 -7.37 -13.40
C GLY D 311 17.24 -8.07 -14.75
N VAL D 312 16.26 -7.78 -15.61
CA VAL D 312 16.04 -8.56 -16.85
C VAL D 312 16.34 -7.72 -18.08
N ASP D 313 16.72 -8.41 -19.13
CA ASP D 313 17.02 -7.78 -20.44
C ASP D 313 15.77 -7.18 -21.05
N ALA D 314 14.60 -7.71 -20.72
CA ALA D 314 13.30 -7.33 -21.33
C ALA D 314 12.24 -7.45 -20.27
N SER D 315 11.41 -6.43 -20.12
CA SER D 315 10.35 -6.39 -19.09
C SER D 315 9.03 -6.09 -19.80
N ILE D 316 8.09 -7.03 -19.74
CA ILE D 316 6.76 -6.96 -20.40
C ILE D 316 5.70 -6.82 -19.35
N GLU D 317 4.85 -5.82 -19.51
CA GLU D 317 3.67 -5.70 -18.65
C GLU D 317 2.45 -6.00 -19.52
N SER D 318 1.64 -6.94 -19.06
CA SER D 318 0.50 -7.49 -19.81
C SER D 318 -0.57 -7.86 -18.79
N SER D 319 -0.87 -6.96 -17.86
CA SER D 319 -1.78 -7.22 -16.72
C SER D 319 -2.95 -6.26 -16.71
N GLY D 320 -2.69 -5.00 -17.07
CA GLY D 320 -3.61 -3.89 -16.85
C GLY D 320 -3.62 -3.40 -15.41
N TYR D 321 -2.75 -3.94 -14.55
CA TYR D 321 -2.60 -3.46 -13.16
C TYR D 321 -1.59 -2.30 -13.15
N ASP D 322 -2.01 -1.07 -12.85
CA ASP D 322 -1.07 0.08 -12.85
C ASP D 322 0.19 -0.18 -12.00
N VAL D 323 0.06 -0.80 -10.83
CA VAL D 323 1.20 -1.17 -9.96
C VAL D 323 2.22 -1.99 -10.79
N PHE D 324 1.79 -2.96 -11.58
CA PHE D 324 2.71 -3.79 -12.40
C PHE D 324 3.39 -2.97 -13.49
N MET D 325 2.83 -1.84 -13.90
CA MET D 325 3.52 -1.06 -14.93
C MET D 325 4.79 -0.49 -14.29
N ASN D 326 4.66 0.01 -13.06
CA ASN D 326 5.81 0.56 -12.33
C ASN D 326 6.76 -0.57 -11.92
N GLU D 327 6.21 -1.72 -11.51
CA GLU D 327 7.10 -2.83 -11.11
C GLU D 327 7.87 -3.32 -12.35
N ALA D 328 7.24 -3.38 -13.51
CA ALA D 328 7.90 -3.86 -14.74
C ALA D 328 9.02 -2.89 -15.07
N MET D 329 8.80 -1.58 -14.91
CA MET D 329 9.86 -0.58 -15.20
C MET D 329 11.06 -0.86 -14.30
N LYS D 330 10.81 -1.11 -13.01
CA LYS D 330 11.88 -1.30 -12.01
C LYS D 330 12.59 -2.64 -12.15
N ALA D 331 11.97 -3.63 -12.79
CA ALA D 331 12.58 -4.96 -12.90
C ALA D 331 13.63 -5.00 -14.02
N ALA D 332 13.57 -4.05 -14.97
CA ALA D 332 14.45 -4.00 -16.15
C ALA D 332 15.89 -3.68 -15.74
N ILE D 333 16.87 -4.20 -16.47
CA ILE D 333 18.29 -3.79 -16.34
C ILE D 333 18.34 -2.29 -16.69
N HIS D 334 18.86 -1.48 -15.79
CA HIS D 334 18.95 -0.01 -15.97
C HIS D 334 19.57 0.30 -17.35
N GLY D 335 18.88 1.13 -18.12
CA GLY D 335 19.39 1.67 -19.38
C GLY D 335 19.27 0.72 -20.53
N LYS D 336 19.84 -0.46 -20.37
CA LYS D 336 19.99 -1.46 -21.44
C LYS D 336 18.61 -2.01 -21.88
N ALA D 337 17.79 -2.36 -20.91
CA ALA D 337 16.52 -3.07 -21.10
C ALA D 337 15.40 -2.07 -21.41
N LYS D 338 14.38 -2.56 -22.12
CA LYS D 338 13.15 -1.81 -22.41
C LYS D 338 12.03 -2.49 -21.63
N THR D 339 11.12 -1.66 -21.10
CA THR D 339 9.85 -2.07 -20.47
C THR D 339 8.78 -1.78 -21.47
N VAL D 340 8.07 -2.81 -21.87
CA VAL D 340 6.98 -2.70 -22.86
C VAL D 340 5.65 -2.79 -22.11
N ILE D 341 4.89 -1.72 -22.13
CA ILE D 341 3.57 -1.63 -21.44
C ILE D 341 2.49 -1.94 -22.47
N THR D 342 1.75 -3.04 -22.30
CA THR D 342 0.58 -3.39 -23.14
C THR D 342 -0.72 -3.27 -22.37
N GLY D 343 -0.66 -3.21 -21.05
CA GLY D 343 -1.85 -3.19 -20.20
C GLY D 343 -2.75 -1.99 -20.42
N GLU D 344 -4.04 -2.18 -20.15
CA GLU D 344 -5.07 -1.12 -20.20
C GLU D 344 -5.97 -1.28 -18.99
N GLY D 345 -6.56 -0.18 -18.58
CA GLY D 345 -7.39 -0.17 -17.37
C GLY D 345 -8.10 1.16 -17.27
N ILE D 346 -9.05 1.22 -16.36
CA ILE D 346 -9.72 2.50 -16.02
C ILE D 346 -9.05 3.02 -14.75
N TYR D 347 -8.14 3.96 -14.90
CA TYR D 347 -7.28 4.50 -13.81
C TYR D 347 -7.78 5.86 -13.33
N GLU D 348 -7.57 6.14 -12.05
CA GLU D 348 -7.96 7.44 -11.44
C GLU D 348 -7.30 8.54 -12.27
N ASN D 349 -8.08 9.49 -12.77
CA ASN D 349 -7.59 10.66 -13.51
C ASN D 349 -6.85 10.24 -14.78
N ASP D 350 -7.10 9.04 -15.31
CA ASP D 350 -6.43 8.49 -16.51
C ASP D 350 -4.92 8.73 -16.42
N ARG D 351 -4.32 8.39 -15.28
CA ARG D 351 -2.87 8.56 -15.07
C ARG D 351 -2.30 7.26 -14.54
N ILE D 352 -1.07 7.04 -14.93
CA ILE D 352 -0.21 6.01 -14.29
C ILE D 352 1.00 6.69 -13.67
N PHE D 353 1.71 5.95 -12.79
CA PHE D 353 2.80 6.48 -11.93
CA PHE D 353 2.83 6.54 -11.99
C PHE D 353 4.07 5.65 -12.09
N PHE D 354 5.22 6.30 -11.96
CA PHE D 354 6.53 5.62 -11.88
C PHE D 354 7.27 6.19 -10.68
N ASP D 355 7.98 5.29 -9.99
CA ASP D 355 8.93 5.68 -8.94
C ASP D 355 10.05 6.49 -9.59
N PHE D 356 10.23 7.72 -9.18
CA PHE D 356 11.05 8.71 -9.94
C PHE D 356 12.54 8.33 -9.97
N LYS D 357 13.14 8.00 -8.84
CA LYS D 357 14.62 7.80 -8.83
C LYS D 357 14.96 6.57 -9.69
N ASP D 358 14.22 5.49 -9.53
CA ASP D 358 14.47 4.29 -10.34
C ASP D 358 14.25 4.64 -11.81
N PHE D 359 13.28 5.50 -12.12
CA PHE D 359 13.00 5.84 -13.55
C PHE D 359 14.19 6.63 -14.08
N LEU D 360 14.59 7.65 -13.37
CA LEU D 360 15.69 8.51 -13.89
C LEU D 360 16.94 7.68 -14.11
N PHE D 361 17.29 6.82 -13.18
CA PHE D 361 18.52 6.02 -13.24
C PHE D 361 18.31 4.74 -14.06
N GLY D 362 17.83 4.89 -15.29
CA GLY D 362 17.83 3.81 -16.30
C GLY D 362 16.48 3.27 -16.71
N GLY D 363 15.38 3.92 -16.34
CA GLY D 363 14.06 3.50 -16.79
C GLY D 363 13.95 3.69 -18.29
N ASN D 364 13.16 2.84 -18.91
CA ASN D 364 13.02 2.89 -20.39
C ASN D 364 11.68 2.26 -20.67
N VAL D 365 10.66 3.06 -20.89
CA VAL D 365 9.26 2.59 -20.89
C VAL D 365 8.58 2.99 -22.20
N VAL D 366 7.95 2.05 -22.88
CA VAL D 366 7.18 2.39 -24.09
C VAL D 366 5.76 1.84 -23.98
N GLY D 367 4.83 2.58 -24.55
CA GLY D 367 3.49 2.10 -24.84
C GLY D 367 3.48 1.26 -26.08
N ASN D 368 2.71 0.19 -26.02
CA ASN D 368 2.62 -0.81 -27.11
C ASN D 368 1.17 -1.10 -27.42
N VAL D 369 0.86 -1.05 -28.70
CA VAL D 369 -0.46 -1.49 -29.23
C VAL D 369 -0.26 -2.59 -30.28
N THR D 370 -0.91 -3.74 -30.09
CA THR D 370 -0.88 -4.87 -31.05
C THR D 370 0.57 -5.36 -31.23
N GLY D 371 1.40 -5.24 -30.18
CA GLY D 371 2.73 -5.87 -30.17
C GLY D 371 3.71 -5.17 -31.11
N ARG D 372 3.34 -3.98 -31.59
CA ARG D 372 4.14 -3.24 -32.60
C ARG D 372 4.14 -4.00 -33.92
N VAL D 373 3.21 -4.94 -34.08
CA VAL D 373 3.16 -5.80 -35.30
C VAL D 373 2.46 -5.04 -36.43
N ARG D 374 3.26 -4.53 -37.37
CA ARG D 374 2.70 -3.72 -38.52
C ARG D 374 1.99 -4.68 -39.47
N ILE D 375 0.82 -4.28 -39.94
CA ILE D 375 -0.07 -5.25 -40.64
C ILE D 375 0.53 -5.64 -41.98
N HIS D 376 1.37 -4.83 -42.61
CA HIS D 376 1.97 -5.22 -43.91
C HIS D 376 3.38 -5.75 -43.69
N SER D 377 4.18 -5.04 -42.89
CA SER D 377 5.62 -5.32 -42.78
C SER D 377 5.91 -6.50 -41.85
N ASP D 378 5.09 -6.74 -40.84
CA ASP D 378 5.45 -7.72 -39.77
C ASP D 378 4.43 -8.86 -39.68
N PHE D 379 3.17 -8.58 -39.92
CA PHE D 379 2.12 -9.56 -39.67
C PHE D 379 2.35 -10.80 -40.56
N PRO D 380 2.73 -10.71 -41.86
CA PRO D 380 3.00 -11.91 -42.65
C PRO D 380 4.00 -12.83 -41.95
N GLY D 381 5.05 -12.27 -41.37
CA GLY D 381 6.04 -13.12 -40.69
C GLY D 381 5.49 -13.70 -39.41
N LEU D 382 4.69 -12.95 -38.69
CA LEU D 382 4.04 -13.51 -37.48
C LEU D 382 3.14 -14.68 -37.90
N LEU D 383 2.40 -14.54 -39.01
CA LEU D 383 1.47 -15.58 -39.51
C LEU D 383 2.27 -16.82 -39.90
N ARG D 384 3.45 -16.65 -40.52
CA ARG D 384 4.33 -17.80 -40.86
C ARG D 384 4.77 -18.47 -39.57
N LYS D 385 5.10 -17.68 -38.54
CA LYS D 385 5.58 -18.27 -37.27
C LYS D 385 4.46 -19.05 -36.59
N ALA D 386 3.21 -18.57 -36.67
CA ALA D 386 2.03 -19.22 -36.07
C ALA D 386 1.83 -20.63 -36.66
N GLN D 387 2.34 -20.89 -37.85
CA GLN D 387 2.16 -22.18 -38.56
C GLN D 387 3.20 -23.18 -38.02
N GLU D 388 4.23 -22.71 -37.32
CA GLU D 388 5.32 -23.60 -36.86
C GLU D 388 4.79 -24.46 -35.74
N PRO D 389 5.17 -25.76 -35.69
CA PRO D 389 4.51 -26.68 -34.76
C PRO D 389 4.47 -26.28 -33.28
N VAL D 390 5.60 -25.79 -32.72
CA VAL D 390 5.62 -25.43 -31.27
C VAL D 390 4.71 -24.21 -31.00
N ILE D 391 4.70 -23.27 -31.92
CA ILE D 391 3.94 -22.00 -31.78
C ILE D 391 2.45 -22.39 -31.86
N ARG D 392 2.08 -23.18 -32.86
CA ARG D 392 0.70 -23.69 -33.01
C ARG D 392 0.26 -24.41 -31.74
N ALA D 393 1.13 -25.24 -31.16
CA ALA D 393 0.83 -25.93 -29.91
C ALA D 393 0.55 -24.93 -28.79
N GLY D 394 1.30 -23.83 -28.71
CA GLY D 394 1.10 -22.87 -27.64
C GLY D 394 -0.25 -22.17 -27.84
N MET D 395 -0.55 -21.82 -29.09
CA MET D 395 -1.84 -21.19 -29.43
C MET D 395 -2.98 -22.16 -29.10
N ASP D 396 -2.83 -23.46 -29.40
CA ASP D 396 -3.85 -24.45 -29.05
C ASP D 396 -4.02 -24.49 -27.52
N LYS D 397 -2.95 -24.36 -26.74
CA LYS D 397 -3.04 -24.41 -25.28
C LYS D 397 -3.72 -23.16 -24.73
N ILE D 398 -3.40 -21.98 -25.25
CA ILE D 398 -4.10 -20.73 -24.86
C ILE D 398 -5.61 -20.96 -25.09
N LEU D 399 -5.98 -21.49 -26.24
CA LEU D 399 -7.41 -21.57 -26.69
C LEU D 399 -8.09 -22.76 -26.03
N GLY D 400 -7.32 -23.76 -25.60
CA GLY D 400 -7.89 -25.11 -25.38
C GLY D 400 -8.59 -25.63 -26.62
N TYR D 401 -7.93 -25.55 -27.76
CA TYR D 401 -8.52 -25.88 -29.07
C TYR D 401 -8.53 -27.40 -29.28
N ASP D 402 -9.67 -27.89 -29.71
CA ASP D 402 -9.92 -29.30 -30.13
C ASP D 402 -10.10 -29.32 -31.65
N ALA D 403 -9.08 -29.78 -32.37
CA ALA D 403 -9.01 -29.74 -33.86
C ALA D 403 -10.17 -30.55 -34.45
N ALA D 404 -10.58 -31.60 -33.76
CA ALA D 404 -11.66 -32.53 -34.18
C ALA D 404 -13.00 -31.78 -34.24
N THR D 405 -13.34 -31.00 -33.20
CA THR D 405 -14.66 -30.29 -33.09
C THR D 405 -14.54 -28.82 -33.51
N MET D 406 -13.32 -28.30 -33.69
CA MET D 406 -13.02 -26.87 -33.93
C MET D 406 -13.63 -26.03 -32.81
N LYS D 407 -13.70 -26.58 -31.61
CA LYS D 407 -14.26 -25.91 -30.42
C LYS D 407 -13.14 -25.57 -29.43
N CYS D 408 -13.28 -24.42 -28.79
CA CYS D 408 -12.31 -23.96 -27.77
C CYS D 408 -12.87 -24.24 -26.40
N LYS D 409 -12.01 -24.37 -25.42
CA LYS D 409 -12.43 -24.76 -24.07
C LYS D 409 -13.56 -23.86 -23.57
N TYR D 410 -13.39 -22.55 -23.66
CA TYR D 410 -14.43 -21.55 -23.29
C TYR D 410 -14.93 -20.94 -24.60
N GLU D 411 -16.18 -21.25 -24.97
CA GLU D 411 -16.74 -20.84 -26.27
C GLU D 411 -18.24 -20.64 -26.09
N VAL D 412 -18.73 -19.53 -26.63
CA VAL D 412 -20.17 -19.19 -26.67
C VAL D 412 -20.52 -18.81 -28.10
N ASP D 413 -21.77 -19.04 -28.49
CA ASP D 413 -22.21 -18.86 -29.89
C ASP D 413 -23.22 -17.72 -29.88
N ILE D 414 -22.99 -16.70 -30.70
CA ILE D 414 -23.92 -15.54 -30.77
C ILE D 414 -25.32 -16.00 -31.15
N ARG D 415 -25.45 -17.15 -31.80
CA ARG D 415 -26.76 -17.61 -32.31
C ARG D 415 -27.55 -18.32 -31.20
N GLU D 416 -27.02 -18.43 -29.98
CA GLU D 416 -27.64 -19.25 -28.92
C GLU D 416 -28.19 -18.39 -27.78
N GLY D 417 -28.39 -17.09 -28.00
CA GLY D 417 -29.19 -16.27 -27.07
C GLY D 417 -28.35 -15.47 -26.09
N THR D 418 -28.92 -14.37 -25.60
CA THR D 418 -28.27 -13.44 -24.62
C THR D 418 -27.95 -14.18 -23.33
N PRO D 419 -28.82 -15.04 -22.75
CA PRO D 419 -28.48 -15.65 -21.45
C PRO D 419 -27.17 -16.47 -21.42
N ALA D 420 -26.88 -17.22 -22.47
CA ALA D 420 -25.62 -17.99 -22.58
C ALA D 420 -24.44 -17.00 -22.65
N LEU D 421 -24.62 -15.90 -23.38
CA LEU D 421 -23.54 -14.89 -23.53
C LEU D 421 -23.26 -14.26 -22.18
N LEU D 422 -24.27 -13.84 -21.42
CA LEU D 422 -24.07 -13.21 -20.10
C LEU D 422 -23.31 -14.16 -19.15
N LYS D 423 -23.70 -15.41 -19.13
CA LYS D 423 -22.98 -16.44 -18.33
C LYS D 423 -21.51 -16.52 -18.78
N ALA D 424 -21.27 -16.57 -20.10
CA ALA D 424 -19.90 -16.66 -20.65
C ALA D 424 -19.08 -15.43 -20.22
N LEU D 425 -19.66 -14.24 -20.23
CA LEU D 425 -18.95 -13.01 -19.79
C LEU D 425 -18.60 -13.09 -18.30
N GLU D 426 -19.44 -13.64 -17.46
CA GLU D 426 -19.10 -13.80 -16.03
C GLU D 426 -17.95 -14.81 -15.93
N GLU D 427 -17.98 -15.85 -16.77
CA GLU D 427 -16.97 -16.95 -16.71
C GLU D 427 -15.64 -16.52 -17.33
N VAL D 428 -15.52 -15.32 -17.93
CA VAL D 428 -14.18 -14.77 -18.28
C VAL D 428 -13.31 -14.71 -17.02
N GLU D 429 -13.93 -14.60 -15.84
CA GLU D 429 -13.22 -14.45 -14.56
C GLU D 429 -12.90 -15.83 -13.95
N ASN D 430 -13.34 -16.93 -14.56
CA ASN D 430 -12.97 -18.28 -14.07
C ASN D 430 -11.44 -18.41 -14.10
N VAL D 431 -10.87 -19.11 -13.13
CA VAL D 431 -9.40 -19.27 -12.97
CA VAL D 431 -9.40 -19.19 -13.00
C VAL D 431 -8.77 -19.84 -14.25
N ASP D 432 -9.47 -20.75 -14.95
CA ASP D 432 -8.95 -21.50 -16.11
C ASP D 432 -9.50 -20.96 -17.42
N CYS D 433 -10.14 -19.80 -17.41
CA CYS D 433 -10.55 -19.15 -18.68
C CYS D 433 -9.42 -18.23 -19.13
N VAL D 434 -8.69 -18.68 -20.15
CA VAL D 434 -7.58 -17.87 -20.68
C VAL D 434 -8.17 -17.01 -21.81
N LYS D 435 -8.92 -17.60 -22.72
CA LYS D 435 -9.42 -16.87 -23.92
C LYS D 435 -10.82 -17.43 -24.24
N LEU D 436 -11.86 -16.65 -23.96
CA LEU D 436 -13.24 -17.03 -24.36
C LEU D 436 -13.39 -16.72 -25.86
N VAL D 437 -13.94 -17.64 -26.65
CA VAL D 437 -14.19 -17.44 -28.10
C VAL D 437 -15.70 -17.20 -28.26
N ILE D 438 -16.07 -16.21 -29.06
CA ILE D 438 -17.47 -16.00 -29.49
C ILE D 438 -17.60 -16.51 -30.92
N LYS D 439 -18.25 -17.65 -31.13
CA LYS D 439 -18.49 -18.14 -32.50
C LYS D 439 -19.60 -17.30 -33.12
N LEU D 440 -19.40 -16.86 -34.33
CA LEU D 440 -20.36 -15.95 -35.01
C LEU D 440 -21.05 -16.60 -36.20
N ASN D 441 -20.36 -17.52 -36.86
CA ASN D 441 -20.90 -18.14 -38.09
C ASN D 441 -20.38 -19.57 -38.15
N ASP D 442 -21.00 -20.40 -38.99
CA ASP D 442 -20.37 -21.69 -39.39
C ASP D 442 -18.97 -21.44 -39.97
N TYR D 443 -18.01 -22.30 -39.64
CA TYR D 443 -16.61 -22.21 -40.12
C TYR D 443 -16.45 -22.72 -41.56
#